data_1U1D
#
_entry.id   1U1D
#
_cell.length_a   91.150
_cell.length_b   125.746
_cell.length_c   140.880
_cell.angle_alpha   90.00
_cell.angle_beta   90.00
_cell.angle_gamma   90.00
#
_symmetry.space_group_name_H-M   'P 21 21 21'
#
loop_
_entity.id
_entity.type
_entity.pdbx_description
1 polymer 'Uridine phosphorylase'
2 non-polymer 'PHOSPHATE ION'
3 non-polymer 'POTASSIUM ION'
4 non-polymer 1-((2-HYDROXYETHOXY)METHYL)-5-(PHENYLTHIO)PYRIMIDINE-2,4(1H,3H)-DIONE
5 water water
#
_entity_poly.entity_id   1
_entity_poly.type   'polypeptide(L)'
_entity_poly.pdbx_seq_one_letter_code
;GSHMSKSDVFHLGLTKNDLQGATLAIVPGDPDRVEKIAALMDKPVKLASHREFTTWRAELDGKPVIVCSTGIGGPSTSIA
VEELAQLGIRTFLRIGTTGAIQPHINVGDVLVTTASVRLDGASLHFAPLEFPAVADFECTTALVEAAKSIGATTHVGVTA
SSDTFYPGQERYDTYSGRVVRHFKGSMEEWQAMGVMNYEMESATLLTMCASQGLRAGMVAGVIVNRTQQEIPNAETMKQT
ESHAVKIVVEAARRLL
;
_entity_poly.pdbx_strand_id   A,B,C,D,E,F
#
loop_
_chem_comp.id
_chem_comp.type
_chem_comp.name
_chem_comp.formula
181 non-polymer 1-((2-HYDROXYETHOXY)METHYL)-5-(PHENYLTHIO)PYRIMIDINE-2,4(1H,3H)-DIONE 'C13 H14 N2 O4 S'
K non-polymer 'POTASSIUM ION' 'K 1'
PO4 non-polymer 'PHOSPHATE ION' 'O4 P -3'
#
# COMPACT_ATOMS: atom_id res chain seq x y z
N MET A 4 -49.39 -7.99 6.96
CA MET A 4 -49.00 -9.44 6.96
C MET A 4 -47.49 -9.61 6.83
N SER A 5 -46.90 -8.96 5.82
CA SER A 5 -45.47 -8.96 5.59
C SER A 5 -44.89 -7.60 5.99
N LYS A 6 -43.72 -7.61 6.62
CA LYS A 6 -43.12 -6.37 7.13
C LYS A 6 -41.88 -5.94 6.35
N SER A 7 -40.93 -6.85 6.17
CA SER A 7 -39.68 -6.52 5.50
C SER A 7 -39.05 -7.68 4.72
N ASP A 8 -38.52 -7.36 3.54
CA ASP A 8 -37.75 -8.31 2.75
C ASP A 8 -36.25 -8.08 2.94
N VAL A 9 -35.91 -7.00 3.65
CA VAL A 9 -34.51 -6.60 3.85
C VAL A 9 -34.18 -6.43 5.34
N PHE A 10 -32.88 -6.38 5.64
CA PHE A 10 -32.40 -6.37 7.03
C PHE A 10 -32.61 -5.05 7.77
N HIS A 11 -32.52 -3.93 7.07
CA HIS A 11 -32.49 -2.61 7.71
C HIS A 11 -33.62 -1.66 7.31
N LEU A 12 -33.91 -1.60 6.01
CA LEU A 12 -34.81 -0.59 5.46
C LEU A 12 -36.28 -0.76 5.88
N GLY A 13 -36.66 -1.97 6.25
CA GLY A 13 -38.03 -2.25 6.66
C GLY A 13 -39.02 -2.09 5.51
N LEU A 14 -38.65 -2.63 4.35
CA LEU A 14 -39.46 -2.52 3.15
C LEU A 14 -39.64 -3.87 2.47
N THR A 15 -40.79 -4.05 1.82
CA THR A 15 -41.03 -5.21 0.97
C THR A 15 -40.93 -4.77 -0.49
N LYS A 16 -40.79 -5.74 -1.39
CA LYS A 16 -40.76 -5.45 -2.83
C LYS A 16 -42.06 -4.78 -3.29
N ASN A 17 -43.16 -5.15 -2.64
CA ASN A 17 -44.48 -4.59 -2.93
C ASN A 17 -44.62 -3.10 -2.56
N ASP A 18 -43.91 -2.69 -1.51
CA ASP A 18 -43.87 -1.27 -1.11
C ASP A 18 -43.40 -0.36 -2.24
N LEU A 19 -42.54 -0.90 -3.10
CA LEU A 19 -41.93 -0.15 -4.19
C LEU A 19 -42.88 0.04 -5.38
N GLN A 20 -43.86 -0.86 -5.51
CA GLN A 20 -44.86 -0.82 -6.58
C GLN A 20 -44.26 -0.79 -7.99
N GLY A 21 -43.14 -1.50 -8.17
CA GLY A 21 -42.49 -1.63 -9.46
C GLY A 21 -41.45 -0.58 -9.77
N ALA A 22 -41.10 0.23 -8.77
CA ALA A 22 -40.09 1.29 -8.93
C ALA A 22 -38.70 0.71 -9.14
N THR A 23 -37.96 1.29 -10.09
CA THR A 23 -36.58 0.88 -10.37
C THR A 23 -35.60 2.02 -10.11
N LEU A 24 -36.12 3.21 -9.83
CA LEU A 24 -35.29 4.38 -9.55
C LEU A 24 -35.47 4.88 -8.12
N ALA A 25 -34.35 5.24 -7.48
CA ALA A 25 -34.37 5.84 -6.16
C ALA A 25 -33.52 7.10 -6.08
N ILE A 26 -34.10 8.15 -5.51
CA ILE A 26 -33.34 9.34 -5.15
C ILE A 26 -32.84 9.13 -3.72
N VAL A 27 -31.52 9.24 -3.54
CA VAL A 27 -30.89 8.89 -2.27
C VAL A 27 -30.14 10.08 -1.62
N PRO A 28 -30.85 10.88 -0.82
CA PRO A 28 -30.20 11.94 -0.06
C PRO A 28 -29.46 11.38 1.15
N GLY A 29 -28.52 12.16 1.68
CA GLY A 29 -27.82 11.78 2.90
C GLY A 29 -28.69 11.97 4.13
N ASP A 30 -29.49 13.03 4.13
CA ASP A 30 -30.29 13.45 5.28
C ASP A 30 -31.71 12.85 5.24
N PRO A 31 -32.06 12.06 6.26
CA PRO A 31 -33.43 11.55 6.42
C PRO A 31 -34.50 12.66 6.49
N ASP A 32 -34.12 13.84 6.97
CA ASP A 32 -35.02 14.99 7.05
C ASP A 32 -35.34 15.60 5.68
N ARG A 33 -34.51 15.28 4.69
CA ARG A 33 -34.66 15.79 3.33
C ARG A 33 -35.60 14.93 2.49
N VAL A 34 -35.84 13.69 2.94
CA VAL A 34 -36.63 12.70 2.20
C VAL A 34 -38.05 13.19 1.88
N GLU A 35 -38.74 13.73 2.88
CA GLU A 35 -40.09 14.27 2.69
C GLU A 35 -40.09 15.46 1.71
N LYS A 36 -39.09 16.32 1.84
CA LYS A 36 -38.94 17.50 0.99
C LYS A 36 -38.84 17.14 -0.49
N ILE A 37 -38.06 16.11 -0.81
CA ILE A 37 -37.90 15.61 -2.17
C ILE A 37 -39.19 14.95 -2.67
N ALA A 38 -39.77 14.11 -1.82
CA ALA A 38 -41.01 13.40 -2.14
C ALA A 38 -42.18 14.36 -2.38
N ALA A 39 -42.21 15.47 -1.64
CA ALA A 39 -43.27 16.47 -1.74
C ALA A 39 -43.29 17.20 -3.09
N LEU A 40 -42.16 17.17 -3.78
CA LEU A 40 -42.04 17.77 -5.11
C LEU A 40 -42.68 16.90 -6.19
N MET A 41 -42.88 15.62 -5.88
CA MET A 41 -43.56 14.69 -6.79
C MET A 41 -45.01 14.48 -6.37
N ASP A 42 -45.77 13.76 -7.19
CA ASP A 42 -47.20 13.51 -6.92
C ASP A 42 -47.42 12.41 -5.89
N LYS A 43 -48.47 12.56 -5.09
CA LYS A 43 -48.92 11.56 -4.11
C LYS A 43 -47.81 10.89 -3.28
N PRO A 44 -47.07 11.67 -2.48
CA PRO A 44 -46.01 11.10 -1.64
C PRO A 44 -46.57 10.42 -0.39
N VAL A 45 -45.96 9.30 -0.01
CA VAL A 45 -46.36 8.56 1.19
C VAL A 45 -45.14 8.00 1.91
N LYS A 46 -45.14 8.12 3.24
CA LYS A 46 -44.08 7.55 4.07
C LYS A 46 -44.23 6.04 4.16
N LEU A 47 -43.19 5.33 3.75
CA LEU A 47 -43.19 3.87 3.76
C LEU A 47 -42.59 3.31 5.04
N ALA A 48 -41.40 3.80 5.40
CA ALA A 48 -40.65 3.29 6.54
C ALA A 48 -39.66 4.30 7.11
N SER A 49 -39.36 4.15 8.39
CA SER A 49 -38.28 4.88 9.03
C SER A 49 -37.61 4.00 10.09
N HIS A 50 -36.38 3.58 9.80
CA HIS A 50 -35.59 2.76 10.70
C HIS A 50 -34.14 3.24 10.68
N ARG A 51 -33.60 3.51 11.87
CA ARG A 51 -32.27 4.09 12.02
C ARG A 51 -32.17 5.39 11.22
N GLU A 52 -31.12 5.55 10.43
CA GLU A 52 -30.94 6.71 9.56
C GLU A 52 -31.59 6.56 8.20
N PHE A 53 -32.29 5.44 8.01
CA PHE A 53 -32.94 5.13 6.73
C PHE A 53 -34.42 5.47 6.76
N THR A 54 -34.77 6.62 6.18
CA THR A 54 -36.15 7.05 6.04
C THR A 54 -36.55 6.94 4.57
N THR A 55 -37.64 6.22 4.32
CA THR A 55 -38.08 5.95 2.96
C THR A 55 -39.48 6.48 2.65
N TRP A 56 -39.59 7.19 1.53
CA TRP A 56 -40.86 7.66 1.00
C TRP A 56 -41.01 7.16 -0.44
N ARG A 57 -42.26 6.94 -0.85
CA ARG A 57 -42.57 6.65 -2.24
C ARG A 57 -43.47 7.75 -2.79
N ALA A 58 -43.22 8.14 -4.03
CA ALA A 58 -44.01 9.17 -4.70
C ALA A 58 -44.20 8.85 -6.18
N GLU A 59 -45.04 9.64 -6.84
CA GLU A 59 -45.34 9.43 -8.25
C GLU A 59 -44.76 10.54 -9.12
N LEU A 60 -44.01 10.14 -10.14
CA LEU A 60 -43.42 11.07 -11.10
C LEU A 60 -43.86 10.67 -12.51
N ASP A 61 -44.61 11.56 -13.16
CA ASP A 61 -45.19 11.31 -14.48
C ASP A 61 -45.96 9.98 -14.56
N GLY A 62 -46.63 9.63 -13.48
CA GLY A 62 -47.40 8.39 -13.40
C GLY A 62 -46.56 7.16 -13.09
N LYS A 63 -45.29 7.36 -12.77
CA LYS A 63 -44.36 6.28 -12.47
C LYS A 63 -43.84 6.39 -11.04
N PRO A 64 -43.90 5.28 -10.29
CA PRO A 64 -43.44 5.27 -8.88
C PRO A 64 -41.94 5.50 -8.74
N VAL A 65 -41.57 6.36 -7.80
CA VAL A 65 -40.17 6.68 -7.51
C VAL A 65 -39.93 6.60 -6.00
N ILE A 66 -38.79 6.02 -5.62
CA ILE A 66 -38.42 5.87 -4.22
C ILE A 66 -37.46 6.97 -3.79
N VAL A 67 -37.71 7.54 -2.61
CA VAL A 67 -36.75 8.41 -1.96
C VAL A 67 -36.33 7.76 -0.64
N CYS A 68 -35.03 7.53 -0.48
CA CYS A 68 -34.51 6.82 0.67
C CYS A 68 -33.19 7.42 1.13
N SER A 69 -33.11 7.75 2.42
CA SER A 69 -31.90 8.33 2.99
C SER A 69 -30.82 7.28 3.24
N THR A 70 -29.57 7.68 3.00
CA THR A 70 -28.42 6.82 3.18
C THR A 70 -27.77 7.03 4.54
N GLY A 71 -28.01 8.19 5.12
CA GLY A 71 -27.23 8.67 6.25
C GLY A 71 -25.90 9.22 5.74
N ILE A 72 -25.11 9.80 6.65
CA ILE A 72 -23.78 10.30 6.30
C ILE A 72 -22.79 9.13 6.20
N GLY A 73 -22.05 9.09 5.09
CA GLY A 73 -20.93 8.18 4.95
C GLY A 73 -21.18 6.92 4.16
N GLY A 74 -20.09 6.33 3.67
CA GLY A 74 -20.12 5.12 2.87
C GLY A 74 -20.77 3.89 3.49
N PRO A 75 -20.44 3.56 4.74
CA PRO A 75 -21.01 2.39 5.43
C PRO A 75 -22.54 2.28 5.39
N SER A 76 -23.26 3.32 5.79
CA SER A 76 -24.72 3.27 5.78
C SER A 76 -25.27 3.40 4.37
N THR A 77 -24.54 4.13 3.53
CA THR A 77 -24.85 4.21 2.10
C THR A 77 -24.80 2.82 1.48
N SER A 78 -23.74 2.06 1.78
CA SER A 78 -23.55 0.72 1.25
C SER A 78 -24.71 -0.22 1.64
N ILE A 79 -25.24 -0.03 2.85
CA ILE A 79 -26.39 -0.79 3.33
C ILE A 79 -27.65 -0.41 2.55
N ALA A 80 -27.93 0.89 2.46
CA ALA A 80 -29.12 1.40 1.79
C ALA A 80 -29.19 1.01 0.31
N VAL A 81 -28.09 1.25 -0.41
CA VAL A 81 -28.02 0.95 -1.84
C VAL A 81 -28.19 -0.54 -2.12
N GLU A 82 -27.49 -1.38 -1.36
CA GLU A 82 -27.56 -2.83 -1.49
C GLU A 82 -28.98 -3.36 -1.28
N GLU A 83 -29.63 -2.90 -0.22
CA GLU A 83 -30.96 -3.38 0.12
C GLU A 83 -32.03 -2.88 -0.85
N LEU A 84 -31.87 -1.65 -1.33
CA LEU A 84 -32.70 -1.12 -2.41
C LEU A 84 -32.54 -1.92 -3.70
N ALA A 85 -31.30 -2.32 -4.00
CA ALA A 85 -31.00 -3.13 -5.17
C ALA A 85 -31.66 -4.51 -5.07
N GLN A 86 -31.65 -5.07 -3.87
CA GLN A 86 -32.33 -6.33 -3.58
C GLN A 86 -33.84 -6.20 -3.81
N LEU A 87 -34.37 -5.01 -3.52
CA LEU A 87 -35.80 -4.71 -3.68
C LEU A 87 -36.18 -4.33 -5.11
N GLY A 88 -35.18 -4.14 -5.97
CA GLY A 88 -35.43 -3.93 -7.38
C GLY A 88 -34.93 -2.62 -7.98
N ILE A 89 -34.36 -1.74 -7.16
CA ILE A 89 -33.83 -0.47 -7.65
C ILE A 89 -32.58 -0.70 -8.50
N ARG A 90 -32.54 -0.09 -9.68
CA ARG A 90 -31.42 -0.24 -10.60
C ARG A 90 -30.74 1.09 -10.92
N THR A 91 -31.46 2.19 -10.70
CA THR A 91 -30.92 3.53 -10.89
C THR A 91 -30.94 4.32 -9.59
N PHE A 92 -29.79 4.87 -9.21
CA PHE A 92 -29.64 5.63 -7.98
C PHE A 92 -29.17 7.05 -8.27
N LEU A 93 -29.90 8.03 -7.77
CA LEU A 93 -29.51 9.42 -7.93
C LEU A 93 -29.29 10.06 -6.57
N ARG A 94 -28.05 10.41 -6.27
CA ARG A 94 -27.73 11.07 -5.01
C ARG A 94 -27.84 12.59 -5.13
N ILE A 95 -28.58 13.17 -4.20
CA ILE A 95 -28.60 14.62 -4.02
C ILE A 95 -28.03 14.93 -2.64
N GLY A 96 -26.99 15.77 -2.61
CA GLY A 96 -26.31 16.08 -1.38
C GLY A 96 -25.98 17.54 -1.17
N THR A 97 -25.31 17.81 -0.05
CA THR A 97 -24.74 19.13 0.23
C THR A 97 -23.24 19.02 0.05
N THR A 98 -22.58 20.15 -0.16
CA THR A 98 -21.13 20.12 -0.40
C THR A 98 -20.41 21.42 -0.04
N GLY A 99 -19.12 21.29 0.25
CA GLY A 99 -18.25 22.43 0.43
C GLY A 99 -17.30 22.52 -0.75
N ALA A 100 -17.39 23.61 -1.50
CA ALA A 100 -16.54 23.82 -2.67
C ALA A 100 -15.14 24.25 -2.26
N ILE A 101 -14.14 23.83 -3.04
CA ILE A 101 -12.74 24.17 -2.75
C ILE A 101 -12.09 24.98 -3.87
N GLN A 102 -12.84 25.27 -4.92
CA GLN A 102 -12.36 26.12 -6.01
C GLN A 102 -12.90 27.53 -5.86
N PRO A 103 -12.04 28.54 -6.08
CA PRO A 103 -12.44 29.95 -5.92
C PRO A 103 -13.54 30.41 -6.86
N HIS A 104 -13.64 29.81 -8.05
CA HIS A 104 -14.61 30.23 -9.06
C HIS A 104 -16.02 29.67 -8.83
N ILE A 105 -16.15 28.69 -7.95
CA ILE A 105 -17.45 28.12 -7.59
C ILE A 105 -18.03 28.88 -6.40
N ASN A 106 -19.25 29.39 -6.58
CA ASN A 106 -19.91 30.19 -5.55
C ASN A 106 -20.93 29.39 -4.74
N VAL A 107 -21.30 29.92 -3.57
CA VAL A 107 -22.37 29.35 -2.77
C VAL A 107 -23.68 29.46 -3.54
N GLY A 108 -24.43 28.36 -3.60
CA GLY A 108 -25.66 28.30 -4.36
C GLY A 108 -25.51 27.60 -5.69
N ASP A 109 -24.26 27.39 -6.11
CA ASP A 109 -23.96 26.68 -7.35
C ASP A 109 -24.30 25.20 -7.23
N VAL A 110 -24.51 24.56 -8.38
CA VAL A 110 -24.85 23.15 -8.43
C VAL A 110 -23.70 22.37 -9.07
N LEU A 111 -23.28 21.29 -8.43
CA LEU A 111 -22.17 20.49 -8.92
C LEU A 111 -22.60 19.08 -9.31
N VAL A 112 -22.30 18.70 -10.55
CA VAL A 112 -22.54 17.35 -11.03
C VAL A 112 -21.20 16.61 -11.07
N THR A 113 -21.16 15.46 -10.40
CA THR A 113 -19.93 14.68 -10.27
C THR A 113 -19.80 13.63 -11.37
N THR A 114 -18.71 13.73 -12.14
CA THR A 114 -18.39 12.72 -13.16
C THR A 114 -17.76 11.50 -12.49
N ALA A 115 -16.89 11.77 -11.52
CA ALA A 115 -16.18 10.71 -10.78
C ALA A 115 -15.60 11.29 -9.50
N SER A 116 -15.29 10.41 -8.55
CA SER A 116 -14.86 10.84 -7.22
C SER A 116 -13.47 10.35 -6.82
N VAL A 117 -12.74 11.21 -6.12
CA VAL A 117 -11.53 10.81 -5.42
C VAL A 117 -11.95 9.97 -4.21
N ARG A 118 -11.40 8.77 -4.14
CA ARG A 118 -11.83 7.78 -3.14
C ARG A 118 -11.07 7.94 -1.82
N LEU A 119 -11.57 8.84 -0.97
CA LEU A 119 -10.99 9.04 0.36
C LEU A 119 -11.85 8.34 1.40
N ASP A 120 -12.42 7.20 1.00
CA ASP A 120 -13.33 6.42 1.82
C ASP A 120 -12.82 5.00 2.00
N GLY A 121 -13.48 4.24 2.85
CA GLY A 121 -13.13 2.84 3.07
C GLY A 121 -14.08 1.86 2.39
N ALA A 122 -15.36 2.21 2.35
CA ALA A 122 -16.39 1.29 1.85
C ALA A 122 -16.26 0.94 0.36
N SER A 123 -15.77 1.89 -0.44
CA SER A 123 -15.57 1.64 -1.88
C SER A 123 -14.61 0.46 -2.12
N LEU A 124 -13.60 0.34 -1.26
CA LEU A 124 -12.63 -0.75 -1.32
C LEU A 124 -13.23 -2.13 -1.08
N HIS A 125 -14.41 -2.16 -0.44
CA HIS A 125 -15.10 -3.42 -0.17
C HIS A 125 -15.86 -3.93 -1.41
N PHE A 126 -15.84 -3.15 -2.48
CA PHE A 126 -16.52 -3.51 -3.73
C PHE A 126 -15.54 -3.61 -4.90
N ALA A 127 -14.51 -2.78 -4.89
CA ALA A 127 -13.51 -2.75 -5.95
C ALA A 127 -12.19 -2.18 -5.41
N PRO A 128 -11.06 -2.69 -5.90
CA PRO A 128 -9.75 -2.17 -5.48
C PRO A 128 -9.59 -0.71 -5.88
N LEU A 129 -8.67 0.00 -5.22
CA LEU A 129 -8.53 1.45 -5.36
C LEU A 129 -8.35 1.94 -6.80
N GLU A 130 -7.69 1.12 -7.62
CA GLU A 130 -7.44 1.45 -9.03
C GLU A 130 -8.71 1.59 -9.89
N PHE A 131 -9.80 0.97 -9.43
CA PHE A 131 -11.12 1.10 -10.08
C PHE A 131 -11.67 2.51 -9.87
N PRO A 132 -12.12 3.14 -10.95
CA PRO A 132 -12.62 4.52 -10.87
C PRO A 132 -14.00 4.63 -10.24
N ALA A 133 -14.15 5.53 -9.27
CA ALA A 133 -15.45 5.84 -8.70
C ALA A 133 -16.22 6.73 -9.67
N VAL A 134 -16.61 6.15 -10.80
CA VAL A 134 -17.19 6.91 -11.91
C VAL A 134 -18.73 6.81 -11.94
N ALA A 135 -19.36 7.94 -12.22
CA ALA A 135 -20.81 8.01 -12.36
C ALA A 135 -21.25 7.45 -13.72
N ASP A 136 -22.47 6.95 -13.77
CA ASP A 136 -23.08 6.45 -15.00
C ASP A 136 -23.28 7.61 -15.97
N PHE A 137 -22.96 7.37 -17.24
CA PHE A 137 -23.00 8.42 -18.27
C PHE A 137 -24.40 8.98 -18.53
N GLU A 138 -25.41 8.09 -18.53
CA GLU A 138 -26.80 8.50 -18.73
C GLU A 138 -27.31 9.33 -17.57
N CYS A 139 -26.96 8.92 -16.36
CA CYS A 139 -27.34 9.64 -15.14
C CYS A 139 -26.70 11.02 -15.07
N THR A 140 -25.42 11.08 -15.41
CA THR A 140 -24.67 12.35 -15.45
C THR A 140 -25.25 13.29 -16.51
N THR A 141 -25.54 12.75 -17.69
CA THR A 141 -26.18 13.51 -18.77
C THR A 141 -27.52 14.09 -18.32
N ALA A 142 -28.35 13.26 -17.70
CA ALA A 142 -29.67 13.66 -17.23
C ALA A 142 -29.60 14.78 -16.19
N LEU A 143 -28.61 14.70 -15.30
CA LEU A 143 -28.41 15.71 -14.27
C LEU A 143 -27.95 17.05 -14.84
N VAL A 144 -27.02 16.99 -15.81
CA VAL A 144 -26.53 18.17 -16.50
C VAL A 144 -27.66 18.84 -17.31
N GLU A 145 -28.45 18.03 -17.99
CA GLU A 145 -29.60 18.52 -18.76
C GLU A 145 -30.68 19.11 -17.85
N ALA A 146 -30.91 18.47 -16.71
CA ALA A 146 -31.89 18.93 -15.73
C ALA A 146 -31.48 20.26 -15.10
N ALA A 147 -30.19 20.42 -14.85
CA ALA A 147 -29.63 21.66 -14.30
C ALA A 147 -29.80 22.83 -15.28
N LYS A 148 -29.63 22.53 -16.57
CA LYS A 148 -29.85 23.51 -17.64
C LYS A 148 -31.34 23.83 -17.74
N SER A 149 -32.15 22.79 -17.63
CA SER A 149 -33.59 22.87 -17.78
C SER A 149 -34.22 23.88 -16.81
N ILE A 150 -33.93 23.72 -15.52
CA ILE A 150 -34.51 24.60 -14.50
C ILE A 150 -33.69 25.88 -14.31
N GLY A 151 -32.49 25.91 -14.89
CA GLY A 151 -31.63 27.08 -14.82
C GLY A 151 -30.83 27.13 -13.54
N ALA A 152 -29.53 26.86 -13.64
CA ALA A 152 -28.62 26.89 -12.50
C ALA A 152 -27.19 27.16 -12.96
N THR A 153 -26.38 27.72 -12.06
CA THR A 153 -24.95 27.84 -12.30
C THR A 153 -24.32 26.49 -11.96
N THR A 154 -23.94 25.75 -13.00
CA THR A 154 -23.50 24.36 -12.86
C THR A 154 -22.03 24.17 -13.21
N HIS A 155 -21.36 23.35 -12.41
CA HIS A 155 -19.99 22.93 -12.69
C HIS A 155 -19.94 21.40 -12.72
N VAL A 156 -19.25 20.86 -13.72
CA VAL A 156 -19.15 19.42 -13.92
C VAL A 156 -17.70 18.99 -13.75
N GLY A 157 -17.46 17.98 -12.92
CA GLY A 157 -16.11 17.50 -12.68
C GLY A 157 -15.93 16.54 -11.52
N VAL A 158 -14.71 16.53 -10.98
CA VAL A 158 -14.29 15.56 -9.97
C VAL A 158 -14.60 16.05 -8.55
N THR A 159 -15.04 15.13 -7.70
CA THR A 159 -15.38 15.39 -6.31
C THR A 159 -14.50 14.56 -5.38
N ALA A 160 -14.01 15.17 -4.30
CA ALA A 160 -13.29 14.43 -3.27
C ALA A 160 -14.29 13.91 -2.24
N SER A 161 -14.39 12.59 -2.12
CA SER A 161 -15.36 11.96 -1.24
C SER A 161 -14.67 11.35 -0.02
N SER A 162 -14.88 11.98 1.13
CA SER A 162 -14.11 11.70 2.35
C SER A 162 -14.91 10.95 3.41
N ASP A 163 -14.23 10.05 4.12
CA ASP A 163 -14.84 9.31 5.24
C ASP A 163 -14.97 10.18 6.50
N THR A 164 -14.36 11.36 6.51
CA THR A 164 -14.55 12.30 7.61
C THR A 164 -14.96 13.68 7.13
N PHE A 165 -15.62 14.43 8.01
CA PHE A 165 -16.00 15.81 7.75
C PHE A 165 -14.83 16.74 8.07
N TYR A 166 -14.02 16.36 9.05
CA TYR A 166 -12.99 17.25 9.57
C TYR A 166 -11.57 17.01 9.00
N PRO A 167 -10.82 16.02 9.50
CA PRO A 167 -9.42 15.85 9.07
C PRO A 167 -9.26 15.49 7.59
N GLY A 168 -10.16 14.66 7.06
CA GLY A 168 -10.12 14.26 5.66
C GLY A 168 -10.45 15.38 4.70
N GLN A 169 -11.05 16.45 5.23
CA GLN A 169 -11.35 17.65 4.45
C GLN A 169 -10.44 18.79 4.92
N GLU A 170 -9.37 18.40 5.61
CA GLU A 170 -8.36 19.30 6.17
C GLU A 170 -8.94 20.49 6.95
N ARG A 171 -9.84 20.19 7.87
CA ARG A 171 -10.33 21.18 8.84
C ARG A 171 -9.45 21.14 10.08
N TYR A 172 -8.99 22.30 10.51
CA TYR A 172 -8.13 22.41 11.68
C TYR A 172 -8.87 22.98 12.89
N ASP A 173 -10.09 23.47 12.64
CA ASP A 173 -10.96 24.03 13.68
C ASP A 173 -11.60 22.90 14.50
N THR A 174 -10.77 22.11 15.16
CA THR A 174 -11.21 20.90 15.84
C THR A 174 -10.71 20.81 17.27
N TYR A 175 -11.10 19.74 17.97
CA TYR A 175 -10.66 19.48 19.34
C TYR A 175 -9.14 19.34 19.42
N SER A 176 -8.57 18.52 18.53
CA SER A 176 -7.13 18.28 18.52
C SER A 176 -6.35 19.39 17.82
N GLY A 177 -6.96 19.98 16.79
CA GLY A 177 -6.32 21.01 16.00
C GLY A 177 -5.22 20.48 15.09
N ARG A 178 -5.19 19.16 14.92
CA ARG A 178 -4.18 18.50 14.09
C ARG A 178 -4.81 17.68 12.97
N VAL A 179 -4.07 17.52 11.88
CA VAL A 179 -4.47 16.66 10.78
C VAL A 179 -3.34 15.66 10.53
N VAL A 180 -3.70 14.38 10.43
CA VAL A 180 -2.75 13.30 10.17
C VAL A 180 -1.91 13.58 8.91
N ARG A 181 -0.65 13.15 8.94
CA ARG A 181 0.31 13.41 7.86
C ARG A 181 -0.27 13.20 6.46
N HIS A 182 -0.98 12.09 6.27
CA HIS A 182 -1.55 11.72 4.97
C HIS A 182 -2.46 12.81 4.37
N PHE A 183 -3.18 13.52 5.23
CA PHE A 183 -4.12 14.55 4.78
C PHE A 183 -3.60 15.98 4.95
N LYS A 184 -2.40 16.13 5.50
CA LYS A 184 -1.77 17.43 5.62
C LYS A 184 -1.39 17.96 4.24
N GLY A 185 -1.91 19.14 3.89
CA GLY A 185 -1.72 19.75 2.59
C GLY A 185 -2.52 19.10 1.47
N SER A 186 -3.48 18.25 1.82
CA SER A 186 -4.27 17.50 0.84
C SER A 186 -5.25 18.37 0.06
N MET A 187 -5.88 19.35 0.75
CA MET A 187 -6.84 20.23 0.09
C MET A 187 -6.19 21.01 -1.05
N GLU A 188 -5.01 21.57 -0.78
CA GLU A 188 -4.23 22.31 -1.78
C GLU A 188 -3.90 21.43 -2.99
N GLU A 189 -3.60 20.16 -2.72
CA GLU A 189 -3.32 19.18 -3.77
C GLU A 189 -4.54 18.91 -4.63
N TRP A 190 -5.69 18.67 -4.00
CA TRP A 190 -6.95 18.46 -4.72
C TRP A 190 -7.33 19.70 -5.54
N GLN A 191 -7.13 20.88 -4.94
CA GLN A 191 -7.39 22.16 -5.61
C GLN A 191 -6.59 22.30 -6.90
N ALA A 192 -5.29 21.99 -6.82
CA ALA A 192 -4.40 22.05 -7.98
C ALA A 192 -4.79 21.04 -9.06
N MET A 193 -5.41 19.94 -8.63
CA MET A 193 -5.84 18.88 -9.54
C MET A 193 -7.24 19.15 -10.14
N GLY A 194 -7.84 20.28 -9.80
CA GLY A 194 -9.12 20.69 -10.35
C GLY A 194 -10.33 20.07 -9.69
N VAL A 195 -10.14 19.43 -8.53
CA VAL A 195 -11.24 18.86 -7.75
C VAL A 195 -12.14 20.00 -7.26
N MET A 196 -13.44 19.84 -7.48
CA MET A 196 -14.41 20.90 -7.23
C MET A 196 -14.75 21.07 -5.76
N ASN A 197 -14.90 19.96 -5.05
CA ASN A 197 -15.60 19.96 -3.76
C ASN A 197 -15.37 18.73 -2.89
N TYR A 198 -15.83 18.84 -1.64
CA TYR A 198 -15.82 17.75 -0.67
C TYR A 198 -17.25 17.32 -0.35
N GLU A 199 -17.50 16.01 -0.36
CA GLU A 199 -18.67 15.43 0.29
C GLU A 199 -18.32 14.05 0.85
N MET A 200 -19.30 13.27 1.29
CA MET A 200 -18.99 12.09 2.10
C MET A 200 -19.57 10.73 1.66
N GLU A 201 -20.24 10.68 0.51
CA GLU A 201 -20.93 9.45 0.10
C GLU A 201 -20.67 8.98 -1.33
N SER A 202 -20.24 9.90 -2.21
CA SER A 202 -20.19 9.61 -3.65
C SER A 202 -19.21 8.51 -4.05
N ALA A 203 -18.03 8.48 -3.43
CA ALA A 203 -17.04 7.44 -3.74
C ALA A 203 -17.60 6.04 -3.51
N THR A 204 -18.26 5.85 -2.37
CA THR A 204 -18.89 4.56 -2.07
C THR A 204 -20.01 4.25 -3.05
N LEU A 205 -20.93 5.20 -3.22
CA LEU A 205 -22.08 5.02 -4.11
C LEU A 205 -21.66 4.71 -5.54
N LEU A 206 -20.79 5.55 -6.10
CA LEU A 206 -20.38 5.41 -7.49
C LEU A 206 -19.57 4.14 -7.75
N THR A 207 -18.67 3.79 -6.83
CA THR A 207 -17.87 2.56 -6.96
C THR A 207 -18.75 1.30 -6.89
N MET A 208 -19.59 1.23 -5.87
CA MET A 208 -20.43 0.05 -5.67
C MET A 208 -21.46 -0.15 -6.78
N CYS A 209 -21.91 0.93 -7.40
CA CYS A 209 -22.86 0.84 -8.50
C CYS A 209 -22.18 0.50 -9.82
N ALA A 210 -21.07 1.19 -10.11
CA ALA A 210 -20.31 0.98 -11.34
C ALA A 210 -19.70 -0.42 -11.44
N SER A 211 -19.42 -1.04 -10.29
CA SER A 211 -18.83 -2.38 -10.26
C SER A 211 -19.86 -3.51 -10.08
N GLN A 212 -21.15 -3.15 -10.08
CA GLN A 212 -22.21 -4.13 -9.88
C GLN A 212 -23.34 -3.99 -10.91
N GLY A 213 -23.08 -3.22 -11.97
CA GLY A 213 -24.04 -3.05 -13.05
C GLY A 213 -25.25 -2.19 -12.70
N LEU A 214 -25.08 -1.31 -11.73
CA LEU A 214 -26.13 -0.37 -11.34
C LEU A 214 -25.78 1.04 -11.81
N ARG A 215 -26.79 1.80 -12.22
CA ARG A 215 -26.58 3.16 -12.69
C ARG A 215 -26.64 4.16 -11.53
N ALA A 216 -25.64 5.04 -11.45
CA ALA A 216 -25.59 6.03 -10.38
C ALA A 216 -25.22 7.42 -10.89
N GLY A 217 -25.87 8.43 -10.32
CA GLY A 217 -25.59 9.83 -10.60
C GLY A 217 -25.44 10.61 -9.31
N MET A 218 -24.68 11.69 -9.37
CA MET A 218 -24.35 12.48 -8.18
C MET A 218 -24.47 13.97 -8.43
N VAL A 219 -25.30 14.63 -7.62
CA VAL A 219 -25.50 16.07 -7.69
C VAL A 219 -25.49 16.68 -6.29
N ALA A 220 -24.94 17.88 -6.16
CA ALA A 220 -24.85 18.56 -4.86
C ALA A 220 -24.96 20.08 -4.96
N GLY A 221 -25.56 20.68 -3.94
CA GLY A 221 -25.66 22.12 -3.84
C GLY A 221 -24.58 22.68 -2.94
N VAL A 222 -23.90 23.71 -3.41
CA VAL A 222 -22.82 24.35 -2.66
C VAL A 222 -23.39 25.27 -1.58
N ILE A 223 -23.14 24.94 -0.32
CA ILE A 223 -23.59 25.76 0.79
C ILE A 223 -22.44 26.49 1.48
N VAL A 224 -21.21 26.12 1.11
CA VAL A 224 -20.01 26.78 1.61
C VAL A 224 -18.85 26.66 0.61
N ASN A 225 -18.08 27.73 0.46
CA ASN A 225 -16.83 27.67 -0.27
C ASN A 225 -15.68 27.84 0.70
N ARG A 226 -14.80 26.83 0.74
CA ARG A 226 -13.73 26.77 1.73
C ARG A 226 -12.66 27.84 1.59
N THR A 227 -12.62 28.50 0.44
CA THR A 227 -11.66 29.59 0.19
C THR A 227 -12.19 30.97 0.59
N GLN A 228 -13.40 31.03 1.14
CA GLN A 228 -13.98 32.30 1.59
C GLN A 228 -14.62 32.28 2.98
N GLN A 229 -15.37 31.22 3.30
CA GLN A 229 -16.04 31.11 4.61
C GLN A 229 -16.20 29.66 5.10
N GLU A 230 -16.52 29.50 6.38
CA GLU A 230 -16.72 28.17 6.96
C GLU A 230 -18.15 27.95 7.45
N ILE A 231 -18.71 28.93 8.16
CA ILE A 231 -20.08 28.83 8.67
C ILE A 231 -21.07 29.27 7.59
N PRO A 232 -21.96 28.37 7.16
CA PRO A 232 -22.96 28.69 6.15
C PRO A 232 -24.16 29.43 6.73
N ASN A 233 -24.74 30.34 5.96
CA ASN A 233 -25.97 31.04 6.34
C ASN A 233 -27.17 30.09 6.26
N ALA A 234 -28.07 30.21 7.23
CA ALA A 234 -29.23 29.32 7.34
C ALA A 234 -30.23 29.47 6.19
N GLU A 235 -30.47 30.72 5.77
CA GLU A 235 -31.42 31.03 4.70
C GLU A 235 -30.93 30.58 3.32
N THR A 236 -29.67 30.87 3.01
CA THR A 236 -29.06 30.49 1.73
C THR A 236 -28.93 28.97 1.60
N MET A 237 -28.74 28.31 2.74
CA MET A 237 -28.66 26.84 2.82
C MET A 237 -29.96 26.19 2.32
N LYS A 238 -31.10 26.74 2.74
CA LYS A 238 -32.41 26.22 2.38
C LYS A 238 -32.72 26.44 0.90
N GLN A 239 -32.33 27.59 0.37
CA GLN A 239 -32.52 27.93 -1.03
C GLN A 239 -31.67 27.04 -1.94
N THR A 240 -30.42 26.81 -1.54
CA THR A 240 -29.51 25.95 -2.28
C THR A 240 -29.99 24.50 -2.28
N GLU A 241 -30.43 24.03 -1.11
CA GLU A 241 -30.98 22.68 -0.96
C GLU A 241 -32.22 22.49 -1.86
N SER A 242 -33.09 23.48 -1.87
CA SER A 242 -34.30 23.47 -2.71
C SER A 242 -33.96 23.46 -4.20
N HIS A 243 -32.92 24.23 -4.57
CA HIS A 243 -32.43 24.30 -5.94
C HIS A 243 -31.91 22.96 -6.44
N ALA A 244 -31.13 22.27 -5.59
CA ALA A 244 -30.56 20.97 -5.93
C ALA A 244 -31.62 19.86 -5.98
N VAL A 245 -32.61 19.97 -5.09
CA VAL A 245 -33.71 19.00 -5.03
C VAL A 245 -34.56 19.03 -6.30
N LYS A 246 -34.79 20.23 -6.84
CA LYS A 246 -35.54 20.39 -8.08
C LYS A 246 -34.84 19.75 -9.28
N ILE A 247 -33.50 19.84 -9.30
CA ILE A 247 -32.71 19.28 -10.38
C ILE A 247 -32.71 17.74 -10.36
N VAL A 248 -32.55 17.15 -9.18
CA VAL A 248 -32.51 15.69 -9.03
C VAL A 248 -33.84 15.01 -9.39
N VAL A 249 -34.95 15.72 -9.16
CA VAL A 249 -36.28 15.24 -9.53
C VAL A 249 -36.44 15.31 -11.06
N GLU A 250 -36.06 16.45 -11.63
CA GLU A 250 -36.09 16.66 -13.09
C GLU A 250 -35.20 15.68 -13.84
N ALA A 251 -34.07 15.31 -13.23
CA ALA A 251 -33.17 14.30 -13.80
C ALA A 251 -33.81 12.92 -13.75
N ALA A 252 -34.48 12.61 -12.64
CA ALA A 252 -35.19 11.35 -12.46
C ALA A 252 -36.28 11.19 -13.52
N ARG A 253 -36.91 12.31 -13.88
CA ARG A 253 -37.93 12.36 -14.94
C ARG A 253 -37.37 11.88 -16.28
N ARG A 254 -36.14 12.28 -16.57
CA ARG A 254 -35.47 11.92 -17.82
C ARG A 254 -34.97 10.48 -17.84
N LEU A 255 -34.92 9.84 -16.68
CA LEU A 255 -34.37 8.49 -16.53
C LEU A 255 -35.43 7.42 -16.30
N LEU A 256 -36.71 7.82 -16.30
CA LEU A 256 -37.80 6.89 -16.06
C LEU A 256 -38.08 6.03 -17.29
N LYS B 6 -28.39 28.28 20.02
CA LYS B 6 -29.06 27.10 19.40
C LYS B 6 -28.13 25.88 19.28
N SER B 7 -26.94 26.09 18.72
CA SER B 7 -25.96 25.01 18.56
C SER B 7 -24.53 25.52 18.47
N ASP B 8 -23.64 24.88 19.23
CA ASP B 8 -22.22 25.22 19.22
C ASP B 8 -21.43 24.37 18.23
N VAL B 9 -22.11 23.37 17.65
CA VAL B 9 -21.49 22.45 16.71
C VAL B 9 -22.23 22.40 15.37
N PHE B 10 -21.59 21.80 14.36
CA PHE B 10 -22.12 21.82 13.00
C PHE B 10 -23.28 20.88 12.73
N HIS B 11 -23.33 19.74 13.43
CA HIS B 11 -24.33 18.71 13.12
C HIS B 11 -25.26 18.32 14.28
N LEU B 12 -24.73 18.23 15.49
CA LEU B 12 -25.48 17.67 16.62
C LEU B 12 -26.66 18.51 17.11
N GLY B 13 -26.60 19.82 16.88
CA GLY B 13 -27.64 20.73 17.33
C GLY B 13 -27.64 20.89 18.84
N LEU B 14 -26.43 21.01 19.39
CA LEU B 14 -26.24 21.14 20.84
C LEU B 14 -25.31 22.29 21.19
N THR B 15 -25.61 22.96 22.29
CA THR B 15 -24.68 23.91 22.90
C THR B 15 -23.95 23.20 24.03
N LYS B 16 -22.80 23.73 24.42
CA LYS B 16 -22.04 23.20 25.57
C LYS B 16 -22.86 23.32 26.86
N ASN B 17 -23.71 24.35 26.91
CA ASN B 17 -24.62 24.58 28.03
C ASN B 17 -25.66 23.47 28.20
N ASP B 18 -26.07 22.88 27.09
CA ASP B 18 -27.02 21.75 27.08
C ASP B 18 -26.49 20.55 27.85
N LEU B 19 -25.16 20.40 27.86
CA LEU B 19 -24.50 19.24 28.46
C LEU B 19 -24.42 19.33 29.98
N GLN B 20 -24.48 20.55 30.50
CA GLN B 20 -24.45 20.82 31.95
C GLN B 20 -23.20 20.26 32.65
N GLY B 21 -22.07 20.33 31.94
CA GLY B 21 -20.79 19.91 32.49
C GLY B 21 -20.45 18.44 32.29
N ALA B 22 -21.27 17.72 31.52
CA ALA B 22 -21.06 16.30 31.26
C ALA B 22 -19.75 16.04 30.50
N THR B 23 -19.01 15.02 30.94
CA THR B 23 -17.74 14.66 30.32
C THR B 23 -17.74 13.25 29.74
N LEU B 24 -18.78 12.47 30.07
CA LEU B 24 -18.93 11.11 29.58
C LEU B 24 -20.15 10.97 28.68
N ALA B 25 -19.97 10.27 27.56
CA ALA B 25 -21.06 9.97 26.65
C ALA B 25 -21.14 8.49 26.30
N ILE B 26 -22.35 7.95 26.32
CA ILE B 26 -22.62 6.62 25.78
C ILE B 26 -23.05 6.82 24.34
N VAL B 27 -22.43 6.07 23.43
CA VAL B 27 -22.65 6.27 22.00
C VAL B 27 -23.14 5.02 21.26
N PRO B 28 -24.47 4.81 21.23
CA PRO B 28 -25.06 3.73 20.43
C PRO B 28 -25.08 4.09 18.94
N GLY B 29 -25.21 3.07 18.08
CA GLY B 29 -25.29 3.31 16.64
C GLY B 29 -26.68 3.74 16.22
N ASP B 30 -27.69 3.09 16.81
CA ASP B 30 -29.10 3.32 16.49
C ASP B 30 -29.66 4.50 17.29
N PRO B 31 -30.12 5.55 16.59
CA PRO B 31 -30.79 6.69 17.24
C PRO B 31 -32.00 6.32 18.10
N ASP B 32 -32.62 5.17 17.83
CA ASP B 32 -33.79 4.74 18.59
C ASP B 32 -33.41 4.03 19.91
N ARG B 33 -32.13 3.67 20.04
CA ARG B 33 -31.61 3.08 21.27
C ARG B 33 -31.26 4.14 22.32
N VAL B 34 -31.17 5.40 21.89
CA VAL B 34 -30.76 6.51 22.77
C VAL B 34 -31.71 6.68 23.95
N GLU B 35 -33.01 6.73 23.67
CA GLU B 35 -34.03 6.84 24.72
C GLU B 35 -34.00 5.67 25.69
N LYS B 36 -33.71 4.48 25.16
CA LYS B 36 -33.63 3.25 25.95
C LYS B 36 -32.52 3.31 27.00
N ILE B 37 -31.35 3.79 26.59
CA ILE B 37 -30.21 3.94 27.50
C ILE B 37 -30.46 5.04 28.53
N ALA B 38 -31.02 6.16 28.06
CA ALA B 38 -31.31 7.32 28.92
C ALA B 38 -32.37 7.03 29.99
N ALA B 39 -33.34 6.17 29.65
CA ALA B 39 -34.41 5.79 30.58
C ALA B 39 -33.91 4.96 31.77
N LEU B 40 -32.73 4.39 31.64
CA LEU B 40 -32.10 3.60 32.70
C LEU B 40 -31.49 4.50 33.78
N MET B 41 -31.30 5.77 33.46
CA MET B 41 -30.70 6.73 34.39
C MET B 41 -31.73 7.75 34.90
N ASP B 42 -31.28 8.65 35.77
CA ASP B 42 -32.17 9.65 36.39
C ASP B 42 -32.38 10.88 35.51
N LYS B 43 -33.56 11.48 35.63
CA LYS B 43 -33.95 12.70 34.91
C LYS B 43 -33.60 12.72 33.41
N PRO B 44 -34.20 11.83 32.62
CA PRO B 44 -33.93 11.78 31.18
C PRO B 44 -34.68 12.87 30.40
N VAL B 45 -33.95 13.60 29.57
CA VAL B 45 -34.51 14.67 28.75
C VAL B 45 -33.95 14.58 27.32
N LYS B 46 -34.83 14.73 26.33
CA LYS B 46 -34.43 14.81 24.93
C LYS B 46 -33.88 16.20 24.63
N LEU B 47 -32.70 16.24 23.99
CA LEU B 47 -32.03 17.51 23.70
C LEU B 47 -32.18 17.93 22.24
N ALA B 48 -31.85 17.00 21.33
CA ALA B 48 -31.86 17.28 19.89
C ALA B 48 -32.04 16.01 19.06
N SER B 49 -32.56 16.19 17.85
CA SER B 49 -32.64 15.12 16.86
C SER B 49 -32.44 15.71 15.47
N HIS B 50 -31.25 15.47 14.91
CA HIS B 50 -30.91 15.92 13.56
C HIS B 50 -30.14 14.83 12.85
N ARG B 51 -30.56 14.56 11.61
CA ARG B 51 -30.01 13.45 10.81
C ARG B 51 -30.04 12.15 11.63
N GLU B 52 -28.92 11.45 11.70
CA GLU B 52 -28.82 10.22 12.48
C GLU B 52 -28.39 10.47 13.93
N PHE B 53 -28.26 11.75 14.30
CA PHE B 53 -27.77 12.13 15.63
C PHE B 53 -28.91 12.52 16.57
N THR B 54 -29.26 11.60 17.46
CA THR B 54 -30.24 11.84 18.51
C THR B 54 -29.53 11.90 19.85
N THR B 55 -29.77 12.99 20.60
CA THR B 55 -29.08 13.21 21.86
C THR B 55 -30.03 13.37 23.04
N TRP B 56 -29.80 12.58 24.08
CA TRP B 56 -30.50 12.71 25.35
C TRP B 56 -29.50 13.01 26.46
N ARG B 57 -29.97 13.69 27.51
CA ARG B 57 -29.16 13.93 28.69
C ARG B 57 -29.83 13.26 29.89
N ALA B 58 -29.02 12.61 30.72
CA ALA B 58 -29.50 11.98 31.94
C ALA B 58 -28.53 12.19 33.11
N GLU B 59 -28.89 11.67 34.28
CA GLU B 59 -28.09 11.81 35.48
C GLU B 59 -27.71 10.46 36.06
N LEU B 60 -26.43 10.28 36.33
CA LEU B 60 -25.91 9.05 36.92
C LEU B 60 -25.13 9.36 38.20
N ASP B 61 -25.68 8.95 39.34
CA ASP B 61 -25.15 9.26 40.67
C ASP B 61 -24.92 10.76 40.89
N GLY B 62 -25.87 11.57 40.41
CA GLY B 62 -25.79 13.02 40.52
C GLY B 62 -24.94 13.71 39.47
N LYS B 63 -24.33 12.92 38.58
CA LYS B 63 -23.46 13.45 37.54
C LYS B 63 -24.10 13.35 36.15
N PRO B 64 -24.11 14.47 35.41
CA PRO B 64 -24.67 14.50 34.05
C PRO B 64 -23.94 13.57 33.07
N VAL B 65 -24.73 12.82 32.29
CA VAL B 65 -24.19 11.93 31.26
C VAL B 65 -24.96 12.15 29.96
N ILE B 66 -24.25 12.08 28.83
CA ILE B 66 -24.86 12.24 27.52
C ILE B 66 -25.04 10.88 26.84
N VAL B 67 -26.18 10.71 26.17
CA VAL B 67 -26.36 9.59 25.25
C VAL B 67 -26.60 10.16 23.85
N CYS B 68 -25.73 9.79 22.91
CA CYS B 68 -25.80 10.32 21.55
C CYS B 68 -25.50 9.24 20.52
N SER B 69 -26.40 9.10 19.55
CA SER B 69 -26.22 8.11 18.50
C SER B 69 -25.21 8.57 17.45
N THR B 70 -24.43 7.62 16.94
CA THR B 70 -23.41 7.90 15.93
C THR B 70 -23.93 7.64 14.53
N GLY B 71 -24.91 6.75 14.43
CA GLY B 71 -25.33 6.20 13.15
C GLY B 71 -24.41 5.04 12.79
N ILE B 72 -24.73 4.36 11.70
CA ILE B 72 -23.92 3.25 11.24
C ILE B 72 -22.66 3.75 10.54
N GLY B 73 -21.51 3.30 11.01
CA GLY B 73 -20.27 3.52 10.30
C GLY B 73 -19.37 4.63 10.83
N GLY B 74 -18.10 4.52 10.49
CA GLY B 74 -17.08 5.48 10.89
C GLY B 74 -17.30 6.95 10.57
N PRO B 75 -17.71 7.27 9.33
CA PRO B 75 -17.93 8.67 8.94
C PRO B 75 -18.86 9.47 9.87
N SER B 76 -20.06 8.97 10.12
CA SER B 76 -20.98 9.67 11.02
C SER B 76 -20.50 9.60 12.47
N THR B 77 -19.88 8.49 12.83
CA THR B 77 -19.27 8.32 14.15
C THR B 77 -18.19 9.37 14.41
N SER B 78 -17.38 9.64 13.39
CA SER B 78 -16.32 10.64 13.49
C SER B 78 -16.86 12.06 13.68
N ILE B 79 -18.03 12.34 13.10
CA ILE B 79 -18.69 13.62 13.28
C ILE B 79 -19.22 13.75 14.70
N ALA B 80 -19.92 12.71 15.16
CA ALA B 80 -20.50 12.69 16.50
C ALA B 80 -19.46 12.80 17.61
N VAL B 81 -18.36 12.06 17.48
CA VAL B 81 -17.31 12.04 18.50
C VAL B 81 -16.55 13.37 18.55
N GLU B 82 -16.19 13.90 17.38
CA GLU B 82 -15.49 15.18 17.29
C GLU B 82 -16.32 16.31 17.89
N GLU B 83 -17.60 16.34 17.55
CA GLU B 83 -18.48 17.43 17.98
C GLU B 83 -18.86 17.32 19.46
N LEU B 84 -18.90 16.09 19.99
CA LEU B 84 -19.08 15.87 21.42
C LEU B 84 -17.82 16.27 22.19
N ALA B 85 -16.64 16.01 21.60
CA ALA B 85 -15.36 16.41 22.20
C ALA B 85 -15.24 17.93 22.28
N GLN B 86 -15.73 18.60 21.24
CA GLN B 86 -15.82 20.07 21.22
C GLN B 86 -16.69 20.59 22.35
N LEU B 87 -17.73 19.82 22.70
CA LEU B 87 -18.66 20.21 23.77
C LEU B 87 -18.19 19.80 25.16
N GLY B 88 -17.07 19.08 25.24
CA GLY B 88 -16.45 18.77 26.51
C GLY B 88 -16.40 17.29 26.91
N ILE B 89 -16.93 16.41 26.06
CA ILE B 89 -16.89 14.97 26.35
C ILE B 89 -15.48 14.43 26.18
N ARG B 90 -15.00 13.72 27.20
CA ARG B 90 -13.65 13.18 27.21
C ARG B 90 -13.63 11.64 27.28
N THR B 91 -14.75 11.06 27.68
CA THR B 91 -14.90 9.61 27.77
C THR B 91 -16.08 9.10 26.94
N PHE B 92 -15.80 8.15 26.05
CA PHE B 92 -16.82 7.60 25.17
C PHE B 92 -16.99 6.10 25.41
N LEU B 93 -18.24 5.68 25.56
CA LEU B 93 -18.55 4.26 25.68
C LEU B 93 -19.54 3.85 24.60
N ARG B 94 -19.08 3.02 23.67
CA ARG B 94 -19.95 2.51 22.63
C ARG B 94 -20.65 1.22 23.05
N ILE B 95 -21.97 1.22 22.88
CA ILE B 95 -22.77 0.00 23.01
C ILE B 95 -23.38 -0.30 21.64
N GLY B 96 -23.13 -1.51 21.14
CA GLY B 96 -23.59 -1.88 19.82
C GLY B 96 -24.18 -3.28 19.71
N THR B 97 -24.55 -3.64 18.49
CA THR B 97 -24.97 -4.99 18.15
C THR B 97 -23.84 -5.62 17.35
N THR B 98 -23.79 -6.95 17.32
CA THR B 98 -22.72 -7.64 16.62
C THR B 98 -23.07 -9.05 16.13
N GLY B 99 -22.36 -9.48 15.10
CA GLY B 99 -22.44 -10.85 14.63
C GLY B 99 -21.15 -11.56 14.99
N ALA B 100 -21.26 -12.60 15.81
CA ALA B 100 -20.10 -13.37 16.24
C ALA B 100 -19.65 -14.34 15.14
N ILE B 101 -18.34 -14.56 15.05
CA ILE B 101 -17.78 -15.46 14.05
C ILE B 101 -17.05 -16.66 14.66
N GLN B 102 -17.01 -16.74 15.99
CA GLN B 102 -16.44 -17.88 16.68
C GLN B 102 -17.54 -18.85 17.14
N PRO B 103 -17.32 -20.15 16.96
CA PRO B 103 -18.32 -21.17 17.32
C PRO B 103 -18.67 -21.22 18.81
N HIS B 104 -17.73 -20.86 19.68
CA HIS B 104 -17.94 -20.94 21.13
C HIS B 104 -18.72 -19.76 21.71
N ILE B 105 -18.88 -18.69 20.93
CA ILE B 105 -19.67 -17.53 21.34
C ILE B 105 -21.12 -17.70 20.91
N ASN B 106 -22.03 -17.62 21.87
CA ASN B 106 -23.45 -17.83 21.60
C ASN B 106 -24.24 -16.52 21.48
N VAL B 107 -25.43 -16.61 20.88
CA VAL B 107 -26.35 -15.48 20.81
C VAL B 107 -26.78 -15.10 22.23
N GLY B 108 -26.71 -13.81 22.54
CA GLY B 108 -27.02 -13.32 23.87
C GLY B 108 -25.78 -13.00 24.68
N ASP B 109 -24.63 -13.47 24.21
CA ASP B 109 -23.34 -13.20 24.87
C ASP B 109 -22.94 -11.73 24.72
N VAL B 110 -22.09 -11.28 25.63
CA VAL B 110 -21.62 -9.90 25.64
C VAL B 110 -20.14 -9.88 25.29
N LEU B 111 -19.75 -9.02 24.35
CA LEU B 111 -18.36 -8.92 23.92
C LEU B 111 -17.76 -7.56 24.24
N VAL B 112 -16.63 -7.58 24.94
CA VAL B 112 -15.86 -6.38 25.22
C VAL B 112 -14.63 -6.37 24.31
N THR B 113 -14.47 -5.28 23.57
CA THR B 113 -13.40 -5.15 22.58
C THR B 113 -12.16 -4.49 23.18
N THR B 114 -11.04 -5.22 23.14
CA THR B 114 -9.75 -4.66 23.55
C THR B 114 -9.18 -3.78 22.44
N ALA B 115 -9.33 -4.25 21.21
CA ALA B 115 -8.85 -3.53 20.02
C ALA B 115 -9.53 -4.08 18.77
N SER B 116 -9.50 -3.31 17.69
CA SER B 116 -10.23 -3.66 16.48
C SER B 116 -9.35 -3.81 15.24
N VAL B 117 -9.71 -4.78 14.40
CA VAL B 117 -9.17 -4.89 13.05
C VAL B 117 -9.77 -3.76 12.23
N ARG B 118 -8.91 -2.95 11.63
CA ARG B 118 -9.33 -1.74 10.94
C ARG B 118 -9.72 -1.99 9.48
N LEU B 119 -10.97 -2.40 9.28
CA LEU B 119 -11.50 -2.62 7.94
C LEU B 119 -12.38 -1.43 7.54
N ASP B 120 -11.97 -0.25 8.01
CA ASP B 120 -12.70 1.00 7.78
C ASP B 120 -11.81 2.03 7.09
N GLY B 121 -12.40 3.15 6.70
CA GLY B 121 -11.65 4.24 6.08
C GLY B 121 -11.40 5.42 7.00
N ALA B 122 -12.36 5.70 7.87
CA ALA B 122 -12.31 6.89 8.74
C ALA B 122 -11.15 6.88 9.73
N SER B 123 -10.78 5.70 10.24
CA SER B 123 -9.65 5.58 11.16
C SER B 123 -8.35 6.11 10.57
N LEU B 124 -8.17 5.89 9.26
CA LEU B 124 -7.00 6.36 8.53
C LEU B 124 -6.88 7.89 8.49
N HIS B 125 -8.01 8.57 8.70
CA HIS B 125 -8.04 10.03 8.70
C HIS B 125 -7.54 10.62 10.01
N PHE B 126 -7.26 9.74 10.98
CA PHE B 126 -6.75 10.16 12.29
C PHE B 126 -5.36 9.60 12.59
N ALA B 127 -5.10 8.39 12.09
CA ALA B 127 -3.83 7.71 12.31
C ALA B 127 -3.57 6.72 11.18
N PRO B 128 -2.30 6.53 10.80
CA PRO B 128 -1.96 5.55 9.76
C PRO B 128 -2.30 4.13 10.23
N LEU B 129 -2.42 3.20 9.29
CA LEU B 129 -2.91 1.85 9.56
C LEU B 129 -2.15 1.10 10.65
N GLU B 130 -0.85 1.36 10.75
CA GLU B 130 0.02 0.73 11.74
C GLU B 130 -0.35 1.06 13.19
N PHE B 131 -1.05 2.18 13.39
CA PHE B 131 -1.55 2.56 14.71
C PHE B 131 -2.69 1.64 15.15
N PRO B 132 -2.62 1.11 16.37
CA PRO B 132 -3.63 0.16 16.85
C PRO B 132 -4.94 0.83 17.22
N ALA B 133 -6.05 0.26 16.72
CA ALA B 133 -7.38 0.70 17.10
C ALA B 133 -7.71 0.13 18.49
N VAL B 134 -7.00 0.62 19.51
CA VAL B 134 -7.06 0.06 20.85
C VAL B 134 -7.98 0.84 21.78
N ALA B 135 -8.74 0.10 22.59
CA ALA B 135 -9.62 0.69 23.60
C ALA B 135 -8.81 1.16 24.80
N ASP B 136 -9.34 2.16 25.50
CA ASP B 136 -8.74 2.67 26.74
C ASP B 136 -8.82 1.58 27.82
N PHE B 137 -7.73 1.41 28.57
CA PHE B 137 -7.60 0.35 29.57
C PHE B 137 -8.61 0.49 30.71
N GLU B 138 -8.85 1.72 31.17
CA GLU B 138 -9.79 1.98 32.25
C GLU B 138 -11.23 1.70 31.81
N CYS B 139 -11.55 2.08 30.57
CA CYS B 139 -12.87 1.85 29.99
C CYS B 139 -13.14 0.36 29.80
N THR B 140 -12.14 -0.35 29.28
CA THR B 140 -12.21 -1.80 29.08
C THR B 140 -12.39 -2.52 30.42
N THR B 141 -11.61 -2.12 31.42
CA THR B 141 -11.70 -2.66 32.78
C THR B 141 -13.11 -2.48 33.33
N ALA B 142 -13.64 -1.26 33.22
CA ALA B 142 -14.96 -0.91 33.72
C ALA B 142 -16.07 -1.74 33.07
N LEU B 143 -15.94 -1.99 31.77
CA LEU B 143 -16.91 -2.78 31.03
C LEU B 143 -16.88 -4.26 31.43
N VAL B 144 -15.68 -4.80 31.59
CA VAL B 144 -15.49 -6.18 32.04
C VAL B 144 -16.03 -6.37 33.46
N GLU B 145 -15.74 -5.40 34.33
CA GLU B 145 -16.23 -5.42 35.70
C GLU B 145 -17.75 -5.28 35.78
N ALA B 146 -18.30 -4.43 34.92
CA ALA B 146 -19.75 -4.21 34.84
C ALA B 146 -20.50 -5.44 34.34
N ALA B 147 -19.90 -6.13 33.37
CA ALA B 147 -20.45 -7.38 32.83
C ALA B 147 -20.48 -8.48 33.90
N LYS B 148 -19.43 -8.52 34.73
CA LYS B 148 -19.35 -9.47 35.84
C LYS B 148 -20.27 -9.06 36.99
N SER B 149 -20.54 -7.76 37.09
CA SER B 149 -21.41 -7.23 38.15
C SER B 149 -22.88 -7.62 37.95
N ILE B 150 -23.41 -7.38 36.76
CA ILE B 150 -24.81 -7.70 36.47
C ILE B 150 -25.00 -9.16 36.04
N GLY B 151 -23.90 -9.84 35.75
CA GLY B 151 -23.92 -11.24 35.38
C GLY B 151 -24.21 -11.45 33.90
N ALA B 152 -23.18 -11.84 33.16
CA ALA B 152 -23.31 -12.10 31.73
C ALA B 152 -22.23 -13.07 31.26
N THR B 153 -22.51 -13.77 30.17
CA THR B 153 -21.50 -14.59 29.49
C THR B 153 -20.68 -13.66 28.61
N THR B 154 -19.46 -13.36 29.07
CA THR B 154 -18.61 -12.34 28.46
C THR B 154 -17.37 -12.92 27.81
N HIS B 155 -17.04 -12.39 26.63
CA HIS B 155 -15.78 -12.70 25.95
C HIS B 155 -15.03 -11.41 25.67
N VAL B 156 -13.73 -11.42 25.95
CA VAL B 156 -12.88 -10.25 25.77
C VAL B 156 -11.84 -10.53 24.68
N GLY B 157 -11.73 -9.62 23.71
CA GLY B 157 -10.78 -9.79 22.62
C GLY B 157 -10.93 -8.85 21.45
N VAL B 158 -10.48 -9.31 20.30
CA VAL B 158 -10.39 -8.49 19.09
C VAL B 158 -11.67 -8.54 18.26
N THR B 159 -12.04 -7.38 17.72
CA THR B 159 -13.24 -7.22 16.88
C THR B 159 -12.83 -6.76 15.47
N ALA B 160 -13.46 -7.33 14.45
CA ALA B 160 -13.29 -6.84 13.09
C ALA B 160 -14.32 -5.75 12.80
N SER B 161 -13.83 -4.53 12.56
CA SER B 161 -14.70 -3.38 12.35
C SER B 161 -14.72 -2.96 10.88
N SER B 162 -15.85 -3.24 10.22
CA SER B 162 -15.95 -3.12 8.77
C SER B 162 -16.77 -1.92 8.29
N ASP B 163 -16.35 -1.35 7.17
CA ASP B 163 -17.06 -0.23 6.54
C ASP B 163 -18.32 -0.68 5.80
N THR B 164 -18.50 -2.00 5.64
CA THR B 164 -19.73 -2.53 5.06
C THR B 164 -20.33 -3.64 5.92
N PHE B 165 -21.63 -3.83 5.76
CA PHE B 165 -22.36 -4.91 6.43
C PHE B 165 -22.24 -6.20 5.63
N TYR B 166 -22.15 -6.07 4.31
CA TYR B 166 -22.22 -7.24 3.42
C TYR B 166 -20.85 -7.79 2.97
N PRO B 167 -20.20 -7.20 1.96
CA PRO B 167 -18.97 -7.78 1.41
C PRO B 167 -17.80 -7.79 2.41
N GLY B 168 -17.66 -6.75 3.22
CA GLY B 168 -16.60 -6.66 4.21
C GLY B 168 -16.76 -7.64 5.36
N GLN B 169 -17.94 -8.19 5.50
CA GLN B 169 -18.22 -9.23 6.49
C GLN B 169 -18.46 -10.57 5.77
N GLU B 170 -18.00 -10.61 4.52
CA GLU B 170 -18.13 -11.76 3.63
C GLU B 170 -19.53 -12.39 3.58
N ARG B 171 -20.53 -11.55 3.36
CA ARG B 171 -21.88 -12.02 3.09
C ARG B 171 -22.05 -12.18 1.58
N TYR B 172 -22.55 -13.34 1.17
CA TYR B 172 -22.77 -13.64 -0.25
C TYR B 172 -24.25 -13.58 -0.63
N ASP B 173 -25.11 -13.51 0.39
CA ASP B 173 -26.55 -13.41 0.19
C ASP B 173 -26.96 -12.00 -0.23
N THR B 174 -26.46 -11.57 -1.40
CA THR B 174 -26.58 -10.18 -1.85
C THR B 174 -27.09 -10.10 -3.29
N TYR B 175 -27.28 -8.87 -3.76
CA TYR B 175 -27.70 -8.60 -5.13
C TYR B 175 -26.70 -9.17 -6.16
N SER B 176 -25.42 -8.89 -5.96
CA SER B 176 -24.38 -9.36 -6.89
C SER B 176 -23.96 -10.80 -6.62
N GLY B 177 -24.01 -11.20 -5.34
CA GLY B 177 -23.58 -12.53 -4.93
C GLY B 177 -22.08 -12.71 -4.99
N ARG B 178 -21.34 -11.62 -5.11
CA ARG B 178 -19.88 -11.65 -5.19
C ARG B 178 -19.22 -10.85 -4.08
N VAL B 179 -18.01 -11.23 -3.71
CA VAL B 179 -17.19 -10.48 -2.78
C VAL B 179 -15.86 -10.19 -3.45
N VAL B 180 -15.43 -8.93 -3.36
CA VAL B 180 -14.16 -8.48 -3.93
C VAL B 180 -12.98 -9.32 -3.41
N ARG B 181 -11.99 -9.54 -4.27
CA ARG B 181 -10.84 -10.39 -3.98
C ARG B 181 -10.26 -10.18 -2.57
N HIS B 182 -10.09 -8.91 -2.19
CA HIS B 182 -9.50 -8.56 -0.90
C HIS B 182 -10.22 -9.18 0.29
N PHE B 183 -11.54 -9.32 0.20
CA PHE B 183 -12.34 -9.84 1.30
C PHE B 183 -12.78 -11.30 1.11
N LYS B 184 -12.40 -11.89 -0.03
CA LYS B 184 -12.67 -13.30 -0.27
C LYS B 184 -11.83 -14.17 0.66
N GLY B 185 -12.52 -14.99 1.45
CA GLY B 185 -11.87 -15.84 2.44
C GLY B 185 -11.41 -15.11 3.69
N SER B 186 -11.85 -13.86 3.84
CA SER B 186 -11.41 -13.02 4.96
C SER B 186 -11.98 -13.44 6.31
N MET B 187 -13.23 -13.89 6.33
CA MET B 187 -13.88 -14.32 7.58
C MET B 187 -13.13 -15.50 8.20
N GLU B 188 -12.79 -16.48 7.37
CA GLU B 188 -12.02 -17.65 7.81
C GLU B 188 -10.66 -17.24 8.38
N GLU B 189 -10.05 -16.23 7.77
CA GLU B 189 -8.77 -15.69 8.24
C GLU B 189 -8.91 -15.04 9.61
N TRP B 190 -9.92 -14.18 9.79
CA TRP B 190 -10.19 -13.55 11.07
C TRP B 190 -10.52 -14.59 12.15
N GLN B 191 -11.29 -15.60 11.76
CA GLN B 191 -11.65 -16.72 12.65
C GLN B 191 -10.42 -17.43 13.19
N ALA B 192 -9.48 -17.74 12.29
CA ALA B 192 -8.23 -18.40 12.65
C ALA B 192 -7.37 -17.52 13.56
N MET B 193 -7.51 -16.21 13.41
CA MET B 193 -6.75 -15.24 14.19
C MET B 193 -7.39 -14.92 15.56
N GLY B 194 -8.52 -15.57 15.84
CA GLY B 194 -9.19 -15.42 17.13
C GLY B 194 -10.09 -14.20 17.24
N VAL B 195 -10.38 -13.55 16.11
CA VAL B 195 -11.29 -12.42 16.08
C VAL B 195 -12.70 -12.89 16.46
N MET B 196 -13.32 -12.18 17.40
CA MET B 196 -14.59 -12.62 17.97
C MET B 196 -15.79 -12.35 17.06
N ASN B 197 -15.80 -11.19 16.41
CA ASN B 197 -17.03 -10.65 15.84
C ASN B 197 -16.86 -9.54 14.81
N TYR B 198 -17.96 -9.21 14.13
CA TYR B 198 -18.03 -8.11 13.19
C TYR B 198 -18.95 -7.01 13.74
N GLU B 199 -18.49 -5.77 13.68
CA GLU B 199 -19.37 -4.60 13.78
C GLU B 199 -18.84 -3.47 12.90
N MET B 200 -19.38 -2.27 13.02
CA MET B 200 -19.13 -1.25 12.00
C MET B 200 -18.63 0.14 12.45
N GLU B 201 -18.33 0.31 13.74
CA GLU B 201 -17.93 1.62 14.25
C GLU B 201 -16.67 1.66 15.12
N SER B 202 -16.31 0.52 15.72
CA SER B 202 -15.26 0.49 16.75
C SER B 202 -13.87 0.92 16.26
N ALA B 203 -13.48 0.50 15.06
CA ALA B 203 -12.18 0.89 14.50
C ALA B 203 -12.01 2.41 14.44
N THR B 204 -13.05 3.09 13.93
CA THR B 204 -13.04 4.55 13.85
C THR B 204 -13.01 5.17 15.25
N LEU B 205 -13.96 4.75 16.09
CA LEU B 205 -14.07 5.28 17.45
C LEU B 205 -12.77 5.11 18.24
N LEU B 206 -12.26 3.87 18.29
CA LEU B 206 -11.08 3.58 19.10
C LEU B 206 -9.81 4.26 18.59
N THR B 207 -9.64 4.30 17.27
CA THR B 207 -8.48 4.97 16.67
C THR B 207 -8.50 6.47 16.92
N MET B 208 -9.64 7.11 16.64
CA MET B 208 -9.75 8.57 16.78
C MET B 208 -9.64 9.05 18.24
N CYS B 209 -10.06 8.20 19.18
CA CYS B 209 -9.95 8.53 20.60
C CYS B 209 -8.54 8.28 21.14
N ALA B 210 -7.97 7.12 20.81
CA ALA B 210 -6.63 6.75 21.28
C ALA B 210 -5.52 7.66 20.73
N SER B 211 -5.77 8.27 19.56
CA SER B 211 -4.80 9.16 18.93
C SER B 211 -5.04 10.64 19.22
N GLN B 212 -6.04 10.93 20.05
CA GLN B 212 -6.39 12.31 20.38
C GLN B 212 -6.55 12.54 21.90
N GLY B 213 -6.10 11.58 22.70
CA GLY B 213 -6.13 11.70 24.14
C GLY B 213 -7.52 11.57 24.75
N LEU B 214 -8.40 10.87 24.05
CA LEU B 214 -9.76 10.62 24.55
C LEU B 214 -9.89 9.15 24.95
N ARG B 215 -10.66 8.89 26.01
CA ARG B 215 -10.88 7.54 26.50
C ARG B 215 -12.07 6.90 25.81
N ALA B 216 -11.90 5.68 25.31
CA ALA B 216 -12.97 4.97 24.61
C ALA B 216 -13.07 3.50 25.02
N GLY B 217 -14.31 3.04 25.16
CA GLY B 217 -14.60 1.64 25.44
C GLY B 217 -15.64 1.12 24.49
N MET B 218 -15.63 -0.19 24.25
CA MET B 218 -16.51 -0.82 23.28
C MET B 218 -17.13 -2.12 23.82
N VAL B 219 -18.45 -2.16 23.81
CA VAL B 219 -19.21 -3.34 24.23
C VAL B 219 -20.34 -3.62 23.24
N ALA B 220 -20.62 -4.91 23.01
CA ALA B 220 -21.66 -5.31 22.05
C ALA B 220 -22.37 -6.59 22.47
N GLY B 221 -23.66 -6.67 22.15
CA GLY B 221 -24.46 -7.85 22.39
C GLY B 221 -24.58 -8.69 21.13
N VAL B 222 -24.33 -9.99 21.27
CA VAL B 222 -24.39 -10.93 20.14
C VAL B 222 -25.84 -11.27 19.81
N ILE B 223 -26.29 -10.88 18.62
CA ILE B 223 -27.65 -11.20 18.17
C ILE B 223 -27.64 -12.25 17.06
N VAL B 224 -26.45 -12.55 16.55
CA VAL B 224 -26.26 -13.56 15.51
C VAL B 224 -24.87 -14.19 15.63
N ASN B 225 -24.80 -15.50 15.46
CA ASN B 225 -23.53 -16.19 15.28
C ASN B 225 -23.46 -16.71 13.85
N ARG B 226 -22.44 -16.27 13.13
CA ARG B 226 -22.31 -16.54 11.70
C ARG B 226 -22.08 -18.01 11.33
N THR B 227 -21.57 -18.79 12.28
CA THR B 227 -21.32 -20.22 12.04
C THR B 227 -22.57 -21.08 12.19
N GLN B 228 -23.61 -20.54 12.82
CA GLN B 228 -24.86 -21.30 13.05
C GLN B 228 -26.11 -20.67 12.44
N GLN B 229 -26.10 -19.36 12.21
CA GLN B 229 -27.23 -18.67 11.57
C GLN B 229 -26.86 -17.35 10.90
N GLU B 230 -27.82 -16.79 10.16
CA GLU B 230 -27.65 -15.50 9.49
C GLU B 230 -28.69 -14.48 9.96
N ILE B 231 -29.91 -14.94 10.18
CA ILE B 231 -31.02 -14.08 10.59
C ILE B 231 -31.20 -14.12 12.12
N PRO B 232 -31.18 -12.96 12.76
CA PRO B 232 -31.39 -12.87 14.21
C PRO B 232 -32.83 -13.15 14.61
N ASN B 233 -33.03 -13.56 15.85
CA ASN B 233 -34.36 -13.78 16.40
C ASN B 233 -34.94 -12.48 16.95
N ALA B 234 -36.14 -12.13 16.50
CA ALA B 234 -36.81 -10.88 16.90
C ALA B 234 -37.46 -10.98 18.28
N GLU B 235 -36.65 -11.36 19.27
CA GLU B 235 -37.05 -11.43 20.67
C GLU B 235 -35.76 -11.51 21.50
N THR B 236 -34.86 -12.39 21.08
CA THR B 236 -33.53 -12.49 21.66
C THR B 236 -32.71 -11.23 21.37
N MET B 237 -33.04 -10.56 20.26
CA MET B 237 -32.47 -9.25 19.92
C MET B 237 -32.78 -8.22 21.00
N LYS B 238 -34.06 -8.14 21.37
CA LYS B 238 -34.53 -7.20 22.39
C LYS B 238 -33.93 -7.50 23.76
N GLN B 239 -33.88 -8.79 24.11
CA GLN B 239 -33.32 -9.24 25.38
C GLN B 239 -31.82 -8.96 25.48
N THR B 240 -31.10 -9.18 24.38
CA THR B 240 -29.66 -8.96 24.32
C THR B 240 -29.31 -7.47 24.37
N GLU B 241 -30.08 -6.64 23.66
CA GLU B 241 -29.92 -5.20 23.69
C GLU B 241 -30.11 -4.64 25.11
N SER B 242 -31.16 -5.12 25.78
CA SER B 242 -31.45 -4.74 27.17
C SER B 242 -30.31 -5.15 28.11
N HIS B 243 -29.75 -6.33 27.87
CA HIS B 243 -28.60 -6.86 28.60
C HIS B 243 -27.39 -5.93 28.47
N ALA B 244 -27.01 -5.63 27.22
CA ALA B 244 -25.86 -4.79 26.92
C ALA B 244 -26.00 -3.36 27.44
N VAL B 245 -27.19 -2.81 27.32
CA VAL B 245 -27.50 -1.45 27.79
C VAL B 245 -27.30 -1.34 29.30
N LYS B 246 -27.67 -2.38 30.04
CA LYS B 246 -27.46 -2.44 31.49
C LYS B 246 -25.97 -2.42 31.85
N ILE B 247 -25.15 -3.09 31.04
CA ILE B 247 -23.71 -3.16 31.28
C ILE B 247 -23.00 -1.83 30.99
N VAL B 248 -23.41 -1.16 29.91
CA VAL B 248 -22.78 0.11 29.53
C VAL B 248 -23.09 1.25 30.52
N VAL B 249 -24.27 1.20 31.13
CA VAL B 249 -24.67 2.18 32.14
C VAL B 249 -23.91 1.94 33.46
N GLU B 250 -23.75 0.66 33.81
CA GLU B 250 -23.03 0.27 35.02
C GLU B 250 -21.53 0.54 34.90
N ALA B 251 -20.99 0.38 33.69
CA ALA B 251 -19.59 0.72 33.42
C ALA B 251 -19.37 2.23 33.53
N ALA B 252 -20.36 2.99 33.04
CA ALA B 252 -20.33 4.45 33.07
C ALA B 252 -20.30 4.97 34.51
N ARG B 253 -20.92 4.21 35.41
CA ARG B 253 -20.89 4.50 36.85
C ARG B 253 -19.47 4.44 37.41
N ARG B 254 -18.69 3.47 36.92
CA ARG B 254 -17.33 3.24 37.40
C ARG B 254 -16.31 4.22 36.82
N LEU B 255 -16.71 4.99 35.81
CA LEU B 255 -15.79 5.87 35.09
C LEU B 255 -15.99 7.36 35.35
N LEU B 256 -17.05 7.71 36.09
CA LEU B 256 -17.35 9.09 36.41
C LEU B 256 -16.39 9.65 37.46
N SER C 7 13.10 23.26 -32.44
CA SER C 7 11.99 22.65 -31.63
C SER C 7 11.80 23.38 -30.31
N ASP C 8 10.54 23.51 -29.89
CA ASP C 8 10.19 24.12 -28.62
C ASP C 8 10.15 23.09 -27.49
N VAL C 9 10.15 21.82 -27.87
CA VAL C 9 10.01 20.71 -26.92
C VAL C 9 11.15 19.69 -27.06
N PHE C 10 11.27 18.79 -26.09
CA PHE C 10 12.39 17.85 -26.02
C PHE C 10 12.31 16.67 -26.97
N HIS C 11 11.10 16.20 -27.29
CA HIS C 11 10.94 14.95 -28.03
C HIS C 11 10.19 15.06 -29.36
N LEU C 12 9.18 15.92 -29.42
CA LEU C 12 8.26 15.94 -30.57
C LEU C 12 8.81 16.59 -31.83
N GLY C 13 9.81 17.47 -31.67
CA GLY C 13 10.39 18.19 -32.80
C GLY C 13 9.45 19.23 -33.40
N LEU C 14 8.67 19.88 -32.54
CA LEU C 14 7.69 20.88 -32.96
C LEU C 14 7.86 22.22 -32.25
N THR C 15 7.49 23.29 -32.97
CA THR C 15 7.42 24.63 -32.39
C THR C 15 5.95 25.05 -32.27
N LYS C 16 5.69 26.07 -31.47
CA LYS C 16 4.34 26.61 -31.31
C LYS C 16 3.74 27.04 -32.66
N ASN C 17 4.57 27.63 -33.51
CA ASN C 17 4.17 28.06 -34.86
C ASN C 17 3.70 26.90 -35.76
N ASP C 18 4.31 25.73 -35.60
CA ASP C 18 3.93 24.53 -36.36
C ASP C 18 2.45 24.18 -36.19
N LEU C 19 1.92 24.48 -35.01
CA LEU C 19 0.54 24.12 -34.66
C LEU C 19 -0.50 25.10 -35.23
N GLN C 20 -0.05 26.32 -35.53
CA GLN C 20 -0.88 27.38 -36.12
C GLN C 20 -2.15 27.71 -35.31
N GLY C 21 -2.04 27.61 -33.99
CA GLY C 21 -3.14 27.94 -33.10
C GLY C 21 -4.05 26.78 -32.75
N ALA C 22 -3.65 25.56 -33.12
CA ALA C 22 -4.40 24.35 -32.78
C ALA C 22 -4.46 24.15 -31.27
N THR C 23 -5.63 23.74 -30.78
CA THR C 23 -5.83 23.42 -29.37
C THR C 23 -6.35 22.00 -29.17
N LEU C 24 -6.59 21.29 -30.27
CA LEU C 24 -7.08 19.91 -30.21
C LEU C 24 -6.16 18.96 -30.95
N ALA C 25 -5.89 17.82 -30.30
CA ALA C 25 -5.09 16.76 -30.91
C ALA C 25 -5.79 15.41 -30.84
N ILE C 26 -5.72 14.66 -31.93
CA ILE C 26 -6.13 13.26 -31.95
C ILE C 26 -4.86 12.45 -31.73
N VAL C 27 -4.88 11.57 -30.73
CA VAL C 27 -3.67 10.89 -30.27
C VAL C 27 -3.74 9.35 -30.33
N PRO C 28 -3.45 8.78 -31.51
CA PRO C 28 -3.41 7.31 -31.66
C PRO C 28 -2.13 6.74 -31.04
N GLY C 29 -2.11 5.43 -30.80
CA GLY C 29 -0.91 4.77 -30.30
C GLY C 29 0.08 4.49 -31.42
N ASP C 30 -0.45 4.14 -32.59
CA ASP C 30 0.36 3.72 -33.74
C ASP C 30 0.77 4.93 -34.60
N PRO C 31 2.08 5.15 -34.74
CA PRO C 31 2.60 6.20 -35.64
C PRO C 31 2.13 6.07 -37.10
N ASP C 32 1.82 4.86 -37.54
CA ASP C 32 1.32 4.63 -38.89
C ASP C 32 -0.13 5.10 -39.08
N ARG C 33 -0.85 5.27 -37.97
CA ARG C 33 -2.25 5.68 -37.99
C ARG C 33 -2.41 7.19 -38.16
N VAL C 34 -1.34 7.94 -37.89
CA VAL C 34 -1.37 9.40 -37.92
C VAL C 34 -1.77 9.96 -39.28
N GLU C 35 -1.14 9.45 -40.35
CA GLU C 35 -1.46 9.85 -41.72
C GLU C 35 -2.91 9.50 -42.09
N LYS C 36 -3.36 8.34 -41.63
CA LYS C 36 -4.71 7.85 -41.90
C LYS C 36 -5.79 8.77 -41.33
N ILE C 37 -5.56 9.27 -40.11
CA ILE C 37 -6.49 10.17 -39.43
C ILE C 37 -6.47 11.56 -40.08
N ALA C 38 -5.26 12.05 -40.34
CA ALA C 38 -5.06 13.36 -40.97
C ALA C 38 -5.70 13.45 -42.36
N ALA C 39 -5.68 12.33 -43.09
CA ALA C 39 -6.20 12.28 -44.46
C ALA C 39 -7.72 12.43 -44.57
N LEU C 40 -8.42 12.19 -43.45
CA LEU C 40 -9.87 12.35 -43.39
C LEU C 40 -10.27 13.83 -43.31
N MET C 41 -9.32 14.66 -42.87
CA MET C 41 -9.56 16.10 -42.71
C MET C 41 -8.97 16.89 -43.88
N ASP C 42 -9.13 18.22 -43.82
CA ASP C 42 -8.68 19.10 -44.89
C ASP C 42 -7.22 19.53 -44.71
N LYS C 43 -6.55 19.76 -45.84
CA LYS C 43 -5.16 20.21 -45.89
C LYS C 43 -4.19 19.44 -44.98
N PRO C 44 -4.15 18.10 -45.09
CA PRO C 44 -3.27 17.29 -44.23
C PRO C 44 -1.79 17.49 -44.60
N VAL C 45 -0.98 17.79 -43.59
CA VAL C 45 0.44 18.05 -43.78
C VAL C 45 1.26 17.37 -42.68
N LYS C 46 2.33 16.69 -43.08
CA LYS C 46 3.27 16.09 -42.14
C LYS C 46 4.09 17.20 -41.48
N LEU C 47 4.31 17.08 -40.18
CA LEU C 47 5.11 18.06 -39.45
C LEU C 47 6.46 17.50 -39.00
N ALA C 48 6.42 16.39 -38.26
CA ALA C 48 7.64 15.80 -37.69
C ALA C 48 7.48 14.31 -37.44
N SER C 49 8.62 13.63 -37.33
CA SER C 49 8.67 12.23 -36.90
C SER C 49 9.97 11.97 -36.16
N HIS C 50 9.85 11.75 -34.85
CA HIS C 50 10.99 11.44 -34.01
C HIS C 50 10.60 10.33 -33.04
N ARG C 51 11.39 9.25 -33.04
CA ARG C 51 11.06 8.03 -32.30
C ARG C 51 9.63 7.58 -32.64
N GLU C 52 8.84 7.25 -31.62
CA GLU C 52 7.45 6.81 -31.84
C GLU C 52 6.46 7.97 -32.00
N PHE C 53 6.98 9.19 -32.07
CA PHE C 53 6.15 10.38 -32.17
C PHE C 53 6.10 10.95 -33.59
N THR C 54 5.05 10.61 -34.31
CA THR C 54 4.81 11.17 -35.64
C THR C 54 3.68 12.19 -35.54
N THR C 55 3.95 13.41 -36.00
CA THR C 55 2.96 14.49 -35.94
C THR C 55 2.54 14.97 -37.32
N TRP C 56 1.22 15.10 -37.50
CA TRP C 56 0.64 15.71 -38.68
C TRP C 56 -0.29 16.84 -38.25
N ARG C 57 -0.43 17.84 -39.11
CA ARG C 57 -1.41 18.90 -38.91
C ARG C 57 -2.41 18.87 -40.06
N ALA C 58 -3.68 19.08 -39.70
CA ALA C 58 -4.76 19.13 -40.69
C ALA C 58 -5.75 20.23 -40.32
N GLU C 59 -6.86 20.31 -41.04
CA GLU C 59 -7.84 21.35 -40.83
C GLU C 59 -9.25 20.78 -40.75
N LEU C 60 -9.95 21.14 -39.68
CA LEU C 60 -11.33 20.71 -39.47
C LEU C 60 -12.23 21.94 -39.36
N ASP C 61 -13.12 22.09 -40.35
CA ASP C 61 -14.04 23.24 -40.44
C ASP C 61 -13.32 24.58 -40.32
N GLY C 62 -12.22 24.71 -41.04
CA GLY C 62 -11.42 25.93 -41.06
C GLY C 62 -10.43 26.08 -39.90
N LYS C 63 -10.47 25.15 -38.95
CA LYS C 63 -9.63 25.23 -37.76
C LYS C 63 -8.53 24.16 -37.76
N PRO C 64 -7.30 24.56 -37.46
CA PRO C 64 -6.17 23.62 -37.40
C PRO C 64 -6.31 22.56 -36.31
N VAL C 65 -5.99 21.32 -36.65
CA VAL C 65 -6.06 20.19 -35.71
C VAL C 65 -4.77 19.37 -35.82
N ILE C 66 -4.28 18.86 -34.69
CA ILE C 66 -3.06 18.06 -34.66
C ILE C 66 -3.38 16.57 -34.52
N VAL C 67 -2.63 15.74 -35.25
CA VAL C 67 -2.63 14.31 -35.02
C VAL C 67 -1.21 13.89 -34.62
N CYS C 68 -1.10 13.20 -33.48
CA CYS C 68 0.19 12.86 -32.92
C CYS C 68 0.19 11.50 -32.23
N SER C 69 1.05 10.60 -32.68
CA SER C 69 1.14 9.26 -32.09
C SER C 69 1.85 9.29 -30.74
N THR C 70 1.39 8.44 -29.82
CA THR C 70 1.95 8.36 -28.46
C THR C 70 2.92 7.20 -28.30
N GLY C 71 2.79 6.21 -29.18
CA GLY C 71 3.42 4.92 -28.98
C GLY C 71 2.59 4.10 -28.00
N ILE C 72 3.03 2.87 -27.73
CA ILE C 72 2.33 2.01 -26.77
C ILE C 72 2.75 2.39 -25.36
N GLY C 73 1.76 2.61 -24.49
CA GLY C 73 1.99 2.73 -23.07
C GLY C 73 1.99 4.13 -22.51
N GLY C 74 1.65 4.21 -21.21
CA GLY C 74 1.65 5.45 -20.46
C GLY C 74 2.88 6.33 -20.51
N PRO C 75 4.08 5.76 -20.35
CA PRO C 75 5.31 6.56 -20.38
C PRO C 75 5.49 7.43 -21.62
N SER C 76 5.42 6.86 -22.81
CA SER C 76 5.56 7.65 -24.02
C SER C 76 4.36 8.54 -24.27
N THR C 77 3.17 8.07 -23.87
CA THR C 77 1.95 8.89 -23.90
C THR C 77 2.16 10.15 -23.07
N SER C 78 2.69 9.99 -21.85
CA SER C 78 2.90 11.10 -20.94
C SER C 78 3.84 12.17 -21.51
N ILE C 79 4.84 11.74 -22.27
CA ILE C 79 5.74 12.67 -22.97
C ILE C 79 4.98 13.43 -24.05
N ALA C 80 4.29 12.69 -24.93
CA ALA C 80 3.56 13.30 -26.04
C ALA C 80 2.49 14.29 -25.57
N VAL C 81 1.75 13.91 -24.52
CA VAL C 81 0.68 14.75 -23.99
C VAL C 81 1.24 16.01 -23.31
N GLU C 82 2.31 15.85 -22.53
CA GLU C 82 2.95 16.98 -21.85
C GLU C 82 3.48 18.00 -22.86
N GLU C 83 4.19 17.52 -23.87
CA GLU C 83 4.82 18.40 -24.83
C GLU C 83 3.81 19.07 -25.77
N LEU C 84 2.73 18.36 -26.10
CA LEU C 84 1.62 18.95 -26.85
C LEU C 84 0.90 20.03 -26.04
N ALA C 85 0.76 19.79 -24.73
CA ALA C 85 0.16 20.78 -23.83
C ALA C 85 1.00 22.06 -23.78
N GLN C 86 2.32 21.90 -23.73
CA GLN C 86 3.25 23.03 -23.77
C GLN C 86 3.08 23.85 -25.04
N LEU C 87 2.80 23.15 -26.14
CA LEU C 87 2.64 23.79 -27.45
C LEU C 87 1.25 24.41 -27.65
N GLY C 88 0.32 24.14 -26.74
CA GLY C 88 -0.98 24.77 -26.76
C GLY C 88 -2.21 23.88 -26.82
N ILE C 89 -2.02 22.56 -26.92
CA ILE C 89 -3.15 21.63 -26.98
C ILE C 89 -3.87 21.56 -25.62
N ARG C 90 -5.19 21.67 -25.66
CA ARG C 90 -6.03 21.63 -24.46
C ARG C 90 -7.03 20.48 -24.47
N THR C 91 -7.28 19.92 -25.66
CA THR C 91 -8.20 18.81 -25.82
C THR C 91 -7.50 17.64 -26.51
N PHE C 92 -7.58 16.47 -25.88
CA PHE C 92 -6.93 15.26 -26.38
C PHE C 92 -7.95 14.16 -26.61
N LEU C 93 -8.02 13.66 -27.85
CA LEU C 93 -8.90 12.55 -28.17
C LEU C 93 -8.09 11.33 -28.58
N ARG C 94 -8.13 10.29 -27.75
CA ARG C 94 -7.43 9.06 -28.05
C ARG C 94 -8.31 8.11 -28.86
N ILE C 95 -7.77 7.63 -29.98
CA ILE C 95 -8.36 6.54 -30.73
C ILE C 95 -7.41 5.35 -30.69
N GLY C 96 -7.90 4.22 -30.21
CA GLY C 96 -7.06 3.04 -30.05
C GLY C 96 -7.69 1.73 -30.51
N THR C 97 -6.94 0.65 -30.30
CA THR C 97 -7.43 -0.70 -30.52
C THR C 97 -7.64 -1.32 -29.15
N THR C 98 -8.48 -2.36 -29.08
CA THR C 98 -8.79 -2.98 -27.79
C THR C 98 -9.21 -4.44 -27.90
N GLY C 99 -9.01 -5.16 -26.79
CA GLY C 99 -9.53 -6.51 -26.63
C GLY C 99 -10.66 -6.48 -25.62
N ALA C 100 -11.87 -6.84 -26.07
CA ALA C 100 -13.04 -6.86 -25.22
C ALA C 100 -13.04 -8.09 -24.30
N ILE C 101 -13.55 -7.93 -23.09
CA ILE C 101 -13.62 -9.04 -22.12
C ILE C 101 -15.04 -9.41 -21.72
N GLN C 102 -16.03 -8.70 -22.27
CA GLN C 102 -17.44 -9.02 -22.05
C GLN C 102 -18.00 -9.81 -23.23
N PRO C 103 -18.77 -10.87 -22.94
CA PRO C 103 -19.33 -11.74 -23.98
C PRO C 103 -20.29 -11.03 -24.95
N HIS C 104 -20.98 -9.99 -24.49
CA HIS C 104 -21.97 -9.30 -25.31
C HIS C 104 -21.37 -8.28 -26.28
N ILE C 105 -20.10 -7.95 -26.10
CA ILE C 105 -19.38 -7.04 -27.00
C ILE C 105 -18.72 -7.84 -28.13
N ASN C 106 -19.03 -7.49 -29.37
CA ASN C 106 -18.51 -8.21 -30.53
C ASN C 106 -17.32 -7.50 -31.18
N VAL C 107 -16.57 -8.24 -31.99
CA VAL C 107 -15.49 -7.69 -32.81
C VAL C 107 -16.11 -6.70 -33.81
N GLY C 108 -15.52 -5.51 -33.90
CA GLY C 108 -16.03 -4.46 -34.77
C GLY C 108 -16.81 -3.41 -34.01
N ASP C 109 -17.16 -3.70 -32.76
CA ASP C 109 -17.87 -2.75 -31.91
C ASP C 109 -16.96 -1.60 -31.49
N VAL C 110 -17.59 -0.48 -31.13
CA VAL C 110 -16.87 0.72 -30.73
C VAL C 110 -17.11 0.97 -29.24
N LEU C 111 -16.03 1.22 -28.50
CA LEU C 111 -16.13 1.44 -27.06
C LEU C 111 -15.69 2.84 -26.68
N VAL C 112 -16.57 3.54 -25.96
CA VAL C 112 -16.26 4.86 -25.42
C VAL C 112 -16.02 4.70 -23.92
N THR C 113 -14.86 5.16 -23.46
CA THR C 113 -14.44 5.01 -22.08
C THR C 113 -14.85 6.22 -21.23
N THR C 114 -15.65 5.96 -20.19
CA THR C 114 -16.02 6.98 -19.21
C THR C 114 -14.87 7.20 -18.23
N ALA C 115 -14.25 6.10 -17.82
CA ALA C 115 -13.14 6.11 -16.88
C ALA C 115 -12.39 4.78 -16.94
N SER C 116 -11.16 4.77 -16.43
CA SER C 116 -10.30 3.60 -16.55
C SER C 116 -9.82 3.04 -15.22
N VAL C 117 -9.72 1.71 -15.17
CA VAL C 117 -9.04 1.03 -14.09
C VAL C 117 -7.54 1.25 -14.29
N ARG C 118 -6.89 1.78 -13.25
CA ARG C 118 -5.49 2.21 -13.36
C ARG C 118 -4.52 1.07 -13.05
N LEU C 119 -4.22 0.27 -14.08
CA LEU C 119 -3.26 -0.81 -13.97
C LEU C 119 -1.92 -0.37 -14.59
N ASP C 120 -1.64 0.93 -14.46
CA ASP C 120 -0.44 1.54 -15.02
C ASP C 120 0.40 2.20 -13.93
N GLY C 121 1.59 2.67 -14.30
CA GLY C 121 2.47 3.37 -13.37
C GLY C 121 2.48 4.87 -13.56
N ALA C 122 2.38 5.32 -14.81
CA ALA C 122 2.51 6.73 -15.15
C ALA C 122 1.42 7.64 -14.55
N SER C 123 0.20 7.12 -14.43
CA SER C 123 -0.90 7.87 -13.83
C SER C 123 -0.58 8.32 -12.40
N LEU C 124 0.13 7.47 -11.66
CA LEU C 124 0.56 7.74 -10.30
C LEU C 124 1.53 8.92 -10.18
N HIS C 125 2.18 9.25 -11.30
CA HIS C 125 3.13 10.36 -11.34
C HIS C 125 2.42 11.70 -11.47
N PHE C 126 1.10 11.67 -11.62
CA PHE C 126 0.28 12.88 -11.75
C PHE C 126 -0.75 13.01 -10.63
N ALA C 127 -1.27 11.88 -10.17
CA ALA C 127 -2.26 11.85 -9.09
C ALA C 127 -2.20 10.51 -8.37
N PRO C 128 -2.46 10.51 -7.05
CA PRO C 128 -2.47 9.26 -6.29
C PRO C 128 -3.59 8.33 -6.77
N LEU C 129 -3.48 7.04 -6.47
CA LEU C 129 -4.38 6.02 -7.01
C LEU C 129 -5.87 6.29 -6.81
N GLU C 130 -6.21 6.94 -5.69
CA GLU C 130 -7.59 7.24 -5.33
C GLU C 130 -8.27 8.22 -6.29
N PHE C 131 -7.48 8.99 -7.03
CA PHE C 131 -7.99 9.90 -8.05
C PHE C 131 -8.49 9.10 -9.25
N PRO C 132 -9.70 9.41 -9.73
CA PRO C 132 -10.30 8.65 -10.83
C PRO C 132 -9.70 9.00 -12.19
N ALA C 133 -9.34 7.97 -12.96
CA ALA C 133 -8.90 8.15 -14.34
C ALA C 133 -10.12 8.40 -15.22
N VAL C 134 -10.75 9.56 -15.03
CA VAL C 134 -12.02 9.88 -15.66
C VAL C 134 -11.87 10.74 -16.91
N ALA C 135 -12.65 10.40 -17.93
CA ALA C 135 -12.69 11.18 -19.17
C ALA C 135 -13.51 12.46 -18.98
N ASP C 136 -13.17 13.47 -19.76
CA ASP C 136 -13.91 14.73 -19.80
C ASP C 136 -15.32 14.50 -20.32
N PHE C 137 -16.31 15.11 -19.66
CA PHE C 137 -17.72 14.90 -19.98
C PHE C 137 -18.09 15.35 -21.39
N GLU C 138 -17.56 16.50 -21.81
CA GLU C 138 -17.83 17.04 -23.15
C GLU C 138 -17.23 16.16 -24.24
N CYS C 139 -16.02 15.66 -24.00
CA CYS C 139 -15.32 14.77 -24.92
C CYS C 139 -16.05 13.43 -25.06
N THR C 140 -16.47 12.87 -23.93
CA THR C 140 -17.23 11.63 -23.89
C THR C 140 -18.56 11.78 -24.62
N THR C 141 -19.27 12.88 -24.36
CA THR C 141 -20.52 13.19 -25.03
C THR C 141 -20.33 13.27 -26.55
N ALA C 142 -19.29 13.97 -26.98
CA ALA C 142 -18.98 14.16 -28.40
C ALA C 142 -18.71 12.83 -29.10
N LEU C 143 -17.99 11.94 -28.41
CA LEU C 143 -17.66 10.62 -28.94
C LEU C 143 -18.89 9.73 -29.08
N VAL C 144 -19.74 9.75 -28.05
CA VAL C 144 -20.99 9.00 -28.06
C VAL C 144 -21.93 9.49 -29.16
N GLU C 145 -22.02 10.81 -29.32
CA GLU C 145 -22.83 11.44 -30.36
C GLU C 145 -22.28 11.14 -31.75
N ALA C 146 -20.95 11.16 -31.88
CA ALA C 146 -20.27 10.87 -33.15
C ALA C 146 -20.46 9.42 -33.58
N ALA C 147 -20.43 8.51 -32.60
CA ALA C 147 -20.67 7.08 -32.86
C ALA C 147 -22.11 6.84 -33.32
N LYS C 148 -23.03 7.60 -32.74
CA LYS C 148 -24.44 7.56 -33.11
C LYS C 148 -24.68 8.20 -34.47
N SER C 149 -23.85 9.19 -34.81
CA SER C 149 -23.97 9.94 -36.06
C SER C 149 -23.58 9.11 -37.28
N ILE C 150 -22.42 8.47 -37.23
CA ILE C 150 -21.95 7.65 -38.36
C ILE C 150 -22.53 6.24 -38.34
N GLY C 151 -23.14 5.86 -37.21
CA GLY C 151 -23.76 4.56 -37.06
C GLY C 151 -22.76 3.49 -36.67
N ALA C 152 -22.83 3.04 -35.42
CA ALA C 152 -21.95 2.01 -34.88
C ALA C 152 -22.60 1.31 -33.70
N THR C 153 -22.21 0.04 -33.48
CA THR C 153 -22.59 -0.66 -32.26
C THR C 153 -21.65 -0.21 -31.15
N THR C 154 -22.18 0.62 -30.25
CA THR C 154 -21.39 1.31 -29.24
C THR C 154 -21.71 0.85 -27.83
N HIS C 155 -20.65 0.69 -27.02
CA HIS C 155 -20.78 0.41 -25.60
C HIS C 155 -20.03 1.47 -24.81
N VAL C 156 -20.65 1.97 -23.76
CA VAL C 156 -20.09 3.04 -22.93
C VAL C 156 -19.84 2.50 -21.51
N GLY C 157 -18.63 2.67 -21.02
CA GLY C 157 -18.29 2.20 -19.68
C GLY C 157 -16.83 2.22 -19.31
N VAL C 158 -16.47 1.35 -18.37
CA VAL C 158 -15.13 1.33 -17.78
C VAL C 158 -14.15 0.45 -18.57
N THR C 159 -12.91 0.91 -18.66
CA THR C 159 -11.84 0.23 -19.38
C THR C 159 -10.70 -0.09 -18.41
N ALA C 160 -10.14 -1.30 -18.53
CA ALA C 160 -8.93 -1.65 -17.78
C ALA C 160 -7.70 -1.27 -18.59
N SER C 161 -6.92 -0.33 -18.06
CA SER C 161 -5.74 0.18 -18.76
C SER C 161 -4.45 -0.34 -18.14
N SER C 162 -3.79 -1.23 -18.87
CA SER C 162 -2.68 -2.02 -18.35
C SER C 162 -1.32 -1.58 -18.88
N ASP C 163 -0.31 -1.63 -18.01
CA ASP C 163 1.08 -1.35 -18.41
C ASP C 163 1.71 -2.49 -19.21
N THR C 164 1.05 -3.65 -19.26
CA THR C 164 1.52 -4.75 -20.12
C THR C 164 0.42 -5.28 -21.02
N PHE C 165 0.84 -5.90 -22.13
CA PHE C 165 -0.07 -6.55 -23.06
C PHE C 165 -0.38 -7.97 -22.58
N TYR C 166 0.58 -8.60 -21.90
CA TYR C 166 0.47 -10.01 -21.56
C TYR C 166 -0.01 -10.29 -20.12
N PRO C 167 0.86 -10.21 -19.10
CA PRO C 167 0.47 -10.62 -17.74
C PRO C 167 -0.63 -9.73 -17.14
N GLY C 168 -0.56 -8.43 -17.39
CA GLY C 168 -1.54 -7.48 -16.87
C GLY C 168 -2.93 -7.63 -17.50
N GLN C 169 -2.98 -8.33 -18.63
CA GLN C 169 -4.23 -8.66 -19.30
C GLN C 169 -4.51 -10.16 -19.17
N GLU C 170 -3.82 -10.77 -18.21
CA GLU C 170 -3.89 -12.20 -17.91
C GLU C 170 -3.80 -13.12 -19.13
N ARG C 171 -2.78 -12.90 -19.95
CA ARG C 171 -2.45 -13.79 -21.05
C ARG C 171 -1.43 -14.83 -20.53
N TYR C 172 -1.72 -16.09 -20.80
CA TYR C 172 -0.84 -17.19 -20.36
C TYR C 172 -0.07 -17.79 -21.53
N ASP C 173 -0.42 -17.39 -22.75
CA ASP C 173 0.24 -17.84 -23.97
C ASP C 173 1.57 -17.11 -24.16
N THR C 174 2.49 -17.31 -23.22
CA THR C 174 3.72 -16.53 -23.13
C THR C 174 4.94 -17.43 -22.96
N TYR C 175 6.12 -16.80 -22.93
CA TYR C 175 7.39 -17.51 -22.71
C TYR C 175 7.40 -18.24 -21.37
N SER C 176 7.03 -17.54 -20.30
CA SER C 176 7.02 -18.12 -18.95
C SER C 176 5.78 -18.96 -18.69
N GLY C 177 4.65 -18.56 -19.28
CA GLY C 177 3.38 -19.23 -19.06
C GLY C 177 2.80 -18.98 -17.68
N ARG C 178 3.34 -17.99 -16.98
CA ARG C 178 2.90 -17.65 -15.64
C ARG C 178 2.42 -16.21 -15.54
N VAL C 179 1.53 -15.95 -14.60
CA VAL C 179 1.08 -14.60 -14.29
C VAL C 179 1.28 -14.36 -12.80
N VAL C 180 1.88 -13.22 -12.47
CA VAL C 180 2.14 -12.83 -11.08
C VAL C 180 0.86 -12.86 -10.24
N ARG C 181 1.00 -13.23 -8.98
CA ARG C 181 -0.13 -13.38 -8.05
C ARG C 181 -1.16 -12.25 -8.13
N HIS C 182 -0.67 -11.01 -8.17
CA HIS C 182 -1.53 -9.83 -8.21
C HIS C 182 -2.53 -9.83 -9.38
N PHE C 183 -2.11 -10.36 -10.52
CA PHE C 183 -2.97 -10.38 -11.71
C PHE C 183 -3.61 -11.74 -12.00
N LYS C 184 -3.33 -12.73 -11.16
CA LYS C 184 -3.97 -14.04 -11.29
C LYS C 184 -5.45 -13.93 -10.94
N GLY C 185 -6.29 -14.33 -11.88
CA GLY C 185 -7.74 -14.23 -11.72
C GLY C 185 -8.30 -12.82 -11.87
N SER C 186 -7.46 -11.90 -12.34
CA SER C 186 -7.84 -10.48 -12.44
C SER C 186 -8.86 -10.21 -13.55
N MET C 187 -8.74 -10.89 -14.68
CA MET C 187 -9.67 -10.71 -15.79
C MET C 187 -11.10 -11.06 -15.39
N GLU C 188 -11.26 -12.18 -14.70
CA GLU C 188 -12.57 -12.61 -14.18
C GLU C 188 -13.16 -11.58 -13.22
N GLU C 189 -12.30 -10.97 -12.41
CA GLU C 189 -12.71 -9.93 -11.48
C GLU C 189 -13.20 -8.68 -12.22
N TRP C 190 -12.44 -8.22 -13.21
CA TRP C 190 -12.84 -7.07 -14.03
C TRP C 190 -14.14 -7.37 -14.78
N GLN C 191 -14.27 -8.59 -15.30
CA GLN C 191 -15.48 -9.03 -16.00
C GLN C 191 -16.71 -8.92 -15.12
N ALA C 192 -16.60 -9.41 -13.88
CA ALA C 192 -17.69 -9.35 -12.91
C ALA C 192 -18.04 -7.91 -12.53
N MET C 193 -17.05 -7.02 -12.62
CA MET C 193 -17.22 -5.61 -12.30
C MET C 193 -17.75 -4.79 -13.48
N GLY C 194 -18.00 -5.45 -14.60
CA GLY C 194 -18.57 -4.80 -15.77
C GLY C 194 -17.58 -4.05 -16.65
N VAL C 195 -16.29 -4.27 -16.41
CA VAL C 195 -15.23 -3.66 -17.22
C VAL C 195 -15.32 -4.23 -18.64
N MET C 196 -15.32 -3.34 -19.63
CA MET C 196 -15.58 -3.72 -21.03
C MET C 196 -14.38 -4.37 -21.70
N ASN C 197 -13.20 -3.84 -21.45
CA ASN C 197 -12.04 -4.10 -22.31
C ASN C 197 -10.67 -3.78 -21.70
N TYR C 198 -9.63 -4.23 -22.40
CA TYR C 198 -8.24 -3.92 -22.07
C TYR C 198 -7.63 -3.03 -23.15
N GLU C 199 -6.95 -1.97 -22.72
CA GLU C 199 -5.98 -1.28 -23.58
C GLU C 199 -4.82 -0.76 -22.72
N MET C 200 -3.95 0.09 -23.28
CA MET C 200 -2.67 0.36 -22.63
C MET C 200 -2.29 1.83 -22.37
N GLU C 201 -3.18 2.77 -22.67
CA GLU C 201 -2.83 4.19 -22.55
C GLU C 201 -3.82 5.08 -21.82
N SER C 202 -5.08 4.64 -21.74
CA SER C 202 -6.17 5.50 -21.25
C SER C 202 -6.02 5.96 -19.79
N ALA C 203 -5.56 5.07 -18.91
CA ALA C 203 -5.37 5.43 -17.50
C ALA C 203 -4.41 6.61 -17.35
N THR C 204 -3.29 6.54 -18.06
CA THR C 204 -2.30 7.62 -18.04
C THR C 204 -2.88 8.91 -18.63
N LEU C 205 -3.42 8.80 -19.84
CA LEU C 205 -4.00 9.96 -20.54
C LEU C 205 -5.09 10.63 -19.71
N LEU C 206 -6.07 9.86 -19.26
CA LEU C 206 -7.22 10.41 -18.55
C LEU C 206 -6.85 11.02 -17.19
N THR C 207 -5.95 10.36 -16.46
CA THR C 207 -5.48 10.86 -15.16
C THR C 207 -4.71 12.16 -15.32
N MET C 208 -3.73 12.18 -16.23
CA MET C 208 -2.88 13.34 -16.41
C MET C 208 -3.63 14.56 -16.96
N CYS C 209 -4.68 14.33 -17.74
CA CYS C 209 -5.50 15.43 -18.26
C CYS C 209 -6.50 15.94 -17.22
N ALA C 210 -7.19 15.02 -16.54
CA ALA C 210 -8.20 15.38 -15.54
C ALA C 210 -7.61 16.09 -14.33
N SER C 211 -6.33 15.84 -14.04
CA SER C 211 -5.65 16.44 -12.89
C SER C 211 -4.83 17.68 -13.27
N GLN C 212 -4.90 18.10 -14.53
CA GLN C 212 -4.14 19.26 -15.01
C GLN C 212 -4.99 20.24 -15.81
N GLY C 213 -6.30 20.08 -15.74
CA GLY C 213 -7.23 20.99 -16.41
C GLY C 213 -7.27 20.83 -17.92
N LEU C 214 -6.94 19.64 -18.41
CA LEU C 214 -6.99 19.33 -19.84
C LEU C 214 -8.15 18.39 -20.12
N ARG C 215 -8.80 18.58 -21.26
CA ARG C 215 -9.93 17.74 -21.65
C ARG C 215 -9.45 16.51 -22.42
N ALA C 216 -9.93 15.34 -22.03
CA ALA C 216 -9.56 14.09 -22.69
C ALA C 216 -10.74 13.16 -22.93
N GLY C 217 -10.73 12.52 -24.09
CA GLY C 217 -11.71 11.53 -24.46
C GLY C 217 -11.03 10.27 -24.98
N MET C 218 -11.72 9.14 -24.85
CA MET C 218 -11.15 7.85 -25.22
C MET C 218 -12.14 6.98 -25.99
N VAL C 219 -11.72 6.56 -27.18
CA VAL C 219 -12.51 5.68 -28.04
C VAL C 219 -11.64 4.57 -28.61
N ALA C 220 -12.21 3.37 -28.75
CA ALA C 220 -11.46 2.22 -29.25
C ALA C 220 -12.33 1.25 -30.06
N GLY C 221 -11.72 0.65 -31.08
CA GLY C 221 -12.37 -0.36 -31.88
C GLY C 221 -11.99 -1.76 -31.43
N VAL C 222 -12.99 -2.61 -31.26
CA VAL C 222 -12.78 -3.98 -30.81
C VAL C 222 -12.29 -4.85 -31.96
N ILE C 223 -11.06 -5.35 -31.84
CA ILE C 223 -10.50 -6.24 -32.86
C ILE C 223 -10.39 -7.69 -32.35
N VAL C 224 -10.59 -7.86 -31.05
CA VAL C 224 -10.64 -9.18 -30.43
C VAL C 224 -11.56 -9.22 -29.20
N ASN C 225 -12.28 -10.33 -29.04
CA ASN C 225 -13.00 -10.61 -27.81
C ASN C 225 -12.35 -11.80 -27.12
N ARG C 226 -11.89 -11.58 -25.90
CA ARG C 226 -11.11 -12.57 -25.16
C ARG C 226 -11.89 -13.81 -24.73
N THR C 227 -13.22 -13.75 -24.78
CA THR C 227 -14.07 -14.87 -24.37
C THR C 227 -14.38 -15.84 -25.52
N GLN C 228 -13.95 -15.51 -26.74
CA GLN C 228 -14.25 -16.35 -27.90
C GLN C 228 -13.04 -16.68 -28.78
N GLN C 229 -12.21 -15.69 -29.08
CA GLN C 229 -11.04 -15.88 -29.96
C GLN C 229 -9.87 -14.95 -29.61
N GLU C 230 -8.66 -15.36 -29.98
CA GLU C 230 -7.46 -14.58 -29.68
C GLU C 230 -6.78 -13.98 -30.92
N ILE C 231 -6.93 -14.65 -32.07
CA ILE C 231 -6.28 -14.23 -33.30
C ILE C 231 -7.19 -13.36 -34.18
N PRO C 232 -6.89 -12.06 -34.27
CA PRO C 232 -7.68 -11.14 -35.09
C PRO C 232 -7.41 -11.32 -36.58
N ASN C 233 -8.42 -11.04 -37.40
CA ASN C 233 -8.28 -11.13 -38.85
C ASN C 233 -7.84 -9.80 -39.46
N ALA C 234 -6.84 -9.86 -40.34
CA ALA C 234 -6.25 -8.66 -40.96
C ALA C 234 -7.09 -8.13 -42.13
N GLU C 235 -8.37 -7.88 -41.84
CA GLU C 235 -9.30 -7.27 -42.79
C GLU C 235 -10.36 -6.54 -41.98
N THR C 236 -10.88 -7.23 -40.96
CA THR C 236 -11.77 -6.64 -39.98
C THR C 236 -11.00 -5.61 -39.16
N MET C 237 -9.74 -5.92 -38.88
CA MET C 237 -8.82 -5.03 -38.16
C MET C 237 -8.71 -3.65 -38.85
N LYS C 238 -8.55 -3.67 -40.17
CA LYS C 238 -8.45 -2.45 -40.96
C LYS C 238 -9.78 -1.70 -41.01
N GLN C 239 -10.88 -2.45 -41.12
CA GLN C 239 -12.22 -1.90 -41.16
C GLN C 239 -12.64 -1.30 -39.81
N THR C 240 -12.34 -2.00 -38.73
CA THR C 240 -12.62 -1.53 -37.37
C THR C 240 -11.86 -0.24 -37.07
N GLU C 241 -10.59 -0.21 -37.45
CA GLU C 241 -9.74 0.97 -37.31
C GLU C 241 -10.32 2.16 -38.07
N SER C 242 -10.71 1.93 -39.32
CA SER C 242 -11.33 2.95 -40.17
C SER C 242 -12.62 3.47 -39.55
N HIS C 243 -13.44 2.56 -39.03
CA HIS C 243 -14.69 2.88 -38.36
C HIS C 243 -14.47 3.76 -37.13
N ALA C 244 -13.44 3.44 -36.36
CA ALA C 244 -13.08 4.20 -35.16
C ALA C 244 -12.49 5.57 -35.50
N VAL C 245 -11.69 5.62 -36.57
CA VAL C 245 -11.06 6.85 -37.04
C VAL C 245 -12.12 7.88 -37.47
N LYS C 246 -13.17 7.41 -38.15
CA LYS C 246 -14.27 8.27 -38.58
C LYS C 246 -15.05 8.85 -37.39
N ILE C 247 -15.17 8.06 -36.33
CA ILE C 247 -15.89 8.49 -35.12
C ILE C 247 -15.10 9.56 -34.35
N VAL C 248 -13.80 9.36 -34.22
CA VAL C 248 -12.95 10.32 -33.49
C VAL C 248 -12.84 11.67 -34.21
N VAL C 249 -12.82 11.63 -35.54
CA VAL C 249 -12.76 12.83 -36.37
C VAL C 249 -14.07 13.63 -36.25
N GLU C 250 -15.19 12.92 -36.30
CA GLU C 250 -16.51 13.52 -36.14
C GLU C 250 -16.71 14.11 -34.74
N ALA C 251 -16.17 13.43 -33.73
CA ALA C 251 -16.21 13.94 -32.35
C ALA C 251 -15.37 15.20 -32.19
N ALA C 252 -14.23 15.23 -32.88
CA ALA C 252 -13.34 16.39 -32.88
C ALA C 252 -14.04 17.62 -33.46
N ARG C 253 -14.85 17.42 -34.49
CA ARG C 253 -15.67 18.48 -35.10
C ARG C 253 -16.58 19.14 -34.08
N ARG C 254 -17.10 18.34 -33.15
CA ARG C 254 -18.06 18.80 -32.14
C ARG C 254 -17.40 19.54 -30.99
N LEU C 255 -16.08 19.37 -30.85
CA LEU C 255 -15.34 19.93 -29.72
C LEU C 255 -14.50 21.17 -30.05
N LEU C 256 -14.59 21.63 -31.30
CA LEU C 256 -13.83 22.80 -31.74
C LEU C 256 -14.45 24.10 -31.22
N SER D 7 4.30 -13.91 -39.47
CA SER D 7 4.90 -13.56 -38.16
C SER D 7 4.50 -14.55 -37.07
N ASP D 8 5.44 -14.86 -36.19
CA ASP D 8 5.22 -15.77 -35.08
C ASP D 8 4.75 -15.03 -33.83
N VAL D 9 4.86 -13.71 -33.85
CA VAL D 9 4.52 -12.87 -32.70
C VAL D 9 3.53 -11.76 -33.05
N PHE D 10 2.93 -11.16 -32.02
CA PHE D 10 1.83 -10.21 -32.18
C PHE D 10 2.24 -8.83 -32.69
N HIS D 11 3.44 -8.37 -32.33
CA HIS D 11 3.84 -6.98 -32.61
C HIS D 11 5.10 -6.80 -33.46
N LEU D 12 6.12 -7.65 -33.24
CA LEU D 12 7.44 -7.44 -33.83
C LEU D 12 7.53 -7.74 -35.34
N GLY D 13 6.64 -8.59 -35.83
CA GLY D 13 6.65 -8.99 -37.23
C GLY D 13 7.82 -9.91 -37.59
N LEU D 14 8.16 -10.81 -36.67
CA LEU D 14 9.28 -11.72 -36.87
C LEU D 14 8.88 -13.18 -36.68
N THR D 15 9.57 -14.07 -37.39
CA THR D 15 9.47 -15.50 -37.17
C THR D 15 10.74 -16.00 -36.48
N LYS D 16 10.69 -17.22 -35.95
CA LYS D 16 11.85 -17.87 -35.35
C LYS D 16 13.00 -17.98 -36.36
N ASN D 17 12.65 -18.28 -37.61
CA ASN D 17 13.61 -18.41 -38.69
C ASN D 17 14.37 -17.12 -39.02
N ASP D 18 13.68 -15.99 -38.89
CA ASP D 18 14.29 -14.66 -39.09
C ASP D 18 15.50 -14.44 -38.20
N LEU D 19 15.49 -15.06 -37.03
CA LEU D 19 16.53 -14.88 -36.02
C LEU D 19 17.77 -15.72 -36.29
N GLN D 20 17.59 -16.82 -37.02
CA GLN D 20 18.69 -17.71 -37.41
C GLN D 20 19.45 -18.31 -36.21
N GLY D 21 18.73 -18.56 -35.13
CA GLY D 21 19.31 -19.18 -33.93
C GLY D 21 19.92 -18.20 -32.94
N ALA D 22 19.66 -16.91 -33.14
CA ALA D 22 20.16 -15.87 -32.24
C ALA D 22 19.55 -16.02 -30.84
N THR D 23 20.38 -15.86 -29.82
CA THR D 23 19.94 -15.96 -28.43
C THR D 23 20.20 -14.66 -27.65
N LEU D 24 20.88 -13.72 -28.29
CA LEU D 24 21.19 -12.43 -27.67
C LEU D 24 20.60 -11.28 -28.47
N ALA D 25 20.04 -10.31 -27.75
CA ALA D 25 19.50 -9.09 -28.36
C ALA D 25 19.99 -7.83 -27.67
N ILE D 26 20.47 -6.89 -28.48
CA ILE D 26 20.76 -5.54 -28.00
C ILE D 26 19.48 -4.73 -28.18
N VAL D 27 19.02 -4.09 -27.12
CA VAL D 27 17.72 -3.42 -27.15
C VAL D 27 17.76 -1.92 -26.80
N PRO D 28 17.95 -1.08 -27.82
CA PRO D 28 17.86 0.38 -27.64
C PRO D 28 16.41 0.84 -27.54
N GLY D 29 16.19 2.04 -27.00
CA GLY D 29 14.87 2.62 -26.93
C GLY D 29 14.44 3.25 -28.24
N ASP D 30 15.39 3.90 -28.91
CA ASP D 30 15.15 4.62 -30.15
C ASP D 30 15.24 3.69 -31.37
N PRO D 31 14.16 3.57 -32.14
CA PRO D 31 14.17 2.79 -33.39
C PRO D 31 15.23 3.22 -34.40
N ASP D 32 15.66 4.48 -34.36
CA ASP D 32 16.70 4.98 -35.28
C ASP D 32 18.09 4.51 -34.89
N ARG D 33 18.25 4.13 -33.62
CA ARG D 33 19.53 3.62 -33.10
C ARG D 33 19.82 2.20 -33.60
N VAL D 34 18.78 1.49 -34.04
CA VAL D 34 18.86 0.07 -34.41
C VAL D 34 19.88 -0.21 -35.53
N GLU D 35 19.75 0.51 -36.65
CA GLU D 35 20.67 0.35 -37.78
C GLU D 35 22.11 0.75 -37.39
N LYS D 36 22.23 1.82 -36.61
CA LYS D 36 23.51 2.32 -36.13
C LYS D 36 24.29 1.26 -35.34
N ILE D 37 23.59 0.53 -34.48
CA ILE D 37 24.18 -0.55 -33.69
C ILE D 37 24.54 -1.74 -34.59
N ALA D 38 23.59 -2.15 -35.44
CA ALA D 38 23.80 -3.27 -36.36
C ALA D 38 24.96 -3.05 -37.33
N ALA D 39 25.19 -1.79 -37.69
CA ALA D 39 26.28 -1.41 -38.60
C ALA D 39 27.67 -1.64 -38.01
N LEU D 40 27.74 -1.67 -36.67
CA LEU D 40 28.99 -1.94 -35.97
C LEU D 40 29.42 -3.41 -36.06
N MET D 41 28.47 -4.27 -36.43
CA MET D 41 28.70 -5.70 -36.50
C MET D 41 28.74 -6.21 -37.95
N ASP D 42 29.00 -7.51 -38.11
CA ASP D 42 29.11 -8.13 -39.43
C ASP D 42 27.75 -8.44 -40.04
N LYS D 43 27.70 -8.39 -41.37
CA LYS D 43 26.50 -8.72 -42.15
C LYS D 43 25.18 -8.20 -41.56
N PRO D 44 25.02 -6.87 -41.49
CA PRO D 44 23.78 -6.28 -40.99
C PRO D 44 22.63 -6.40 -41.99
N VAL D 45 21.46 -6.81 -41.51
CA VAL D 45 20.27 -7.01 -42.35
C VAL D 45 19.02 -6.53 -41.62
N LYS D 46 18.20 -5.73 -42.30
CA LYS D 46 16.92 -5.29 -41.76
C LYS D 46 15.91 -6.44 -41.78
N LEU D 47 15.24 -6.65 -40.66
CA LEU D 47 14.26 -7.73 -40.55
C LEU D 47 12.82 -7.23 -40.62
N ALA D 48 12.49 -6.24 -39.78
CA ALA D 48 11.12 -5.73 -39.70
C ALA D 48 11.05 -4.35 -39.05
N SER D 49 9.96 -3.65 -39.32
CA SER D 49 9.65 -2.40 -38.64
C SER D 49 8.14 -2.24 -38.50
N HIS D 50 7.65 -2.34 -37.27
CA HIS D 50 6.23 -2.16 -36.98
C HIS D 50 6.10 -1.35 -35.69
N ARG D 51 5.33 -0.27 -35.78
CA ARG D 51 5.19 0.68 -34.67
C ARG D 51 6.57 1.15 -34.20
N GLU D 52 6.84 1.13 -32.90
CA GLU D 52 8.14 1.56 -32.37
C GLU D 52 9.19 0.46 -32.39
N PHE D 53 8.84 -0.70 -32.97
CA PHE D 53 9.71 -1.86 -32.96
C PHE D 53 10.41 -2.08 -34.31
N THR D 54 11.66 -1.64 -34.38
CA THR D 54 12.51 -1.88 -35.54
C THR D 54 13.53 -2.95 -35.18
N THR D 55 13.61 -3.98 -36.02
CA THR D 55 14.52 -5.09 -35.77
C THR D 55 15.54 -5.28 -36.89
N TRP D 56 16.80 -5.42 -36.51
CA TRP D 56 17.88 -5.75 -37.42
C TRP D 56 18.61 -7.00 -36.93
N ARG D 57 19.10 -7.80 -37.87
CA ARG D 57 19.93 -8.95 -37.54
C ARG D 57 21.35 -8.70 -38.04
N ALA D 58 22.33 -9.09 -37.24
CA ALA D 58 23.74 -8.98 -37.62
C ALA D 58 24.53 -10.18 -37.09
N GLU D 59 25.84 -10.16 -37.32
CA GLU D 59 26.71 -11.23 -36.88
C GLU D 59 27.86 -10.70 -36.01
N LEU D 60 28.19 -11.46 -34.98
CA LEU D 60 29.26 -11.10 -34.05
C LEU D 60 30.10 -12.33 -33.76
N ASP D 61 31.35 -12.32 -34.25
CA ASP D 61 32.27 -13.46 -34.17
C ASP D 61 31.67 -14.75 -34.75
N GLY D 62 30.95 -14.61 -35.87
CA GLY D 62 30.32 -15.73 -36.54
C GLY D 62 29.01 -16.19 -35.91
N LYS D 63 28.50 -15.41 -34.96
CA LYS D 63 27.26 -15.76 -34.25
C LYS D 63 26.17 -14.71 -34.48
N PRO D 64 24.96 -15.16 -34.82
CA PRO D 64 23.83 -14.26 -35.09
C PRO D 64 23.37 -13.49 -33.84
N VAL D 65 23.15 -12.18 -34.01
CA VAL D 65 22.74 -11.29 -32.92
C VAL D 65 21.59 -10.41 -33.40
N ILE D 66 20.68 -10.09 -32.48
CA ILE D 66 19.51 -9.26 -32.80
C ILE D 66 19.65 -7.86 -32.20
N VAL D 67 19.27 -6.85 -32.97
CA VAL D 67 19.08 -5.50 -32.45
C VAL D 67 17.62 -5.13 -32.63
N CYS D 68 16.95 -4.75 -31.54
CA CYS D 68 15.52 -4.46 -31.57
C CYS D 68 15.15 -3.29 -30.65
N SER D 69 14.45 -2.30 -31.21
CA SER D 69 14.02 -1.15 -30.42
C SER D 69 12.83 -1.46 -29.53
N THR D 70 12.84 -0.87 -28.33
CA THR D 70 11.77 -1.08 -27.36
C THR D 70 10.76 0.07 -27.38
N GLY D 71 11.19 1.24 -27.84
CA GLY D 71 10.44 2.46 -27.63
C GLY D 71 10.67 2.96 -26.22
N ILE D 72 10.09 4.11 -25.89
CA ILE D 72 10.21 4.68 -24.56
C ILE D 72 9.21 4.01 -23.61
N GLY D 73 9.71 3.54 -22.47
CA GLY D 73 8.85 3.08 -21.40
C GLY D 73 8.74 1.57 -21.25
N GLY D 74 8.36 1.17 -20.05
CA GLY D 74 8.19 -0.24 -19.71
C GLY D 74 7.17 -1.04 -20.51
N PRO D 75 5.99 -0.49 -20.79
CA PRO D 75 4.97 -1.17 -21.59
C PRO D 75 5.42 -1.67 -22.96
N SER D 76 5.97 -0.81 -23.81
CA SER D 76 6.45 -1.27 -25.11
C SER D 76 7.69 -2.15 -24.95
N THR D 77 8.50 -1.87 -23.94
CA THR D 77 9.65 -2.70 -23.59
C THR D 77 9.20 -4.12 -23.26
N SER D 78 8.15 -4.24 -22.44
CA SER D 78 7.64 -5.55 -22.02
C SER D 78 7.14 -6.39 -23.20
N ILE D 79 6.55 -5.72 -24.19
CA ILE D 79 6.09 -6.39 -25.41
C ILE D 79 7.27 -6.92 -26.23
N ALA D 80 8.24 -6.04 -26.47
CA ALA D 80 9.43 -6.40 -27.26
C ALA D 80 10.19 -7.56 -26.63
N VAL D 81 10.45 -7.45 -25.33
CA VAL D 81 11.23 -8.46 -24.61
C VAL D 81 10.51 -9.81 -24.58
N GLU D 82 9.20 -9.77 -24.29
CA GLU D 82 8.38 -10.98 -24.27
C GLU D 82 8.39 -11.70 -25.61
N GLU D 83 8.18 -10.94 -26.69
CA GLU D 83 8.10 -11.51 -28.03
C GLU D 83 9.45 -11.98 -28.56
N LEU D 84 10.52 -11.28 -28.18
CA LEU D 84 11.88 -11.74 -28.46
C LEU D 84 12.18 -13.04 -27.71
N ALA D 85 11.70 -13.14 -26.47
CA ALA D 85 11.86 -14.34 -25.66
C ALA D 85 11.14 -15.54 -26.28
N GLN D 86 9.96 -15.29 -26.84
CA GLN D 86 9.19 -16.30 -27.55
C GLN D 86 9.94 -16.81 -28.78
N LEU D 87 10.69 -15.91 -29.41
CA LEU D 87 11.43 -16.23 -30.63
C LEU D 87 12.80 -16.86 -30.36
N GLY D 88 13.21 -16.89 -29.08
CA GLY D 88 14.41 -17.60 -28.68
C GLY D 88 15.50 -16.79 -27.99
N ILE D 89 15.27 -15.49 -27.79
CA ILE D 89 16.26 -14.64 -27.12
C ILE D 89 16.32 -14.92 -25.62
N ARG D 90 17.53 -15.10 -25.10
CA ARG D 90 17.74 -15.42 -23.69
C ARG D 90 18.56 -14.35 -22.96
N THR D 91 19.28 -13.54 -23.73
CA THR D 91 20.10 -12.46 -23.17
C THR D 91 19.74 -11.11 -23.79
N PHE D 92 19.48 -10.14 -22.93
CA PHE D 92 19.06 -8.80 -23.35
C PHE D 92 20.05 -7.75 -22.83
N LEU D 93 20.58 -6.95 -23.73
CA LEU D 93 21.46 -5.84 -23.34
C LEU D 93 20.84 -4.51 -23.76
N ARG D 94 20.46 -3.70 -22.77
CA ARG D 94 19.90 -2.39 -23.05
C ARG D 94 21.00 -1.33 -23.11
N ILE D 95 20.98 -0.56 -24.20
CA ILE D 95 21.78 0.64 -24.32
C ILE D 95 20.84 1.85 -24.43
N GLY D 96 21.01 2.80 -23.51
CA GLY D 96 20.12 3.95 -23.46
C GLY D 96 20.81 5.28 -23.26
N THR D 97 19.98 6.32 -23.15
CA THR D 97 20.43 7.66 -22.78
C THR D 97 19.99 7.91 -21.35
N THR D 98 20.64 8.84 -20.67
CA THR D 98 20.31 9.11 -19.26
C THR D 98 20.66 10.52 -18.79
N GLY D 99 19.94 10.95 -17.76
CA GLY D 99 20.25 12.19 -17.06
C GLY D 99 20.82 11.86 -15.69
N ALA D 100 22.07 12.23 -15.46
CA ALA D 100 22.74 11.97 -14.18
C ALA D 100 22.26 12.95 -13.10
N ILE D 101 22.21 12.47 -11.87
CA ILE D 101 21.77 13.31 -10.75
C ILE D 101 22.83 13.48 -9.67
N GLN D 102 24.00 12.88 -9.89
CA GLN D 102 25.14 13.05 -8.98
C GLN D 102 26.13 14.08 -9.56
N PRO D 103 26.63 14.97 -8.71
CA PRO D 103 27.54 16.03 -9.14
C PRO D 103 28.87 15.52 -9.73
N HIS D 104 29.34 14.36 -9.28
CA HIS D 104 30.63 13.83 -9.72
C HIS D 104 30.58 13.12 -11.08
N ILE D 105 29.37 12.83 -11.56
CA ILE D 105 29.20 12.21 -12.87
C ILE D 105 29.05 13.30 -13.94
N ASN D 106 29.90 13.25 -14.96
CA ASN D 106 29.91 14.26 -16.01
C ASN D 106 29.18 13.80 -17.27
N VAL D 107 28.83 14.77 -18.12
CA VAL D 107 28.26 14.48 -19.44
C VAL D 107 29.31 13.75 -20.27
N GLY D 108 28.89 12.65 -20.91
CA GLY D 108 29.78 11.83 -21.69
C GLY D 108 30.20 10.56 -20.95
N ASP D 109 29.94 10.52 -19.64
CA ASP D 109 30.26 9.36 -18.82
C ASP D 109 29.34 8.19 -19.15
N VAL D 110 29.80 6.98 -18.84
CA VAL D 110 29.05 5.77 -19.11
C VAL D 110 28.61 5.14 -17.78
N LEU D 111 27.34 4.80 -17.68
CA LEU D 111 26.80 4.21 -16.45
C LEU D 111 26.32 2.79 -16.66
N VAL D 112 26.83 1.88 -15.84
CA VAL D 112 26.37 0.50 -15.82
C VAL D 112 25.49 0.29 -14.59
N THR D 113 24.28 -0.20 -14.82
CA THR D 113 23.28 -0.37 -13.77
C THR D 113 23.34 -1.77 -13.16
N THR D 114 23.57 -1.82 -11.85
CA THR D 114 23.52 -3.08 -11.10
C THR D 114 22.07 -3.45 -10.81
N ALA D 115 21.28 -2.45 -10.46
CA ALA D 115 19.86 -2.62 -10.16
C ALA D 115 19.13 -1.29 -10.20
N SER D 116 17.81 -1.32 -10.33
CA SER D 116 17.03 -0.11 -10.52
C SER D 116 15.98 0.15 -9.44
N VAL D 117 15.81 1.43 -9.11
CA VAL D 117 14.66 1.87 -8.31
C VAL D 117 13.43 1.78 -9.21
N ARG D 118 12.42 1.06 -8.74
CA ARG D 118 11.24 0.75 -9.55
C ARG D 118 10.18 1.83 -9.44
N LEU D 119 10.33 2.88 -10.26
CA LEU D 119 9.34 3.96 -10.35
C LEU D 119 8.45 3.76 -11.57
N ASP D 120 8.22 2.49 -11.90
CA ASP D 120 7.43 2.11 -13.07
C ASP D 120 6.22 1.25 -12.68
N GLY D 121 5.36 0.96 -13.64
CA GLY D 121 4.22 0.11 -13.40
C GLY D 121 4.36 -1.30 -13.94
N ALA D 122 5.04 -1.43 -15.08
CA ALA D 122 5.15 -2.72 -15.78
C ALA D 122 5.90 -3.80 -14.98
N SER D 123 6.92 -3.40 -14.21
CA SER D 123 7.67 -4.35 -13.40
C SER D 123 6.77 -5.11 -12.41
N LEU D 124 5.76 -4.42 -11.88
CA LEU D 124 4.80 -5.00 -10.96
C LEU D 124 3.93 -6.10 -11.59
N HIS D 125 3.87 -6.11 -12.92
CA HIS D 125 3.10 -7.11 -13.66
C HIS D 125 3.88 -8.43 -13.79
N PHE D 126 5.13 -8.43 -13.32
CA PHE D 126 5.98 -9.62 -13.36
C PHE D 126 6.41 -10.09 -11.98
N ALA D 127 6.59 -9.13 -11.07
CA ALA D 127 7.01 -9.43 -9.70
C ALA D 127 6.56 -8.30 -8.77
N PRO D 128 6.21 -8.64 -7.52
CA PRO D 128 5.81 -7.63 -6.53
C PRO D 128 6.97 -6.68 -6.24
N LEU D 129 6.66 -5.50 -5.70
CA LEU D 129 7.64 -4.42 -5.53
C LEU D 129 8.89 -4.82 -4.75
N GLU D 130 8.73 -5.73 -3.79
CA GLU D 130 9.83 -6.21 -2.95
C GLU D 130 10.93 -6.96 -3.71
N PHE D 131 10.58 -7.48 -4.89
CA PHE D 131 11.55 -8.14 -5.77
C PHE D 131 12.49 -7.09 -6.39
N PRO D 132 13.80 -7.35 -6.33
CA PRO D 132 14.79 -6.39 -6.81
C PRO D 132 14.88 -6.36 -8.34
N ALA D 133 14.84 -5.16 -8.91
CA ALA D 133 15.06 -4.96 -10.34
C ALA D 133 16.56 -5.06 -10.62
N VAL D 134 17.10 -6.27 -10.46
CA VAL D 134 18.55 -6.49 -10.51
C VAL D 134 19.01 -7.01 -11.88
N ALA D 135 20.14 -6.49 -12.33
CA ALA D 135 20.77 -6.95 -13.57
C ALA D 135 21.48 -8.27 -13.36
N ASP D 136 21.59 -9.04 -14.44
CA ASP D 136 22.34 -10.29 -14.43
C ASP D 136 23.83 -10.03 -14.21
N PHE D 137 24.45 -10.83 -13.34
CA PHE D 137 25.85 -10.64 -12.94
C PHE D 137 26.83 -10.76 -14.10
N GLU D 138 26.60 -11.73 -14.98
CA GLU D 138 27.47 -11.95 -16.14
C GLU D 138 27.37 -10.79 -17.14
N CYS D 139 26.16 -10.29 -17.34
CA CYS D 139 25.90 -9.17 -18.23
C CYS D 139 26.53 -7.88 -17.70
N THR D 140 26.37 -7.65 -16.39
CA THR D 140 26.95 -6.49 -15.72
C THR D 140 28.48 -6.53 -15.80
N THR D 141 29.05 -7.71 -15.54
CA THR D 141 30.50 -7.91 -15.64
C THR D 141 31.01 -7.60 -17.04
N ALA D 142 30.32 -8.14 -18.04
CA ALA D 142 30.69 -7.94 -19.44
C ALA D 142 30.67 -6.48 -19.86
N LEU D 143 29.68 -5.74 -19.36
CA LEU D 143 29.53 -4.31 -19.65
C LEU D 143 30.64 -3.48 -18.99
N VAL D 144 30.95 -3.80 -17.73
CA VAL D 144 32.02 -3.13 -17.00
C VAL D 144 33.38 -3.41 -17.66
N GLU D 145 33.60 -4.65 -18.07
CA GLU D 145 34.84 -5.04 -18.76
C GLU D 145 34.94 -4.40 -20.15
N ALA D 146 33.81 -4.31 -20.84
CA ALA D 146 33.75 -3.68 -22.16
C ALA D 146 34.04 -2.17 -22.09
N ALA D 147 33.52 -1.53 -21.06
CA ALA D 147 33.76 -0.10 -20.81
C ALA D 147 35.24 0.16 -20.52
N LYS D 148 35.87 -0.74 -19.79
CA LYS D 148 37.30 -0.66 -19.49
C LYS D 148 38.14 -1.01 -20.71
N SER D 149 37.60 -1.85 -21.59
CA SER D 149 38.28 -2.29 -22.81
C SER D 149 38.45 -1.15 -23.83
N ILE D 150 37.35 -0.47 -24.15
CA ILE D 150 37.38 0.62 -25.12
C ILE D 150 37.80 1.96 -24.49
N GLY D 151 37.82 2.01 -23.16
CA GLY D 151 38.24 3.18 -22.43
C GLY D 151 37.11 4.20 -22.28
N ALA D 152 36.59 4.30 -21.07
CA ALA D 152 35.52 5.24 -20.75
C ALA D 152 35.52 5.60 -19.26
N THR D 153 35.01 6.77 -18.93
CA THR D 153 34.75 7.15 -17.54
C THR D 153 33.45 6.48 -17.11
N THR D 154 33.58 5.42 -16.31
CA THR D 154 32.45 4.57 -15.96
C THR D 154 32.09 4.64 -14.48
N HIS D 155 30.78 4.67 -14.22
CA HIS D 155 30.26 4.57 -12.86
C HIS D 155 29.28 3.40 -12.78
N VAL D 156 29.42 2.61 -11.72
CA VAL D 156 28.58 1.43 -11.52
C VAL D 156 27.71 1.61 -10.28
N GLY D 157 26.40 1.39 -10.42
CA GLY D 157 25.49 1.54 -9.30
C GLY D 157 24.01 1.50 -9.65
N VAL D 158 23.23 2.16 -8.79
CA VAL D 158 21.77 2.12 -8.87
C VAL D 158 21.20 3.22 -9.76
N THR D 159 20.17 2.85 -10.53
CA THR D 159 19.48 3.76 -11.44
C THR D 159 18.02 3.91 -11.04
N ALA D 160 17.50 5.13 -11.10
CA ALA D 160 16.07 5.36 -10.88
C ALA D 160 15.34 5.26 -12.22
N SER D 161 14.45 4.28 -12.34
CA SER D 161 13.75 4.01 -13.60
C SER D 161 12.30 4.44 -13.51
N SER D 162 11.97 5.52 -14.22
CA SER D 162 10.70 6.23 -14.06
C SER D 162 9.75 6.03 -15.24
N ASP D 163 8.45 5.93 -14.93
CA ASP D 163 7.42 5.83 -15.96
C ASP D 163 7.13 7.17 -16.64
N THR D 164 7.67 8.27 -16.11
CA THR D 164 7.56 9.56 -16.79
C THR D 164 8.92 10.23 -16.95
N PHE D 165 9.01 11.11 -17.94
CA PHE D 165 10.20 11.93 -18.18
C PHE D 165 10.19 13.16 -17.28
N TYR D 166 9.00 13.66 -16.96
CA TYR D 166 8.85 14.93 -16.28
C TYR D 166 8.63 14.84 -14.75
N PRO D 167 7.40 14.58 -14.29
CA PRO D 167 7.12 14.60 -12.84
C PRO D 167 7.88 13.53 -12.05
N GLY D 168 8.01 12.33 -12.61
CA GLY D 168 8.72 11.23 -11.95
C GLY D 168 10.22 11.45 -11.85
N GLN D 169 10.72 12.39 -12.63
CA GLN D 169 12.13 12.79 -12.56
C GLN D 169 12.23 14.20 -11.96
N GLU D 170 11.15 14.60 -11.29
CA GLU D 170 11.00 15.91 -10.66
C GLU D 170 11.42 17.11 -11.52
N ARG D 171 10.88 17.14 -12.74
CA ARG D 171 11.02 18.30 -13.62
C ARG D 171 9.83 19.23 -13.37
N TYR D 172 10.12 20.51 -13.15
CA TYR D 172 9.09 21.52 -12.90
C TYR D 172 8.87 22.43 -14.11
N ASP D 173 9.76 22.32 -15.09
CA ASP D 173 9.68 23.09 -16.34
C ASP D 173 8.61 22.51 -17.27
N THR D 174 7.37 22.52 -16.80
CA THR D 174 6.26 21.84 -17.47
C THR D 174 5.04 22.73 -17.65
N TYR D 175 4.02 22.19 -18.32
CA TYR D 175 2.75 22.88 -18.50
C TYR D 175 2.10 23.27 -17.17
N SER D 176 2.00 22.31 -16.25
CA SER D 176 1.38 22.54 -14.95
C SER D 176 2.32 23.21 -13.95
N GLY D 177 3.61 22.90 -14.07
CA GLY D 177 4.61 23.42 -13.16
C GLY D 177 4.52 22.82 -11.77
N ARG D 178 3.78 21.71 -11.64
CA ARG D 178 3.61 21.02 -10.37
C ARG D 178 4.08 19.57 -10.43
N VAL D 179 4.47 19.05 -9.28
CA VAL D 179 4.83 17.64 -9.14
C VAL D 179 3.98 17.05 -8.02
N VAL D 180 3.36 15.90 -8.28
CA VAL D 180 2.54 15.20 -7.30
C VAL D 180 3.31 14.94 -6.01
N ARG D 181 2.60 15.00 -4.88
CA ARG D 181 3.19 14.85 -3.54
C ARG D 181 4.22 13.72 -3.44
N HIS D 182 3.87 12.55 -3.99
CA HIS D 182 4.73 11.38 -3.92
C HIS D 182 6.13 11.61 -4.48
N PHE D 183 6.24 12.43 -5.52
CA PHE D 183 7.52 12.68 -6.17
C PHE D 183 8.16 14.03 -5.80
N LYS D 184 7.47 14.81 -4.97
CA LYS D 184 8.01 16.06 -4.46
C LYS D 184 9.18 15.79 -3.53
N GLY D 185 10.34 16.35 -3.87
CA GLY D 185 11.58 16.13 -3.12
C GLY D 185 12.20 14.77 -3.35
N SER D 186 11.74 14.04 -4.36
CA SER D 186 12.20 12.67 -4.61
C SER D 186 13.62 12.60 -5.18
N MET D 187 13.97 13.57 -6.05
CA MET D 187 15.30 13.60 -6.63
C MET D 187 16.38 13.75 -5.56
N GLU D 188 16.16 14.66 -4.62
CA GLU D 188 17.08 14.88 -3.50
C GLU D 188 17.23 13.61 -2.65
N GLU D 189 16.14 12.87 -2.49
CA GLU D 189 16.15 11.61 -1.76
C GLU D 189 17.00 10.56 -2.48
N TRP D 190 16.78 10.40 -3.79
CA TRP D 190 17.57 9.46 -4.60
C TRP D 190 19.05 9.84 -4.60
N GLN D 191 19.32 11.14 -4.69
CA GLN D 191 20.69 11.68 -4.64
C GLN D 191 21.41 11.28 -3.36
N ALA D 192 20.73 11.46 -2.23
CA ALA D 192 21.28 11.10 -0.92
C ALA D 192 21.51 9.60 -0.79
N MET D 193 20.70 8.82 -1.52
CA MET D 193 20.80 7.36 -1.51
C MET D 193 21.85 6.81 -2.48
N GLY D 194 22.54 7.71 -3.20
CA GLY D 194 23.60 7.34 -4.11
C GLY D 194 23.14 6.88 -5.48
N VAL D 195 21.87 7.12 -5.80
CA VAL D 195 21.33 6.82 -7.12
C VAL D 195 22.02 7.69 -8.17
N MET D 196 22.51 7.07 -9.24
CA MET D 196 23.33 7.76 -10.22
C MET D 196 22.53 8.63 -11.18
N ASN D 197 21.37 8.13 -11.62
CA ASN D 197 20.71 8.65 -12.82
C ASN D 197 19.24 8.28 -12.98
N TYR D 198 18.60 8.95 -13.94
CA TYR D 198 17.23 8.65 -14.33
C TYR D 198 17.21 8.10 -15.76
N GLU D 199 16.47 7.00 -15.95
CA GLU D 199 16.02 6.60 -17.28
C GLU D 199 14.64 5.95 -17.20
N MET D 200 14.17 5.31 -18.27
CA MET D 200 12.75 4.98 -18.35
C MET D 200 12.37 3.53 -18.67
N GLU D 201 13.34 2.62 -18.74
CA GLU D 201 13.05 1.24 -19.14
C GLU D 201 13.67 0.14 -18.28
N SER D 202 14.74 0.47 -17.56
CA SER D 202 15.54 -0.55 -16.87
C SER D 202 14.78 -1.34 -15.79
N ALA D 203 13.93 -0.67 -15.01
CA ALA D 203 13.15 -1.34 -13.97
C ALA D 203 12.29 -2.46 -14.55
N THR D 204 11.60 -2.17 -15.64
CA THR D 204 10.77 -3.16 -16.33
C THR D 204 11.63 -4.29 -16.90
N LEU D 205 12.65 -3.92 -17.67
CA LEU D 205 13.53 -4.90 -18.30
C LEU D 205 14.19 -5.83 -17.29
N LEU D 206 14.83 -5.24 -16.27
CA LEU D 206 15.57 -6.02 -15.28
C LEU D 206 14.67 -6.92 -14.43
N THR D 207 13.50 -6.41 -14.03
CA THR D 207 12.54 -7.19 -13.24
C THR D 207 11.98 -8.36 -14.04
N MET D 208 11.51 -8.09 -15.25
CA MET D 208 10.89 -9.12 -16.07
C MET D 208 11.87 -10.21 -16.52
N CYS D 209 13.15 -9.86 -16.66
CA CYS D 209 14.17 -10.83 -17.02
C CYS D 209 14.64 -11.65 -15.82
N ALA D 210 14.91 -10.97 -14.70
CA ALA D 210 15.39 -11.64 -13.49
C ALA D 210 14.36 -12.58 -12.86
N SER D 211 13.08 -12.32 -13.12
CA SER D 211 11.99 -13.14 -12.58
C SER D 211 11.49 -14.20 -13.57
N GLN D 212 12.15 -14.31 -14.73
CA GLN D 212 11.74 -15.26 -15.77
C GLN D 212 12.91 -16.07 -16.33
N GLY D 213 14.05 -16.01 -15.65
CA GLY D 213 15.23 -16.78 -16.05
C GLY D 213 15.93 -16.26 -17.28
N LEU D 214 15.77 -14.96 -17.56
CA LEU D 214 16.44 -14.32 -18.69
C LEU D 214 17.55 -13.41 -18.18
N ARG D 215 18.65 -13.36 -18.93
CA ARG D 215 19.79 -12.51 -18.56
C ARG D 215 19.63 -11.10 -19.12
N ALA D 216 19.82 -10.10 -18.27
CA ALA D 216 19.71 -8.71 -18.69
C ALA D 216 20.81 -7.83 -18.16
N GLY D 217 21.29 -6.93 -19.02
CA GLY D 217 22.28 -5.92 -18.65
C GLY D 217 21.83 -4.54 -19.09
N MET D 218 22.32 -3.52 -18.40
CA MET D 218 21.89 -2.14 -18.66
C MET D 218 23.07 -1.18 -18.66
N VAL D 219 23.20 -0.45 -19.77
CA VAL D 219 24.25 0.56 -19.93
C VAL D 219 23.66 1.84 -20.55
N ALA D 220 24.15 3.00 -20.12
CA ALA D 220 23.64 4.28 -20.62
C ALA D 220 24.72 5.35 -20.68
N GLY D 221 24.59 6.22 -21.68
CA GLY D 221 25.48 7.37 -21.83
C GLY D 221 24.85 8.62 -21.27
N VAL D 222 25.63 9.35 -20.46
CA VAL D 222 25.15 10.58 -19.83
C VAL D 222 25.18 11.73 -20.83
N ILE D 223 24.00 12.27 -21.16
CA ILE D 223 23.90 13.41 -22.06
C ILE D 223 23.48 14.69 -21.34
N VAL D 224 23.00 14.54 -20.10
CA VAL D 224 22.66 15.68 -19.26
C VAL D 224 22.97 15.40 -17.78
N ASN D 225 23.40 16.42 -17.06
CA ASN D 225 23.50 16.36 -15.61
C ASN D 225 22.55 17.36 -14.98
N ARG D 226 21.62 16.84 -14.18
CA ARG D 226 20.52 17.63 -13.63
C ARG D 226 20.95 18.68 -12.59
N THR D 227 22.14 18.52 -12.03
CA THR D 227 22.65 19.45 -11.03
C THR D 227 23.31 20.69 -11.65
N GLN D 228 23.53 20.66 -12.96
CA GLN D 228 24.21 21.76 -13.65
C GLN D 228 23.53 22.23 -14.94
N GLN D 229 22.85 21.33 -15.63
CA GLN D 229 22.26 21.65 -16.95
C GLN D 229 20.97 20.90 -17.27
N GLU D 230 20.27 21.38 -18.30
CA GLU D 230 19.03 20.75 -18.76
C GLU D 230 19.03 20.57 -20.28
N ILE D 231 19.58 21.56 -20.99
CA ILE D 231 19.66 21.54 -22.45
C ILE D 231 21.08 21.18 -22.90
N PRO D 232 21.24 19.98 -23.47
CA PRO D 232 22.56 19.47 -23.89
C PRO D 232 22.98 19.94 -25.27
N ASN D 233 24.16 19.49 -25.69
CA ASN D 233 24.73 19.84 -27.00
C ASN D 233 24.43 18.78 -28.05
N ALA D 234 23.96 19.22 -29.22
CA ALA D 234 23.57 18.32 -30.31
C ALA D 234 24.76 17.85 -31.17
N GLU D 235 25.80 17.39 -30.50
CA GLU D 235 27.00 16.82 -31.14
C GLU D 235 27.70 15.93 -30.12
N THR D 236 27.72 16.39 -28.87
CA THR D 236 28.20 15.59 -27.73
C THR D 236 27.22 14.45 -27.47
N MET D 237 25.94 14.70 -27.76
CA MET D 237 24.88 13.70 -27.64
C MET D 237 25.13 12.50 -28.55
N LYS D 238 25.49 12.78 -29.80
CA LYS D 238 25.77 11.73 -30.79
C LYS D 238 27.07 10.99 -30.51
N GLN D 239 28.06 11.72 -30.00
CA GLN D 239 29.36 11.13 -29.64
C GLN D 239 29.27 10.23 -28.41
N THR D 240 28.43 10.63 -27.44
CA THR D 240 28.19 9.84 -26.24
C THR D 240 27.44 8.54 -26.58
N GLU D 241 26.45 8.66 -27.46
CA GLU D 241 25.69 7.51 -27.97
C GLU D 241 26.62 6.50 -28.63
N SER D 242 27.52 6.98 -29.48
CA SER D 242 28.49 6.15 -30.20
C SER D 242 29.44 5.40 -29.25
N HIS D 243 29.82 6.07 -28.16
CA HIS D 243 30.68 5.48 -27.13
C HIS D 243 29.96 4.36 -26.38
N ALA D 244 28.69 4.59 -26.03
CA ALA D 244 27.88 3.60 -25.34
C ALA D 244 27.53 2.42 -26.23
N VAL D 245 27.30 2.69 -27.52
CA VAL D 245 27.00 1.66 -28.52
C VAL D 245 28.22 0.75 -28.72
N LYS D 246 29.42 1.33 -28.68
CA LYS D 246 30.66 0.56 -28.77
C LYS D 246 30.80 -0.41 -27.58
N ILE D 247 30.44 0.05 -26.39
CA ILE D 247 30.55 -0.75 -25.18
C ILE D 247 29.56 -1.93 -25.17
N VAL D 248 28.32 -1.66 -25.56
CA VAL D 248 27.27 -2.69 -25.56
C VAL D 248 27.55 -3.83 -26.56
N VAL D 249 28.13 -3.48 -27.70
CA VAL D 249 28.49 -4.47 -28.73
C VAL D 249 29.69 -5.30 -28.25
N GLU D 250 30.65 -4.63 -27.62
CA GLU D 250 31.82 -5.30 -27.03
C GLU D 250 31.42 -6.22 -25.87
N ALA D 251 30.42 -5.80 -25.10
CA ALA D 251 29.90 -6.62 -24.01
C ALA D 251 29.18 -7.86 -24.53
N ALA D 252 28.44 -7.69 -25.63
CA ALA D 252 27.76 -8.79 -26.29
C ALA D 252 28.74 -9.88 -26.77
N ARG D 253 29.92 -9.44 -27.21
CA ARG D 253 31.00 -10.34 -27.61
C ARG D 253 31.40 -11.28 -26.46
N ARG D 254 31.44 -10.73 -25.25
CA ARG D 254 31.83 -11.46 -24.06
C ARG D 254 30.75 -12.40 -23.53
N LEU D 255 29.52 -12.23 -24.03
CA LEU D 255 28.37 -12.99 -23.54
C LEU D 255 27.89 -14.08 -24.51
N LEU D 256 28.48 -14.11 -25.70
CA LEU D 256 28.08 -15.10 -26.72
C LEU D 256 28.67 -16.47 -26.43
N LYS E 6 35.38 4.90 27.33
CA LYS E 6 34.86 3.52 27.53
C LYS E 6 34.12 3.01 26.29
N SER E 7 33.14 3.78 25.83
CA SER E 7 32.32 3.38 24.70
C SER E 7 31.94 4.57 23.82
N ASP E 8 32.16 4.43 22.51
CA ASP E 8 31.81 5.46 21.54
C ASP E 8 30.46 5.18 20.89
N VAL E 9 29.94 3.98 21.11
CA VAL E 9 28.65 3.56 20.56
C VAL E 9 27.68 3.10 21.65
N PHE E 10 26.40 2.99 21.29
CA PHE E 10 25.33 2.68 22.23
C PHE E 10 25.24 1.20 22.63
N HIS E 11 25.49 0.30 21.68
CA HIS E 11 25.24 -1.12 21.88
C HIS E 11 26.47 -2.03 21.80
N LEU E 12 27.34 -1.76 20.83
CA LEU E 12 28.50 -2.62 20.58
C LEU E 12 29.56 -2.55 21.67
N GLY E 13 29.66 -1.41 22.35
CA GLY E 13 30.64 -1.20 23.40
C GLY E 13 32.06 -1.14 22.85
N LEU E 14 32.27 -0.28 21.86
CA LEU E 14 33.55 -0.17 21.18
C LEU E 14 33.97 1.29 20.98
N THR E 15 35.28 1.48 20.81
CA THR E 15 35.84 2.79 20.49
C THR E 15 36.48 2.75 19.11
N LYS E 16 36.71 3.93 18.53
CA LYS E 16 37.35 4.05 17.22
C LYS E 16 38.77 3.48 17.23
N ASN E 17 39.45 3.60 18.37
CA ASN E 17 40.82 3.09 18.54
C ASN E 17 40.90 1.57 18.62
N ASP E 18 39.84 0.94 19.11
CA ASP E 18 39.74 -0.52 19.19
C ASP E 18 39.86 -1.16 17.81
N LEU E 19 39.35 -0.47 16.80
CA LEU E 19 39.35 -0.95 15.42
C LEU E 19 40.73 -0.89 14.77
N GLN E 20 41.53 0.08 15.21
CA GLN E 20 42.89 0.31 14.71
C GLN E 20 42.95 0.58 13.20
N GLY E 21 41.99 1.37 12.72
CA GLY E 21 41.94 1.79 11.33
C GLY E 21 41.32 0.77 10.37
N ALA E 22 40.60 -0.21 10.92
CA ALA E 22 39.92 -1.20 10.11
C ALA E 22 38.71 -0.60 9.41
N THR E 23 38.60 -0.86 8.11
CA THR E 23 37.49 -0.36 7.29
C THR E 23 36.56 -1.48 6.82
N LEU E 24 37.04 -2.72 6.92
CA LEU E 24 36.27 -3.88 6.50
C LEU E 24 35.80 -4.70 7.70
N ALA E 25 34.59 -5.24 7.60
CA ALA E 25 34.04 -6.11 8.63
C ALA E 25 33.28 -7.30 8.04
N ILE E 26 33.61 -8.50 8.51
CA ILE E 26 32.82 -9.69 8.19
C ILE E 26 31.74 -9.81 9.25
N VAL E 27 30.48 -9.85 8.81
CA VAL E 27 29.34 -9.82 9.72
C VAL E 27 28.46 -11.08 9.64
N PRO E 28 28.75 -12.07 10.49
CA PRO E 28 27.90 -13.27 10.58
C PRO E 28 26.66 -13.03 11.44
N GLY E 29 25.65 -13.89 11.29
CA GLY E 29 24.46 -13.82 12.12
C GLY E 29 24.68 -14.45 13.48
N ASP E 30 25.35 -15.60 13.50
CA ASP E 30 25.59 -16.36 14.73
C ASP E 30 26.81 -15.82 15.49
N PRO E 31 26.61 -15.44 16.75
CA PRO E 31 27.69 -14.90 17.59
C PRO E 31 28.83 -15.89 17.86
N ASP E 32 28.54 -17.19 17.85
CA ASP E 32 29.56 -18.21 18.08
C ASP E 32 30.45 -18.46 16.85
N ARG E 33 30.00 -17.98 15.70
CA ARG E 33 30.76 -18.09 14.45
C ARG E 33 31.86 -17.02 14.35
N VAL E 34 31.78 -16.00 15.21
CA VAL E 34 32.73 -14.89 15.19
C VAL E 34 34.17 -15.34 15.48
N GLU E 35 34.31 -16.25 16.44
CA GLU E 35 35.62 -16.83 16.76
C GLU E 35 36.14 -17.71 15.63
N LYS E 36 35.24 -18.45 15.00
CA LYS E 36 35.58 -19.34 13.87
C LYS E 36 36.21 -18.58 12.70
N ILE E 37 35.63 -17.44 12.35
CA ILE E 37 36.14 -16.61 11.26
C ILE E 37 37.45 -15.91 11.64
N ALA E 38 37.50 -15.38 12.87
CA ALA E 38 38.68 -14.66 13.36
C ALA E 38 39.91 -15.55 13.49
N ALA E 39 39.70 -16.82 13.81
CA ALA E 39 40.79 -17.78 13.98
C ALA E 39 41.45 -18.17 12.65
N LEU E 40 40.72 -17.98 11.56
CA LEU E 40 41.24 -18.23 10.22
C LEU E 40 42.25 -17.16 9.79
N MET E 41 42.17 -15.99 10.43
CA MET E 41 43.07 -14.88 10.15
C MET E 41 44.16 -14.77 11.24
N ASP E 42 45.17 -13.94 10.98
CA ASP E 42 46.28 -13.76 11.91
C ASP E 42 45.91 -12.85 13.08
N LYS E 43 46.41 -13.19 14.26
CA LYS E 43 46.21 -12.42 15.50
C LYS E 43 44.73 -12.15 15.84
N PRO E 44 44.02 -13.16 16.33
CA PRO E 44 42.61 -12.99 16.74
C PRO E 44 42.48 -12.51 18.18
N VAL E 45 41.74 -11.42 18.37
CA VAL E 45 41.56 -10.82 19.70
C VAL E 45 40.08 -10.48 19.96
N LYS E 46 39.56 -10.93 21.10
CA LYS E 46 38.20 -10.59 21.52
C LYS E 46 38.15 -9.15 22.04
N LEU E 47 37.21 -8.37 21.53
CA LEU E 47 37.07 -6.97 21.91
C LEU E 47 35.93 -6.73 22.90
N ALA E 48 34.72 -7.08 22.51
CA ALA E 48 33.53 -6.83 23.33
C ALA E 48 32.45 -7.90 23.12
N SER E 49 31.61 -8.08 24.13
CA SER E 49 30.47 -8.99 24.05
C SER E 49 29.28 -8.44 24.84
N HIS E 50 28.36 -7.80 24.12
CA HIS E 50 27.15 -7.24 24.72
C HIS E 50 25.93 -7.67 23.91
N ARG E 51 24.91 -8.14 24.62
CA ARG E 51 23.67 -8.65 24.01
C ARG E 51 23.96 -9.75 22.98
N GLU E 52 23.56 -9.54 21.73
CA GLU E 52 23.82 -10.48 20.65
C GLU E 52 25.04 -10.07 19.80
N PHE E 53 25.71 -9.01 20.24
CA PHE E 53 26.85 -8.46 19.51
C PHE E 53 28.18 -8.84 20.13
N THR E 54 28.92 -9.70 19.43
CA THR E 54 30.27 -10.10 19.84
C THR E 54 31.26 -9.68 18.75
N THR E 55 32.27 -8.92 19.14
CA THR E 55 33.25 -8.37 18.20
C THR E 55 34.65 -8.91 18.44
N TRP E 56 35.25 -9.43 17.37
CA TRP E 56 36.65 -9.89 17.39
C TRP E 56 37.45 -9.13 16.34
N ARG E 57 38.68 -8.78 16.69
CA ARG E 57 39.59 -8.14 15.75
C ARG E 57 40.66 -9.13 15.28
N ALA E 58 40.99 -9.06 13.99
CA ALA E 58 42.01 -9.92 13.40
C ALA E 58 42.83 -9.16 12.36
N GLU E 59 43.84 -9.82 11.80
CA GLU E 59 44.68 -9.23 10.78
C GLU E 59 44.73 -10.09 9.51
N LEU E 60 44.49 -9.44 8.38
CA LEU E 60 44.52 -10.10 7.08
C LEU E 60 45.48 -9.37 6.15
N ASP E 61 46.55 -10.07 5.76
CA ASP E 61 47.62 -9.49 4.93
C ASP E 61 48.21 -8.20 5.52
N GLY E 62 48.42 -8.21 6.83
CA GLY E 62 48.96 -7.05 7.53
C GLY E 62 47.97 -5.92 7.76
N LYS E 63 46.69 -6.17 7.46
CA LYS E 63 45.64 -5.17 7.61
C LYS E 63 44.58 -5.62 8.61
N PRO E 64 44.19 -4.73 9.53
CA PRO E 64 43.17 -5.05 10.55
C PRO E 64 41.77 -5.30 9.95
N VAL E 65 41.12 -6.35 10.43
CA VAL E 65 39.77 -6.72 9.99
C VAL E 65 38.89 -7.00 11.21
N ILE E 66 37.63 -6.54 11.15
CA ILE E 66 36.68 -6.71 12.24
C ILE E 66 35.69 -7.83 11.93
N VAL E 67 35.37 -8.63 12.95
CA VAL E 67 34.29 -9.63 12.84
C VAL E 67 33.25 -9.34 13.94
N CYS E 68 32.03 -9.04 13.50
CA CYS E 68 30.97 -8.64 14.43
C CYS E 68 29.67 -9.38 14.14
N SER E 69 29.08 -9.98 15.17
CA SER E 69 27.80 -10.67 15.04
C SER E 69 26.63 -9.69 14.97
N THR E 70 25.73 -9.93 14.02
CA THR E 70 24.55 -9.11 13.84
C THR E 70 23.36 -9.63 14.65
N GLY E 71 23.39 -10.92 14.95
CA GLY E 71 22.22 -11.61 15.48
C GLY E 71 21.28 -11.92 14.33
N ILE E 72 20.16 -12.60 14.63
CA ILE E 72 19.17 -12.93 13.62
C ILE E 72 18.28 -11.72 13.33
N GLY E 73 18.13 -11.38 12.05
CA GLY E 73 17.15 -10.40 11.62
C GLY E 73 17.66 -8.99 11.42
N GLY E 74 16.88 -8.22 10.64
CA GLY E 74 17.20 -6.85 10.30
C GLY E 74 17.39 -5.85 11.43
N PRO E 75 16.51 -5.86 12.43
CA PRO E 75 16.61 -4.92 13.57
C PRO E 75 17.98 -4.86 14.25
N SER E 76 18.52 -5.99 14.70
CA SER E 76 19.84 -5.99 15.34
C SER E 76 20.97 -5.83 14.33
N THR E 77 20.73 -6.28 13.10
CA THR E 77 21.66 -6.06 11.99
C THR E 77 21.84 -4.57 11.73
N SER E 78 20.72 -3.83 11.72
CA SER E 78 20.73 -2.39 11.50
C SER E 78 21.48 -1.64 12.60
N ILE E 79 21.36 -2.11 13.84
CA ILE E 79 22.10 -1.55 14.97
C ILE E 79 23.60 -1.78 14.78
N ALA E 80 23.96 -3.03 14.46
CA ALA E 80 25.36 -3.43 14.30
C ALA E 80 26.06 -2.70 13.15
N VAL E 81 25.42 -2.66 11.99
CA VAL E 81 26.00 -2.04 10.79
C VAL E 81 26.14 -0.52 10.95
N GLU E 82 25.14 0.11 11.54
CA GLU E 82 25.16 1.56 11.79
C GLU E 82 26.27 1.96 12.75
N GLU E 83 26.40 1.20 13.84
CA GLU E 83 27.38 1.48 14.88
C GLU E 83 28.81 1.19 14.42
N LEU E 84 28.97 0.18 13.56
CA LEU E 84 30.26 -0.13 12.96
C LEU E 84 30.68 0.95 11.97
N ALA E 85 29.72 1.48 11.22
CA ALA E 85 29.94 2.57 10.27
C ALA E 85 30.33 3.86 10.99
N GLN E 86 29.75 4.07 12.17
CA GLN E 86 30.13 5.17 13.05
C GLN E 86 31.58 5.06 13.49
N LEU E 87 32.05 3.82 13.66
CA LEU E 87 33.41 3.54 14.09
C LEU E 87 34.43 3.59 12.95
N GLY E 88 33.94 3.51 11.71
CA GLY E 88 34.79 3.66 10.54
C GLY E 88 34.70 2.58 9.48
N ILE E 89 33.85 1.58 9.71
CA ILE E 89 33.68 0.49 8.75
C ILE E 89 32.87 0.96 7.53
N ARG E 90 33.39 0.66 6.35
CA ARG E 90 32.76 1.05 5.09
C ARG E 90 32.38 -0.17 4.24
N THR E 91 33.03 -1.30 4.49
CA THR E 91 32.76 -2.54 3.77
C THR E 91 32.26 -3.64 4.70
N PHE E 92 31.11 -4.22 4.36
CA PHE E 92 30.48 -5.28 5.14
C PHE E 92 30.28 -6.53 4.30
N LEU E 93 30.87 -7.64 4.74
CA LEU E 93 30.66 -8.92 4.08
C LEU E 93 29.90 -9.87 5.01
N ARG E 94 28.68 -10.22 4.61
CA ARG E 94 27.87 -11.15 5.39
C ARG E 94 28.11 -12.59 4.96
N ILE E 95 28.40 -13.44 5.95
CA ILE E 95 28.43 -14.88 5.76
C ILE E 95 27.32 -15.50 6.62
N GLY E 96 26.43 -16.24 5.97
CA GLY E 96 25.29 -16.82 6.66
C GLY E 96 24.99 -18.26 6.32
N THR E 97 23.90 -18.77 6.91
CA THR E 97 23.35 -20.06 6.56
C THR E 97 22.08 -19.83 5.78
N THR E 98 21.65 -20.82 5.01
CA THR E 98 20.47 -20.66 4.17
C THR E 98 19.74 -21.97 3.84
N GLY E 99 18.45 -21.84 3.53
CA GLY E 99 17.65 -22.93 3.02
C GLY E 99 17.35 -22.67 1.56
N ALA E 100 17.84 -23.54 0.68
CA ALA E 100 17.62 -23.41 -0.75
C ALA E 100 16.21 -23.85 -1.13
N ILE E 101 15.64 -23.18 -2.14
CA ILE E 101 14.29 -23.51 -2.61
C ILE E 101 14.25 -23.99 -4.06
N GLN E 102 15.41 -24.04 -4.70
CA GLN E 102 15.52 -24.57 -6.06
C GLN E 102 16.03 -26.01 -6.04
N PRO E 103 15.41 -26.88 -6.86
CA PRO E 103 15.77 -28.30 -6.89
C PRO E 103 17.21 -28.59 -7.32
N HIS E 104 17.79 -27.72 -8.16
CA HIS E 104 19.14 -27.93 -8.68
C HIS E 104 20.26 -27.54 -7.72
N ILE E 105 19.90 -26.81 -6.66
CA ILE E 105 20.87 -26.41 -5.65
C ILE E 105 20.91 -27.46 -4.54
N ASN E 106 22.10 -27.99 -4.27
CA ASN E 106 22.28 -29.05 -3.29
C ASN E 106 22.79 -28.54 -1.93
N VAL E 107 22.62 -29.36 -0.90
CA VAL E 107 23.18 -29.08 0.43
C VAL E 107 24.71 -29.07 0.30
N GLY E 108 25.33 -28.03 0.86
CA GLY E 108 26.78 -27.87 0.78
C GLY E 108 27.19 -26.84 -0.27
N ASP E 109 26.25 -26.46 -1.13
CA ASP E 109 26.49 -25.45 -2.16
C ASP E 109 26.66 -24.07 -1.53
N VAL E 110 27.32 -23.19 -2.27
CA VAL E 110 27.57 -21.82 -1.82
C VAL E 110 26.77 -20.85 -2.69
N LEU E 111 26.06 -19.93 -2.05
CA LEU E 111 25.24 -18.97 -2.78
C LEU E 111 25.70 -17.54 -2.57
N VAL E 112 25.96 -16.85 -3.68
CA VAL E 112 26.32 -15.43 -3.65
C VAL E 112 25.10 -14.63 -4.10
N THR E 113 24.68 -13.68 -3.26
CA THR E 113 23.49 -12.89 -3.52
C THR E 113 23.81 -11.60 -4.27
N THR E 114 23.17 -11.43 -5.43
CA THR E 114 23.29 -10.20 -6.20
C THR E 114 22.36 -9.14 -5.62
N ALA E 115 21.15 -9.57 -5.25
CA ALA E 115 20.14 -8.71 -4.65
C ALA E 115 19.07 -9.55 -3.94
N SER E 116 18.32 -8.92 -3.06
CA SER E 116 17.36 -9.64 -2.22
C SER E 116 15.92 -9.17 -2.37
N VAL E 117 15.01 -10.14 -2.31
CA VAL E 117 13.59 -9.86 -2.16
C VAL E 117 13.37 -9.36 -0.73
N ARG E 118 12.77 -8.18 -0.61
CA ARG E 118 12.64 -7.50 0.68
C ARG E 118 11.39 -7.93 1.42
N LEU E 119 11.50 -9.04 2.16
CA LEU E 119 10.41 -9.52 2.99
C LEU E 119 10.68 -9.16 4.45
N ASP E 120 11.31 -8.01 4.64
CA ASP E 120 11.69 -7.50 5.95
C ASP E 120 11.07 -6.13 6.22
N GLY E 121 11.24 -5.63 7.44
CA GLY E 121 10.74 -4.32 7.81
C GLY E 121 11.82 -3.26 7.90
N ALA E 122 13.01 -3.66 8.34
CA ALA E 122 14.10 -2.72 8.61
C ALA E 122 14.62 -2.00 7.35
N SER E 123 14.61 -2.69 6.22
CA SER E 123 15.05 -2.08 4.95
C SER E 123 14.24 -0.83 4.60
N LEU E 124 12.95 -0.87 4.93
CA LEU E 124 12.04 0.25 4.70
C LEU E 124 12.38 1.50 5.51
N HIS E 125 13.14 1.31 6.59
CA HIS E 125 13.56 2.40 7.45
C HIS E 125 14.74 3.17 6.85
N PHE E 126 15.27 2.68 5.73
CA PHE E 126 16.40 3.30 5.05
C PHE E 126 16.07 3.74 3.63
N ALA E 127 15.19 2.98 2.98
CA ALA E 127 14.78 3.27 1.60
C ALA E 127 13.39 2.68 1.34
N PRO E 128 12.57 3.35 0.54
CA PRO E 128 11.25 2.81 0.18
C PRO E 128 11.37 1.50 -0.60
N LEU E 129 10.30 0.71 -0.62
CA LEU E 129 10.32 -0.65 -1.16
C LEU E 129 10.84 -0.75 -2.60
N GLU E 130 10.58 0.28 -3.40
CA GLU E 130 11.00 0.33 -4.81
C GLU E 130 12.53 0.33 -4.99
N PHE E 131 13.26 0.75 -3.96
CA PHE E 131 14.73 0.72 -3.97
C PHE E 131 15.21 -0.74 -3.89
N PRO E 132 16.13 -1.12 -4.78
CA PRO E 132 16.63 -2.49 -4.82
C PRO E 132 17.59 -2.83 -3.68
N ALA E 133 17.34 -3.96 -3.01
CA ALA E 133 18.27 -4.47 -2.00
C ALA E 133 19.44 -5.13 -2.70
N VAL E 134 20.26 -4.31 -3.36
CA VAL E 134 21.32 -4.81 -4.23
C VAL E 134 22.69 -4.80 -3.55
N ALA E 135 23.46 -5.87 -3.78
CA ALA E 135 24.81 -5.97 -3.28
C ALA E 135 25.77 -5.13 -4.11
N ASP E 136 26.86 -4.70 -3.47
CA ASP E 136 27.92 -3.95 -4.14
C ASP E 136 28.61 -4.85 -5.17
N PHE E 137 28.87 -4.29 -6.35
CA PHE E 137 29.43 -5.05 -7.47
C PHE E 137 30.84 -5.60 -7.20
N GLU E 138 31.67 -4.80 -6.54
CA GLU E 138 33.03 -5.22 -6.20
C GLU E 138 33.02 -6.34 -5.16
N CYS E 139 32.14 -6.23 -4.18
CA CYS E 139 31.98 -7.25 -3.13
C CYS E 139 31.46 -8.56 -3.71
N THR E 140 30.47 -8.47 -4.58
CA THR E 140 29.90 -9.63 -5.27
C THR E 140 30.94 -10.33 -6.15
N THR E 141 31.71 -9.53 -6.89
CA THR E 141 32.79 -10.04 -7.73
C THR E 141 33.83 -10.77 -6.89
N ALA E 142 34.24 -10.16 -5.78
CA ALA E 142 35.24 -10.75 -4.88
C ALA E 142 34.78 -12.09 -4.29
N LEU E 143 33.49 -12.18 -3.96
CA LEU E 143 32.92 -13.41 -3.40
C LEU E 143 32.84 -14.53 -4.44
N VAL E 144 32.44 -14.18 -5.66
CA VAL E 144 32.37 -15.12 -6.78
C VAL E 144 33.78 -15.64 -7.12
N GLU E 145 34.75 -14.72 -7.15
CA GLU E 145 36.14 -15.08 -7.43
C GLU E 145 36.74 -15.93 -6.32
N ALA E 146 36.39 -15.61 -5.06
CA ALA E 146 36.86 -16.36 -3.90
C ALA E 146 36.30 -17.77 -3.85
N ALA E 147 35.04 -17.92 -4.26
CA ALA E 147 34.38 -19.22 -4.34
C ALA E 147 35.02 -20.10 -5.41
N LYS E 148 35.41 -19.48 -6.52
CA LYS E 148 36.12 -20.16 -7.60
C LYS E 148 37.57 -20.48 -7.20
N SER E 149 38.15 -19.63 -6.35
CA SER E 149 39.52 -19.78 -5.89
C SER E 149 39.72 -21.03 -5.01
N ILE E 150 38.87 -21.16 -3.99
CA ILE E 150 38.98 -22.29 -3.06
C ILE E 150 38.26 -23.54 -3.57
N GLY E 151 37.45 -23.36 -4.62
CA GLY E 151 36.71 -24.46 -5.23
C GLY E 151 35.43 -24.77 -4.49
N ALA E 152 34.30 -24.42 -5.11
CA ALA E 152 32.98 -24.66 -4.54
C ALA E 152 31.91 -24.72 -5.63
N THR E 153 30.83 -25.45 -5.38
CA THR E 153 29.66 -25.41 -6.24
C THR E 153 28.87 -24.16 -5.91
N THR E 154 28.96 -23.16 -6.79
CA THR E 154 28.43 -21.83 -6.53
C THR E 154 27.25 -21.47 -7.44
N HIS E 155 26.24 -20.85 -6.85
CA HIS E 155 25.13 -20.27 -7.61
C HIS E 155 25.00 -18.79 -7.28
N VAL E 156 24.81 -17.98 -8.31
CA VAL E 156 24.71 -16.54 -8.18
C VAL E 156 23.31 -16.08 -8.58
N GLY E 157 22.67 -15.30 -7.71
CA GLY E 157 21.33 -14.81 -8.00
C GLY E 157 20.59 -14.15 -6.85
N VAL E 158 19.27 -14.20 -6.92
CA VAL E 158 18.39 -13.49 -5.99
C VAL E 158 18.04 -14.34 -4.76
N THR E 159 18.01 -13.67 -3.61
CA THR E 159 17.69 -14.30 -2.33
C THR E 159 16.43 -13.66 -1.73
N ALA E 160 15.56 -14.50 -1.15
CA ALA E 160 14.42 -13.98 -0.40
C ALA E 160 14.81 -13.80 1.05
N SER E 161 14.78 -12.55 1.51
CA SER E 161 15.21 -12.22 2.87
C SER E 161 14.00 -11.90 3.76
N SER E 162 13.71 -12.81 4.68
CA SER E 162 12.46 -12.79 5.45
C SER E 162 12.66 -12.36 6.91
N ASP E 163 11.68 -11.63 7.43
CA ASP E 163 11.68 -11.23 8.84
C ASP E 163 11.28 -12.37 9.78
N THR E 164 10.81 -13.49 9.23
CA THR E 164 10.54 -14.68 10.04
C THR E 164 11.20 -15.92 9.45
N PHE E 165 11.44 -16.90 10.32
CA PHE E 165 11.97 -18.19 9.92
C PHE E 165 10.85 -19.10 9.44
N TYR E 166 9.66 -18.93 10.02
CA TYR E 166 8.55 -19.86 9.78
C TYR E 166 7.53 -19.41 8.71
N PRO E 167 6.59 -18.53 9.06
CA PRO E 167 5.52 -18.15 8.11
C PRO E 167 6.01 -17.44 6.85
N GLY E 168 7.01 -16.57 7.00
CA GLY E 168 7.58 -15.83 5.87
C GLY E 168 8.37 -16.70 4.92
N GLN E 169 8.73 -17.90 5.38
CA GLN E 169 9.41 -18.89 4.54
C GLN E 169 8.47 -20.05 4.25
N GLU E 170 7.17 -19.78 4.46
CA GLU E 170 6.08 -20.74 4.27
C GLU E 170 6.32 -22.11 4.90
N ARG E 171 6.69 -22.10 6.19
CA ARG E 171 6.76 -23.32 6.99
C ARG E 171 5.42 -23.54 7.68
N TYR E 172 4.88 -24.74 7.54
CA TYR E 172 3.59 -25.10 8.14
C TYR E 172 3.74 -25.99 9.36
N ASP E 173 4.97 -26.48 9.58
CA ASP E 173 5.30 -27.32 10.72
C ASP E 173 5.45 -26.48 12.00
N THR E 174 4.37 -25.82 12.39
CA THR E 174 4.39 -24.82 13.45
C THR E 174 3.29 -25.07 14.49
N TYR E 175 3.27 -24.23 15.53
CA TYR E 175 2.25 -24.29 16.57
C TYR E 175 0.84 -24.09 16.00
N SER E 176 0.67 -23.05 15.19
CA SER E 176 -0.62 -22.73 14.60
C SER E 176 -0.93 -23.59 13.37
N GLY E 177 0.11 -23.94 12.62
CA GLY E 177 -0.04 -24.70 11.39
C GLY E 177 -0.64 -23.89 10.25
N ARG E 178 -0.67 -22.58 10.41
CA ARG E 178 -1.23 -21.67 9.40
C ARG E 178 -0.22 -20.64 8.93
N VAL E 179 -0.42 -20.17 7.70
CA VAL E 179 0.38 -19.08 7.15
C VAL E 179 -0.57 -17.99 6.68
N VAL E 180 -0.27 -16.75 7.06
CA VAL E 180 -1.07 -15.60 6.68
C VAL E 180 -1.24 -15.50 5.15
N ARG E 181 -2.41 -15.02 4.72
CA ARG E 181 -2.77 -14.96 3.30
C ARG E 181 -1.64 -14.43 2.40
N HIS E 182 -0.98 -13.35 2.84
CA HIS E 182 0.09 -12.71 2.08
C HIS E 182 1.23 -13.66 1.70
N PHE E 183 1.54 -14.61 2.58
CA PHE E 183 2.64 -15.55 2.36
C PHE E 183 2.20 -16.94 1.92
N LYS E 184 0.88 -17.15 1.81
CA LYS E 184 0.33 -18.40 1.30
C LYS E 184 0.66 -18.55 -0.19
N GLY E 185 1.35 -19.65 -0.52
CA GLY E 185 1.80 -19.89 -1.88
C GLY E 185 2.98 -19.05 -2.33
N SER E 186 3.62 -18.36 -1.38
CA SER E 186 4.71 -17.45 -1.69
C SER E 186 6.00 -18.15 -2.13
N MET E 187 6.30 -19.30 -1.51
CA MET E 187 7.50 -20.06 -1.85
C MET E 187 7.48 -20.50 -3.31
N GLU E 188 6.34 -21.02 -3.76
CA GLU E 188 6.14 -21.44 -5.14
C GLU E 188 6.34 -20.28 -6.11
N GLU E 189 5.87 -19.10 -5.70
CA GLU E 189 6.03 -17.88 -6.48
C GLU E 189 7.51 -17.48 -6.62
N TRP E 190 8.23 -17.46 -5.50
CA TRP E 190 9.66 -17.16 -5.51
C TRP E 190 10.44 -18.19 -6.34
N GLN E 191 10.06 -19.46 -6.22
CA GLN E 191 10.67 -20.55 -6.98
C GLN E 191 10.54 -20.33 -8.49
N ALA E 192 9.33 -19.97 -8.93
CA ALA E 192 9.06 -19.68 -10.33
C ALA E 192 9.83 -18.47 -10.83
N MET E 193 10.12 -17.54 -9.92
CA MET E 193 10.86 -16.32 -10.24
C MET E 193 12.39 -16.50 -10.20
N GLY E 194 12.83 -17.73 -9.91
CA GLY E 194 14.25 -18.06 -9.91
C GLY E 194 14.99 -17.69 -8.64
N VAL E 195 14.25 -17.36 -7.58
CA VAL E 195 14.85 -17.05 -6.28
C VAL E 195 15.52 -18.33 -5.73
N MET E 196 16.76 -18.20 -5.31
CA MET E 196 17.58 -19.35 -4.91
C MET E 196 17.23 -19.89 -3.54
N ASN E 197 16.98 -18.99 -2.59
CA ASN E 197 17.02 -19.36 -1.17
C ASN E 197 16.35 -18.37 -0.21
N TYR E 198 16.22 -18.81 1.04
CA TYR E 198 15.71 -17.99 2.14
C TYR E 198 16.82 -17.73 3.16
N GLU E 199 16.96 -16.48 3.57
CA GLU E 199 17.69 -16.14 4.80
C GLU E 199 17.03 -14.93 5.47
N MET E 200 17.67 -14.35 6.47
CA MET E 200 16.96 -13.39 7.33
C MET E 200 17.59 -12.01 7.55
N GLU E 201 18.69 -11.70 6.86
CA GLU E 201 19.41 -10.45 7.13
C GLU E 201 19.80 -9.63 5.89
N SER E 202 19.89 -10.28 4.73
CA SER E 202 20.45 -9.64 3.54
C SER E 202 19.70 -8.42 3.03
N ALA E 203 18.36 -8.47 3.05
CA ALA E 203 17.55 -7.34 2.59
C ALA E 203 17.86 -6.07 3.37
N THR E 204 17.93 -6.19 4.70
CA THR E 204 18.29 -5.06 5.56
C THR E 204 19.71 -4.58 5.30
N LEU E 205 20.66 -5.51 5.34
CA LEU E 205 22.07 -5.19 5.13
C LEU E 205 22.31 -4.51 3.78
N LEU E 206 21.82 -5.13 2.70
CA LEU E 206 22.07 -4.63 1.35
C LEU E 206 21.39 -3.29 1.08
N THR E 207 20.16 -3.12 1.55
CA THR E 207 19.43 -1.85 1.39
C THR E 207 20.10 -0.71 2.15
N MET E 208 20.40 -0.94 3.42
CA MET E 208 20.97 0.11 4.26
C MET E 208 22.39 0.51 3.83
N CYS E 209 23.13 -0.41 3.22
CA CYS E 209 24.47 -0.11 2.72
C CYS E 209 24.42 0.59 1.36
N ALA E 210 23.60 0.07 0.45
CA ALA E 210 23.48 0.62 -0.90
C ALA E 210 22.89 2.03 -0.92
N SER E 211 22.10 2.36 0.10
CA SER E 211 21.47 3.67 0.20
C SER E 211 22.24 4.66 1.09
N GLN E 212 23.40 4.24 1.58
CA GLN E 212 24.21 5.07 2.47
C GLN E 212 25.68 5.13 2.06
N GLY E 213 25.98 4.66 0.85
CA GLY E 213 27.33 4.72 0.31
C GLY E 213 28.30 3.73 0.93
N LEU E 214 27.77 2.63 1.47
CA LEU E 214 28.59 1.58 2.04
C LEU E 214 28.56 0.35 1.14
N ARG E 215 29.69 -0.34 1.06
CA ARG E 215 29.81 -1.55 0.22
C ARG E 215 29.40 -2.79 1.01
N ALA E 216 28.53 -3.60 0.41
CA ALA E 216 28.06 -4.83 1.05
C ALA E 216 28.04 -6.03 0.11
N GLY E 217 28.44 -7.17 0.65
CA GLY E 217 28.40 -8.45 -0.06
C GLY E 217 27.72 -9.51 0.79
N MET E 218 27.14 -10.50 0.12
CA MET E 218 26.37 -11.53 0.80
C MET E 218 26.68 -12.93 0.27
N VAL E 219 27.10 -13.81 1.19
CA VAL E 219 27.40 -15.20 0.85
C VAL E 219 26.79 -16.14 1.91
N ALA E 220 26.32 -17.30 1.48
CA ALA E 220 25.68 -18.26 2.38
C ALA E 220 25.92 -19.72 1.97
N GLY E 221 26.04 -20.57 2.97
CA GLY E 221 26.17 -22.00 2.75
C GLY E 221 24.83 -22.71 2.90
N VAL E 222 24.51 -23.56 1.93
CA VAL E 222 23.25 -24.31 1.94
C VAL E 222 23.33 -25.49 2.90
N ILE E 223 22.52 -25.45 3.95
CA ILE E 223 22.45 -26.56 4.91
C ILE E 223 21.15 -27.34 4.79
N VAL E 224 20.19 -26.81 4.04
CA VAL E 224 18.94 -27.52 3.74
C VAL E 224 18.33 -27.10 2.40
N ASN E 225 17.64 -28.04 1.76
CA ASN E 225 16.86 -27.74 0.56
C ASN E 225 15.40 -28.09 0.78
N ARG E 226 14.52 -27.12 0.56
CA ARG E 226 13.11 -27.23 0.90
C ARG E 226 12.29 -28.19 0.02
N THR E 227 12.83 -28.52 -1.15
CA THR E 227 12.12 -29.38 -2.12
C THR E 227 12.31 -30.87 -1.86
N GLN E 228 13.45 -31.24 -1.26
CA GLN E 228 13.77 -32.65 -1.00
C GLN E 228 13.51 -33.04 0.47
N GLN E 229 13.12 -34.30 0.66
CA GLN E 229 12.82 -34.82 2.00
C GLN E 229 14.10 -35.19 2.74
N GLU E 230 14.66 -34.21 3.45
CA GLU E 230 15.90 -34.41 4.20
C GLU E 230 15.89 -33.69 5.55
N ILE E 231 16.43 -34.37 6.57
CA ILE E 231 16.61 -33.77 7.89
C ILE E 231 18.07 -33.30 8.05
N PRO E 232 18.26 -32.02 8.37
CA PRO E 232 19.60 -31.41 8.45
C PRO E 232 20.59 -32.22 9.31
N ASN E 233 21.72 -32.56 8.72
CA ASN E 233 22.77 -33.32 9.39
C ASN E 233 23.82 -32.42 10.03
N ALA E 234 24.21 -32.76 11.25
CA ALA E 234 25.14 -31.93 12.05
C ALA E 234 26.54 -31.85 11.44
N GLU E 235 27.07 -32.98 11.00
CA GLU E 235 28.42 -33.06 10.41
C GLU E 235 28.53 -32.27 9.11
N THR E 236 27.48 -32.33 8.30
CA THR E 236 27.43 -31.59 7.04
C THR E 236 27.23 -30.08 7.28
N MET E 237 26.52 -29.76 8.37
CA MET E 237 26.27 -28.36 8.75
C MET E 237 27.55 -27.62 9.11
N LYS E 238 28.45 -28.31 9.82
CA LYS E 238 29.74 -27.75 10.21
C LYS E 238 30.70 -27.61 9.02
N GLN E 239 30.67 -28.60 8.13
CA GLN E 239 31.49 -28.61 6.93
C GLN E 239 31.12 -27.47 5.98
N THR E 240 29.82 -27.24 5.81
CA THR E 240 29.29 -26.18 4.96
C THR E 240 29.61 -24.79 5.53
N GLU E 241 29.51 -24.67 6.84
CA GLU E 241 29.84 -23.42 7.54
C GLU E 241 31.31 -23.06 7.32
N SER E 242 32.21 -24.02 7.53
CA SER E 242 33.64 -23.84 7.35
C SER E 242 34.01 -23.52 5.89
N HIS E 243 33.25 -24.10 4.96
CA HIS E 243 33.45 -23.87 3.53
C HIS E 243 33.09 -22.43 3.16
N ALA E 244 31.96 -21.94 3.67
CA ALA E 244 31.51 -20.57 3.44
C ALA E 244 32.40 -19.55 4.13
N VAL E 245 32.92 -19.90 5.31
CA VAL E 245 33.84 -19.05 6.07
C VAL E 245 35.16 -18.87 5.32
N LYS E 246 35.60 -19.93 4.64
CA LYS E 246 36.81 -19.89 3.83
C LYS E 246 36.69 -18.94 2.64
N ILE E 247 35.49 -18.83 2.09
CA ILE E 247 35.22 -17.95 0.95
C ILE E 247 35.14 -16.48 1.37
N VAL E 248 34.40 -16.18 2.43
CA VAL E 248 34.22 -14.82 2.92
C VAL E 248 35.54 -14.16 3.37
N VAL E 249 36.47 -14.97 3.89
CA VAL E 249 37.79 -14.49 4.28
C VAL E 249 38.66 -14.25 3.04
N GLU E 250 38.60 -15.18 2.09
CA GLU E 250 39.31 -15.05 0.81
C GLU E 250 38.82 -13.85 0.00
N ALA E 251 37.52 -13.57 0.09
CA ALA E 251 36.93 -12.41 -0.58
C ALA E 251 37.34 -11.10 0.10
N ALA E 252 37.49 -11.14 1.42
CA ALA E 252 37.93 -10.00 2.20
C ALA E 252 39.35 -9.56 1.85
N ARG E 253 40.16 -10.52 1.43
CA ARG E 253 41.53 -10.27 0.98
C ARG E 253 41.59 -9.41 -0.28
N ARG E 254 40.57 -9.57 -1.14
CA ARG E 254 40.52 -8.87 -2.42
C ARG E 254 39.92 -7.46 -2.32
N LEU E 255 39.34 -7.14 -1.17
CA LEU E 255 38.62 -5.88 -1.00
C LEU E 255 39.34 -4.86 -0.10
N LEU E 256 40.37 -5.30 0.61
CA LEU E 256 41.13 -4.43 1.50
C LEU E 256 42.05 -3.49 0.71
N SER F 7 17.09 -32.13 21.44
CA SER F 7 16.27 -30.88 21.32
C SER F 7 15.10 -31.07 20.35
N ASP F 8 13.94 -30.57 20.73
CA ASP F 8 12.72 -30.69 19.92
C ASP F 8 12.50 -29.45 19.03
N VAL F 9 13.29 -28.41 19.25
CA VAL F 9 13.17 -27.16 18.50
C VAL F 9 14.45 -26.81 17.73
N PHE F 10 14.30 -25.98 16.70
CA PHE F 10 15.40 -25.66 15.79
C PHE F 10 16.47 -24.72 16.35
N HIS F 11 16.08 -23.86 17.29
CA HIS F 11 16.98 -22.79 17.75
C HIS F 11 17.26 -22.75 19.25
N LEU F 12 16.21 -22.86 20.06
CA LEU F 12 16.33 -22.71 21.52
C LEU F 12 17.12 -23.84 22.19
N GLY F 13 17.08 -25.02 21.59
CA GLY F 13 17.79 -26.18 22.12
C GLY F 13 17.16 -26.74 23.37
N LEU F 14 15.83 -26.85 23.36
CA LEU F 14 15.08 -27.38 24.50
C LEU F 14 14.11 -28.47 24.08
N THR F 15 13.86 -29.41 24.99
CA THR F 15 12.84 -30.43 24.80
C THR F 15 11.57 -30.03 25.55
N LYS F 16 10.47 -30.74 25.30
CA LYS F 16 9.24 -30.53 26.04
C LYS F 16 9.40 -30.85 27.52
N ASN F 17 10.26 -31.81 27.82
CA ASN F 17 10.56 -32.23 29.19
C ASN F 17 11.33 -31.19 30.00
N ASP F 18 12.19 -30.43 29.32
CA ASP F 18 13.00 -29.38 29.96
C ASP F 18 12.15 -28.31 30.64
N LEU F 19 10.95 -28.09 30.11
CA LEU F 19 10.02 -27.09 30.63
C LEU F 19 9.32 -27.55 31.91
N GLN F 20 9.10 -28.86 32.00
CA GLN F 20 8.39 -29.49 33.12
C GLN F 20 6.95 -28.99 33.28
N GLY F 21 6.25 -28.87 32.16
CA GLY F 21 4.85 -28.48 32.15
C GLY F 21 4.59 -26.99 32.31
N ALA F 22 5.63 -26.17 32.08
CA ALA F 22 5.51 -24.72 32.17
C ALA F 22 4.61 -24.16 31.05
N THR F 23 3.80 -23.17 31.41
CA THR F 23 2.88 -22.53 30.46
C THR F 23 3.14 -21.03 30.32
N LEU F 24 3.85 -20.46 31.28
CA LEU F 24 4.18 -19.04 31.26
C LEU F 24 5.66 -18.82 31.02
N ALA F 25 5.97 -17.79 30.24
CA ALA F 25 7.36 -17.41 29.96
C ALA F 25 7.56 -15.90 30.02
N ILE F 26 8.54 -15.47 30.80
CA ILE F 26 8.99 -14.08 30.80
C ILE F 26 10.03 -13.95 29.70
N VAL F 27 9.81 -13.01 28.79
CA VAL F 27 10.65 -12.86 27.60
C VAL F 27 11.36 -11.51 27.51
N PRO F 28 12.58 -11.44 28.05
CA PRO F 28 13.39 -10.22 27.95
C PRO F 28 14.14 -10.12 26.61
N GLY F 29 14.60 -8.93 26.27
CA GLY F 29 15.40 -8.74 25.06
C GLY F 29 16.84 -9.13 25.26
N ASP F 30 17.43 -8.68 26.38
CA ASP F 30 18.82 -8.94 26.71
C ASP F 30 19.03 -10.36 27.24
N PRO F 31 19.89 -11.15 26.59
CA PRO F 31 20.30 -12.46 27.11
C PRO F 31 21.05 -12.40 28.44
N ASP F 32 21.62 -11.23 28.76
CA ASP F 32 22.31 -11.02 30.03
C ASP F 32 21.34 -10.66 31.16
N ARG F 33 20.06 -10.53 30.80
CA ARG F 33 19.00 -10.18 31.75
C ARG F 33 18.23 -11.43 32.22
N VAL F 34 18.45 -12.55 31.54
CA VAL F 34 17.76 -13.80 31.85
C VAL F 34 18.12 -14.31 33.24
N GLU F 35 19.42 -14.28 33.55
CA GLU F 35 19.93 -14.70 34.87
C GLU F 35 19.43 -13.80 36.00
N LYS F 36 19.23 -12.51 35.69
CA LYS F 36 18.73 -11.54 36.65
C LYS F 36 17.28 -11.82 37.05
N ILE F 37 16.45 -12.17 36.07
CA ILE F 37 15.04 -12.48 36.29
C ILE F 37 14.88 -13.83 37.00
N ALA F 38 15.69 -14.81 36.61
CA ALA F 38 15.64 -16.16 37.18
C ALA F 38 16.08 -16.21 38.65
N ALA F 39 16.94 -15.27 39.04
CA ALA F 39 17.43 -15.19 40.41
C ALA F 39 16.38 -14.69 41.40
N LEU F 40 15.36 -14.01 40.87
CA LEU F 40 14.25 -13.49 41.67
C LEU F 40 13.25 -14.59 42.07
N MET F 41 13.29 -15.70 41.34
CA MET F 41 12.41 -16.84 41.60
C MET F 41 13.17 -17.99 42.25
N ASP F 42 12.43 -18.95 42.82
CA ASP F 42 13.03 -20.08 43.53
C ASP F 42 13.61 -21.11 42.57
N LYS F 43 14.77 -21.66 42.96
CA LYS F 43 15.48 -22.72 42.22
C LYS F 43 15.67 -22.44 40.73
N PRO F 44 16.64 -21.58 40.39
CA PRO F 44 16.95 -21.29 38.99
C PRO F 44 17.96 -22.26 38.37
N VAL F 45 17.67 -22.72 37.16
CA VAL F 45 18.52 -23.68 36.45
C VAL F 45 18.73 -23.24 35.00
N LYS F 46 19.98 -23.13 34.59
CA LYS F 46 20.33 -22.82 33.20
C LYS F 46 20.09 -24.04 32.31
N LEU F 47 19.23 -23.86 31.30
CA LEU F 47 18.88 -24.95 30.40
C LEU F 47 19.77 -24.98 29.15
N ALA F 48 19.74 -23.89 28.38
CA ALA F 48 20.50 -23.80 27.14
C ALA F 48 20.81 -22.35 26.76
N SER F 49 21.96 -22.17 26.10
CA SER F 49 22.31 -20.88 25.50
C SER F 49 22.80 -21.10 24.08
N HIS F 50 21.96 -20.70 23.12
CA HIS F 50 22.29 -20.83 21.70
C HIS F 50 21.98 -19.54 20.96
N ARG F 51 22.97 -19.05 20.22
CA ARG F 51 22.89 -17.76 19.51
C ARG F 51 22.57 -16.61 20.50
N GLU F 52 21.42 -15.98 20.32
CA GLU F 52 20.97 -14.90 21.20
C GLU F 52 19.91 -15.39 22.20
N PHE F 53 19.56 -16.67 22.12
CA PHE F 53 18.55 -17.26 22.97
C PHE F 53 19.16 -17.96 24.18
N THR F 54 18.94 -17.38 25.36
CA THR F 54 19.37 -17.98 26.62
C THR F 54 18.12 -18.32 27.45
N THR F 55 18.01 -19.59 27.86
CA THR F 55 16.83 -20.06 28.57
C THR F 55 17.17 -20.53 29.99
N TRP F 56 16.40 -20.04 30.96
CA TRP F 56 16.54 -20.44 32.36
C TRP F 56 15.20 -20.94 32.90
N ARG F 57 15.24 -22.05 33.64
CA ARG F 57 14.04 -22.60 34.27
C ARG F 57 14.03 -22.29 35.77
N ALA F 58 12.95 -21.67 36.22
CA ALA F 58 12.79 -21.30 37.63
C ALA F 58 11.43 -21.74 38.15
N GLU F 59 11.20 -21.53 39.46
CA GLU F 59 9.93 -21.88 40.08
C GLU F 59 9.31 -20.69 40.80
N LEU F 60 8.02 -20.49 40.58
CA LEU F 60 7.27 -19.40 41.19
C LEU F 60 5.98 -19.93 41.82
N ASP F 61 5.92 -19.84 43.16
CA ASP F 61 4.79 -20.36 43.95
C ASP F 61 4.52 -21.85 43.71
N GLY F 62 5.60 -22.63 43.63
CA GLY F 62 5.50 -24.07 43.41
C GLY F 62 5.11 -24.45 41.99
N LYS F 63 5.36 -23.56 41.04
CA LYS F 63 5.04 -23.79 39.63
C LYS F 63 6.19 -23.36 38.72
N PRO F 64 6.58 -24.22 37.79
CA PRO F 64 7.71 -23.94 36.88
C PRO F 64 7.42 -22.78 35.91
N VAL F 65 8.36 -21.83 35.85
CA VAL F 65 8.27 -20.67 34.96
C VAL F 65 9.56 -20.56 34.14
N ILE F 66 9.41 -20.29 32.84
CA ILE F 66 10.53 -20.18 31.93
C ILE F 66 10.91 -18.72 31.66
N VAL F 67 12.20 -18.43 31.68
CA VAL F 67 12.72 -17.13 31.22
C VAL F 67 13.59 -17.37 29.99
N CYS F 68 13.19 -16.76 28.87
CA CYS F 68 13.88 -16.97 27.60
C CYS F 68 14.06 -15.66 26.83
N SER F 69 15.31 -15.33 26.52
CA SER F 69 15.63 -14.11 25.78
C SER F 69 15.21 -14.22 24.32
N THR F 70 14.67 -13.12 23.80
CA THR F 70 14.24 -13.04 22.40
C THR F 70 15.30 -12.38 21.54
N GLY F 71 16.07 -11.48 22.13
CA GLY F 71 17.00 -10.65 21.39
C GLY F 71 16.31 -9.37 20.93
N ILE F 72 17.04 -8.50 20.24
CA ILE F 72 16.47 -7.26 19.72
C ILE F 72 15.73 -7.52 18.42
N GLY F 73 14.49 -7.04 18.36
CA GLY F 73 13.72 -7.06 17.12
C GLY F 73 12.78 -8.24 16.97
N GLY F 74 11.87 -8.11 16.01
CA GLY F 74 10.85 -9.09 15.73
C GLY F 74 11.29 -10.45 15.22
N PRO F 75 12.24 -10.51 14.29
CA PRO F 75 12.71 -11.78 13.71
C PRO F 75 13.11 -12.86 14.73
N SER F 76 13.98 -12.53 15.68
CA SER F 76 14.37 -13.50 16.70
C SER F 76 13.27 -13.68 17.75
N THR F 77 12.50 -12.62 17.98
CA THR F 77 11.32 -12.69 18.85
C THR F 77 10.31 -13.69 18.28
N SER F 78 10.09 -13.63 16.97
CA SER F 78 9.20 -14.55 16.27
C SER F 78 9.67 -16.00 16.35
N ILE F 79 10.98 -16.21 16.30
CA ILE F 79 11.56 -17.55 16.47
C ILE F 79 11.36 -18.06 17.89
N ALA F 80 11.70 -17.22 18.87
CA ALA F 80 11.63 -17.60 20.28
C ALA F 80 10.20 -17.92 20.74
N VAL F 81 9.26 -17.03 20.43
CA VAL F 81 7.86 -17.18 20.82
C VAL F 81 7.21 -18.41 20.18
N GLU F 82 7.51 -18.64 18.90
CA GLU F 82 6.98 -19.78 18.15
C GLU F 82 7.48 -21.11 18.70
N GLU F 83 8.78 -21.19 18.99
CA GLU F 83 9.40 -22.43 19.46
C GLU F 83 9.04 -22.74 20.91
N LEU F 84 8.83 -21.70 21.72
CA LEU F 84 8.34 -21.88 23.09
C LEU F 84 6.87 -22.34 23.09
N ALA F 85 6.11 -21.84 22.12
CA ALA F 85 4.72 -22.26 21.93
C ALA F 85 4.63 -23.73 21.52
N GLN F 86 5.59 -24.17 20.71
CA GLN F 86 5.71 -25.57 20.30
C GLN F 86 5.95 -26.48 21.49
N LEU F 87 6.71 -25.97 22.46
CA LEU F 87 7.05 -26.72 23.66
C LEU F 87 5.95 -26.69 24.73
N GLY F 88 5.03 -25.71 24.61
CA GLY F 88 3.86 -25.68 25.47
C GLY F 88 3.58 -24.38 26.20
N ILE F 89 4.30 -23.32 25.86
CA ILE F 89 4.07 -22.00 26.48
C ILE F 89 2.84 -21.33 25.88
N ARG F 90 1.95 -20.85 26.75
CA ARG F 90 0.71 -20.21 26.32
C ARG F 90 0.62 -18.75 26.76
N THR F 91 1.48 -18.35 27.69
CA THR F 91 1.51 -16.97 28.18
C THR F 91 2.92 -16.37 28.09
N PHE F 92 3.00 -15.17 27.52
CA PHE F 92 4.28 -14.49 27.32
C PHE F 92 4.25 -13.09 27.95
N LEU F 93 5.21 -12.82 28.83
CA LEU F 93 5.35 -11.49 29.42
C LEU F 93 6.69 -10.87 29.06
N ARG F 94 6.64 -9.80 28.27
CA ARG F 94 7.86 -9.10 27.87
C ARG F 94 8.22 -8.00 28.87
N ILE F 95 9.46 -8.03 29.33
CA ILE F 95 10.05 -6.93 30.08
C ILE F 95 11.20 -6.34 29.27
N GLY F 96 11.12 -5.04 29.00
CA GLY F 96 12.11 -4.38 28.17
C GLY F 96 12.59 -3.03 28.69
N THR F 97 13.46 -2.42 27.89
CA THR F 97 13.90 -1.03 28.12
C THR F 97 13.20 -0.17 27.09
N THR F 98 13.10 1.13 27.35
CA THR F 98 12.41 2.04 26.43
C THR F 98 12.86 3.49 26.52
N GLY F 99 12.66 4.21 25.42
CA GLY F 99 12.87 5.64 25.37
C GLY F 99 11.53 6.33 25.27
N ALA F 100 11.18 7.11 26.29
CA ALA F 100 9.91 7.83 26.32
C ALA F 100 9.94 9.05 25.40
N ILE F 101 8.80 9.36 24.79
CA ILE F 101 8.70 10.51 23.90
C ILE F 101 7.70 11.57 24.38
N GLN F 102 7.07 11.32 25.52
CA GLN F 102 6.17 12.30 26.14
C GLN F 102 6.88 13.05 27.26
N PRO F 103 6.69 14.36 27.33
CA PRO F 103 7.36 15.20 28.34
C PRO F 103 7.00 14.86 29.78
N HIS F 104 5.79 14.37 30.02
CA HIS F 104 5.32 14.08 31.38
C HIS F 104 5.82 12.75 31.94
N ILE F 105 6.38 11.89 31.08
CA ILE F 105 6.96 10.62 31.51
C ILE F 105 8.44 10.82 31.84
N ASN F 106 8.82 10.46 33.06
CA ASN F 106 10.20 10.64 33.52
C ASN F 106 11.03 9.36 33.44
N VAL F 107 12.35 9.52 33.49
CA VAL F 107 13.28 8.39 33.58
C VAL F 107 13.04 7.65 34.90
N GLY F 108 12.91 6.33 34.82
CA GLY F 108 12.62 5.51 35.98
C GLY F 108 11.17 5.08 36.04
N ASP F 109 10.33 5.71 35.23
CA ASP F 109 8.91 5.36 35.15
C ASP F 109 8.71 4.01 34.47
N VAL F 110 7.57 3.39 34.77
CA VAL F 110 7.23 2.08 34.23
C VAL F 110 6.07 2.23 33.25
N LEU F 111 6.20 1.64 32.07
CA LEU F 111 5.17 1.73 31.05
C LEU F 111 4.57 0.37 30.71
N VAL F 112 3.25 0.30 30.80
CA VAL F 112 2.50 -0.90 30.41
C VAL F 112 1.82 -0.62 29.07
N THR F 113 2.09 -1.48 28.09
CA THR F 113 1.58 -1.31 26.73
C THR F 113 0.25 -2.01 26.53
N THR F 114 -0.77 -1.25 26.14
CA THR F 114 -2.07 -1.81 25.77
C THR F 114 -2.02 -2.36 24.35
N ALA F 115 -1.36 -1.60 23.47
CA ALA F 115 -1.20 -1.99 22.08
C ALA F 115 -0.07 -1.19 21.44
N SER F 116 0.43 -1.68 20.31
CA SER F 116 1.61 -1.07 19.70
C SER F 116 1.40 -0.59 18.27
N VAL F 117 2.03 0.54 17.94
CA VAL F 117 2.15 1.01 16.57
C VAL F 117 3.13 0.07 15.87
N ARG F 118 2.68 -0.52 14.77
CA ARG F 118 3.44 -1.55 14.06
C ARG F 118 4.42 -0.96 13.06
N LEU F 119 5.60 -0.59 13.54
CA LEU F 119 6.68 -0.09 12.69
C LEU F 119 7.71 -1.19 12.45
N ASP F 120 7.21 -2.42 12.39
CA ASP F 120 8.04 -3.61 12.22
C ASP F 120 7.61 -4.40 10.97
N GLY F 121 8.39 -5.41 10.62
CA GLY F 121 8.08 -6.26 9.49
C GLY F 121 7.51 -7.61 9.87
N ALA F 122 7.99 -8.16 10.99
CA ALA F 122 7.61 -9.51 11.41
C ALA F 122 6.13 -9.69 11.74
N SER F 123 5.51 -8.65 12.29
CA SER F 123 4.08 -8.70 12.63
C SER F 123 3.22 -8.99 11.39
N LEU F 124 3.63 -8.45 10.25
CA LEU F 124 2.95 -8.66 8.97
C LEU F 124 2.98 -10.12 8.50
N HIS F 125 3.92 -10.88 9.02
CA HIS F 125 4.05 -12.30 8.69
C HIS F 125 3.04 -13.16 9.45
N PHE F 126 2.28 -12.54 10.36
CA PHE F 126 1.27 -13.25 11.15
C PHE F 126 -0.13 -12.70 10.92
N ALA F 127 -0.21 -11.39 10.67
CA ALA F 127 -1.49 -10.72 10.44
C ALA F 127 -1.27 -9.45 9.60
N PRO F 128 -2.23 -9.12 8.73
CA PRO F 128 -2.14 -7.89 7.93
C PRO F 128 -2.13 -6.65 8.83
N LEU F 129 -1.63 -5.53 8.31
CA LEU F 129 -1.42 -4.31 9.11
C LEU F 129 -2.64 -3.82 9.88
N GLU F 130 -3.83 -4.02 9.31
CA GLU F 130 -5.09 -3.59 9.93
C GLU F 130 -5.39 -4.28 11.26
N PHE F 131 -4.79 -5.44 11.48
CA PHE F 131 -4.93 -6.18 12.74
C PHE F 131 -4.17 -5.46 13.85
N PRO F 132 -4.82 -5.24 14.99
CA PRO F 132 -4.19 -4.49 16.10
C PRO F 132 -3.13 -5.31 16.84
N ALA F 133 -1.96 -4.70 17.05
CA ALA F 133 -0.93 -5.30 17.89
C ALA F 133 -1.31 -5.10 19.36
N VAL F 134 -2.37 -5.78 19.78
CA VAL F 134 -2.95 -5.56 21.11
C VAL F 134 -2.50 -6.60 22.13
N ALA F 135 -2.24 -6.13 23.35
CA ALA F 135 -1.88 -7.00 24.46
C ALA F 135 -3.12 -7.69 25.02
N ASP F 136 -2.90 -8.86 25.62
CA ASP F 136 -3.96 -9.61 26.29
C ASP F 136 -4.44 -8.84 27.52
N PHE F 137 -5.76 -8.79 27.68
CA PHE F 137 -6.39 -8.00 28.75
C PHE F 137 -6.00 -8.47 30.17
N GLU F 138 -5.93 -9.79 30.36
CA GLU F 138 -5.55 -10.35 31.65
C GLU F 138 -4.09 -10.06 32.00
N CYS F 139 -3.22 -10.16 30.99
CA CYS F 139 -1.80 -9.87 31.15
C CYS F 139 -1.57 -8.38 31.46
N THR F 140 -2.27 -7.52 30.72
CA THR F 140 -2.20 -6.07 30.95
C THR F 140 -2.69 -5.70 32.35
N THR F 141 -3.81 -6.29 32.75
CA THR F 141 -4.38 -6.10 34.10
C THR F 141 -3.37 -6.50 35.18
N ALA F 142 -2.77 -7.68 35.00
CA ALA F 142 -1.80 -8.22 35.95
C ALA F 142 -0.57 -7.32 36.10
N LEU F 143 -0.11 -6.76 34.99
CA LEU F 143 1.05 -5.86 34.98
C LEU F 143 0.74 -4.52 35.67
N VAL F 144 -0.44 -3.97 35.40
CA VAL F 144 -0.90 -2.73 36.04
C VAL F 144 -1.07 -2.93 37.55
N GLU F 145 -1.65 -4.06 37.93
CA GLU F 145 -1.84 -4.40 39.34
C GLU F 145 -0.51 -4.65 40.05
N ALA F 146 0.42 -5.29 39.35
CA ALA F 146 1.75 -5.57 39.89
C ALA F 146 2.57 -4.29 40.09
N ALA F 147 2.43 -3.36 39.16
CA ALA F 147 3.08 -2.05 39.25
C ALA F 147 2.56 -1.24 40.44
N LYS F 148 1.25 -1.36 40.69
CA LYS F 148 0.62 -0.71 41.84
C LYS F 148 0.93 -1.43 43.14
N SER F 149 1.23 -2.73 43.05
CA SER F 149 1.55 -3.55 44.21
C SER F 149 2.92 -3.21 44.80
N ILE F 150 3.95 -3.18 43.96
CA ILE F 150 5.31 -2.88 44.42
C ILE F 150 5.58 -1.37 44.50
N GLY F 151 4.68 -0.57 43.92
CA GLY F 151 4.79 0.87 43.96
C GLY F 151 5.71 1.41 42.88
N ALA F 152 5.10 2.04 41.87
CA ALA F 152 5.84 2.62 40.74
C ALA F 152 5.03 3.73 40.08
N THR F 153 5.73 4.68 39.46
CA THR F 153 5.09 5.69 38.63
C THR F 153 4.81 5.05 37.27
N THR F 154 3.54 4.71 37.04
CA THR F 154 3.14 3.93 35.88
C THR F 154 2.28 4.71 34.89
N HIS F 155 2.55 4.51 33.61
CA HIS F 155 1.73 5.04 32.53
C HIS F 155 1.26 3.90 31.63
N VAL F 156 -0.03 3.93 31.29
CA VAL F 156 -0.64 2.89 30.47
C VAL F 156 -1.07 3.49 29.13
N GLY F 157 -0.68 2.85 28.03
CA GLY F 157 -1.04 3.33 26.71
C GLY F 157 -0.33 2.69 25.54
N VAL F 158 -0.24 3.45 24.45
CA VAL F 158 0.28 2.96 23.17
C VAL F 158 1.80 3.12 23.06
N THR F 159 2.44 2.11 22.48
CA THR F 159 3.88 2.10 22.26
C THR F 159 4.20 2.01 20.76
N ALA F 160 5.18 2.77 20.32
CA ALA F 160 5.68 2.65 18.94
C ALA F 160 6.79 1.60 18.90
N SER F 161 6.54 0.51 18.17
CA SER F 161 7.49 -0.59 18.09
C SER F 161 8.20 -0.63 16.74
N SER F 162 9.47 -0.27 16.76
CA SER F 162 10.24 -0.02 15.54
C SER F 162 11.25 -1.13 15.22
N ASP F 163 11.41 -1.40 13.92
CA ASP F 163 12.41 -2.36 13.43
C ASP F 163 13.83 -1.80 13.46
N THR F 164 13.98 -0.51 13.72
CA THR F 164 15.31 0.09 13.91
C THR F 164 15.39 0.91 15.20
N PHE F 165 16.62 1.06 15.71
CA PHE F 165 16.89 1.89 16.86
C PHE F 165 17.06 3.35 16.45
N TYR F 166 17.57 3.56 15.24
CA TYR F 166 17.94 4.91 14.80
C TYR F 166 16.91 5.62 13.92
N PRO F 167 16.83 5.31 12.61
CA PRO F 167 15.93 6.08 11.71
C PRO F 167 14.45 5.92 12.05
N GLY F 168 14.03 4.72 12.43
CA GLY F 168 12.64 4.44 12.78
C GLY F 168 12.19 5.11 14.08
N GLN F 169 13.17 5.55 14.87
CA GLN F 169 12.89 6.29 16.09
C GLN F 169 13.35 7.75 15.90
N GLU F 170 13.51 8.12 14.63
CA GLU F 170 13.95 9.46 14.20
C GLU F 170 15.16 10.00 14.96
N ARG F 171 16.21 9.18 15.01
CA ARG F 171 17.51 9.63 15.51
C ARG F 171 18.34 10.13 14.34
N TYR F 172 18.90 11.34 14.48
CA TYR F 172 19.72 11.95 13.43
C TYR F 172 21.20 11.91 13.77
N ASP F 173 21.52 11.53 15.01
CA ASP F 173 22.89 11.40 15.48
C ASP F 173 23.53 10.10 14.95
N THR F 174 23.63 10.02 13.63
CA THR F 174 24.03 8.78 12.95
C THR F 174 25.14 9.02 11.93
N TYR F 175 25.60 7.94 11.31
CA TYR F 175 26.60 8.00 10.25
C TYR F 175 26.16 8.85 9.07
N SER F 176 24.94 8.60 8.58
CA SER F 176 24.42 9.34 7.44
C SER F 176 23.82 10.69 7.83
N GLY F 177 23.26 10.76 9.04
CA GLY F 177 22.62 11.97 9.53
C GLY F 177 21.30 12.27 8.84
N ARG F 178 20.76 11.27 8.14
CA ARG F 178 19.50 11.42 7.42
C ARG F 178 18.47 10.39 7.87
N VAL F 179 17.20 10.75 7.73
CA VAL F 179 16.10 9.84 7.98
C VAL F 179 15.22 9.78 6.73
N VAL F 180 14.88 8.57 6.31
CA VAL F 180 14.03 8.34 5.14
C VAL F 180 12.70 9.10 5.26
N ARG F 181 12.20 9.58 4.12
CA ARG F 181 10.99 10.40 4.05
C ARG F 181 9.85 9.89 4.94
N HIS F 182 9.61 8.58 4.89
CA HIS F 182 8.52 7.95 5.63
C HIS F 182 8.58 8.21 7.14
N PHE F 183 9.79 8.29 7.69
CA PHE F 183 9.97 8.49 9.12
C PHE F 183 10.34 9.92 9.51
N LYS F 184 10.49 10.80 8.52
CA LYS F 184 10.75 12.22 8.76
C LYS F 184 9.54 12.87 9.41
N GLY F 185 9.73 13.44 10.59
CA GLY F 185 8.66 14.05 11.36
C GLY F 185 7.73 13.06 12.04
N SER F 186 8.13 11.78 12.07
CA SER F 186 7.29 10.72 12.62
C SER F 186 7.16 10.78 14.14
N MET F 187 8.24 11.13 14.82
CA MET F 187 8.22 11.21 16.30
C MET F 187 7.22 12.24 16.78
N GLU F 188 7.21 13.41 16.16
CA GLU F 188 6.25 14.48 16.47
C GLU F 188 4.82 14.02 16.25
N GLU F 189 4.62 13.23 15.20
CA GLU F 189 3.31 12.66 14.88
C GLU F 189 2.84 11.69 15.97
N TRP F 190 3.71 10.76 16.37
CA TRP F 190 3.41 9.81 17.44
C TRP F 190 3.16 10.55 18.77
N GLN F 191 3.95 11.57 19.04
CA GLN F 191 3.81 12.41 20.23
C GLN F 191 2.42 13.05 20.32
N ALA F 192 1.98 13.62 19.20
CA ALA F 192 0.65 14.24 19.11
C ALA F 192 -0.47 13.22 19.26
N MET F 193 -0.19 11.97 18.89
CA MET F 193 -1.16 10.88 18.98
C MET F 193 -1.18 10.20 20.36
N GLY F 194 -0.35 10.71 21.28
CA GLY F 194 -0.32 10.21 22.64
C GLY F 194 0.50 8.95 22.85
N VAL F 195 1.31 8.57 21.85
CA VAL F 195 2.21 7.43 21.96
C VAL F 195 3.25 7.72 23.04
N MET F 196 3.42 6.78 23.96
CA MET F 196 4.27 6.98 25.13
C MET F 196 5.77 6.88 24.83
N ASN F 197 6.14 5.91 23.99
CA ASN F 197 7.52 5.45 23.92
C ASN F 197 7.91 4.64 22.68
N TYR F 198 9.22 4.42 22.54
CA TYR F 198 9.78 3.59 21.49
C TYR F 198 10.41 2.34 22.10
N GLU F 199 10.11 1.18 21.54
CA GLU F 199 10.91 -0.03 21.75
C GLU F 199 10.91 -0.87 20.46
N MET F 200 11.41 -2.11 20.53
CA MET F 200 11.72 -2.82 19.29
C MET F 200 11.15 -4.24 19.11
N GLU F 201 10.30 -4.69 20.04
CA GLU F 201 9.81 -6.08 20.00
C GLU F 201 8.30 -6.26 20.17
N SER F 202 7.63 -5.28 20.78
CA SER F 202 6.23 -5.45 21.19
C SER F 202 5.25 -5.67 20.04
N ALA F 203 5.42 -4.95 18.93
CA ALA F 203 4.54 -5.12 17.77
C ALA F 203 4.51 -6.55 17.27
N THR F 204 5.70 -7.15 17.13
CA THR F 204 5.81 -8.54 16.71
C THR F 204 5.20 -9.48 17.74
N LEU F 205 5.62 -9.35 19.00
CA LEU F 205 5.14 -10.20 20.08
C LEU F 205 3.63 -10.15 20.21
N LEU F 206 3.07 -8.94 20.33
CA LEU F 206 1.64 -8.76 20.55
C LEU F 206 0.78 -9.23 19.38
N THR F 207 1.23 -8.94 18.15
CA THR F 207 0.51 -9.38 16.95
C THR F 207 0.50 -10.91 16.82
N MET F 208 1.67 -11.52 16.93
CA MET F 208 1.80 -12.97 16.75
C MET F 208 1.08 -13.77 17.84
N CYS F 209 0.97 -13.20 19.04
CA CYS F 209 0.25 -13.88 20.13
C CYS F 209 -1.26 -13.68 20.01
N ALA F 210 -1.69 -12.45 19.74
CA ALA F 210 -3.11 -12.13 19.64
C ALA F 210 -3.79 -12.80 18.45
N SER F 211 -3.01 -13.12 17.42
CA SER F 211 -3.54 -13.78 16.22
C SER F 211 -3.36 -15.30 16.22
N GLN F 212 -2.83 -15.83 17.32
CA GLN F 212 -2.59 -17.28 17.43
C GLN F 212 -3.11 -17.88 18.74
N GLY F 213 -3.94 -17.12 19.45
CA GLY F 213 -4.56 -17.59 20.68
C GLY F 213 -3.61 -17.69 21.86
N LEU F 214 -2.54 -16.89 21.84
CA LEU F 214 -1.58 -16.85 22.93
C LEU F 214 -1.72 -15.53 23.69
N ARG F 215 -1.55 -15.58 25.01
CA ARG F 215 -1.64 -14.39 25.85
C ARG F 215 -0.30 -13.69 25.95
N ALA F 216 -0.32 -12.37 25.74
CA ALA F 216 0.90 -11.57 25.80
C ALA F 216 0.72 -10.26 26.56
N GLY F 217 1.74 -9.91 27.34
CA GLY F 217 1.79 -8.65 28.08
C GLY F 217 3.11 -7.96 27.85
N MET F 218 3.11 -6.64 27.97
CA MET F 218 4.29 -5.84 27.67
C MET F 218 4.53 -4.76 28.73
N VAL F 219 5.71 -4.79 29.33
CA VAL F 219 6.12 -3.79 30.32
C VAL F 219 7.56 -3.34 30.05
N ALA F 220 7.84 -2.05 30.30
CA ALA F 220 9.16 -1.48 30.06
C ALA F 220 9.52 -0.39 31.04
N GLY F 221 10.82 -0.32 31.38
CA GLY F 221 11.35 0.73 32.22
C GLY F 221 11.97 1.84 31.40
N VAL F 222 11.61 3.08 31.73
CA VAL F 222 12.12 4.25 31.00
C VAL F 222 13.54 4.57 31.47
N ILE F 223 14.49 4.46 30.55
CA ILE F 223 15.89 4.81 30.86
C ILE F 223 16.33 6.07 30.15
N VAL F 224 15.55 6.51 29.16
CA VAL F 224 15.85 7.72 28.41
C VAL F 224 14.57 8.47 28.03
N ASN F 225 14.65 9.80 28.07
CA ASN F 225 13.57 10.65 27.59
C ASN F 225 14.06 11.52 26.43
N ARG F 226 13.41 11.36 25.28
CA ARG F 226 13.86 11.97 24.03
C ARG F 226 13.69 13.49 23.98
N THR F 227 12.85 14.03 24.85
CA THR F 227 12.58 15.47 24.88
C THR F 227 13.61 16.26 25.71
N GLN F 228 14.51 15.57 26.40
CA GLN F 228 15.51 16.24 27.22
C GLN F 228 16.97 15.81 26.96
N GLN F 229 17.27 14.52 27.14
CA GLN F 229 18.65 14.03 27.05
C GLN F 229 18.76 12.64 26.42
N GLU F 230 19.78 12.45 25.60
CA GLU F 230 19.96 11.21 24.83
C GLU F 230 20.81 10.15 25.56
N ILE F 231 21.80 10.59 26.33
CA ILE F 231 22.70 9.67 27.01
C ILE F 231 22.30 9.47 28.49
N PRO F 232 21.93 8.23 28.84
CA PRO F 232 21.69 7.87 30.24
C PRO F 232 22.98 7.48 30.96
N ASN F 233 22.99 7.56 32.29
CA ASN F 233 24.17 7.21 33.08
C ASN F 233 24.29 5.69 33.30
N ALA F 234 24.84 5.29 34.45
CA ALA F 234 25.01 3.87 34.78
C ALA F 234 24.10 3.42 35.92
N GLU F 235 24.03 4.25 36.96
CA GLU F 235 23.28 3.93 38.17
C GLU F 235 21.77 3.85 37.95
N THR F 236 21.21 4.88 37.33
CA THR F 236 19.77 4.96 37.07
C THR F 236 19.32 3.88 36.10
N MET F 237 20.16 3.59 35.11
CA MET F 237 19.88 2.57 34.09
C MET F 237 19.69 1.18 34.70
N LYS F 238 20.60 0.80 35.60
CA LYS F 238 20.54 -0.50 36.26
C LYS F 238 19.40 -0.58 37.27
N GLN F 239 19.14 0.52 37.97
CA GLN F 239 18.07 0.60 38.96
C GLN F 239 16.68 0.49 38.32
N THR F 240 16.53 1.07 37.14
CA THR F 240 15.27 1.01 36.39
C THR F 240 14.99 -0.42 35.89
N GLU F 241 16.06 -1.12 35.49
CA GLU F 241 15.96 -2.51 35.05
C GLU F 241 15.52 -3.43 36.19
N SER F 242 16.13 -3.26 37.36
CA SER F 242 15.77 -4.03 38.56
C SER F 242 14.34 -3.70 39.00
N HIS F 243 13.94 -2.44 38.85
CA HIS F 243 12.60 -1.97 39.16
C HIS F 243 11.55 -2.65 38.28
N ALA F 244 11.83 -2.73 36.98
CA ALA F 244 10.91 -3.34 36.01
C ALA F 244 10.81 -4.86 36.16
N VAL F 245 11.93 -5.51 36.44
CA VAL F 245 11.98 -6.97 36.64
C VAL F 245 11.06 -7.43 37.77
N LYS F 246 11.04 -6.66 38.86
CA LYS F 246 10.20 -6.97 40.02
C LYS F 246 8.70 -7.02 39.66
N ILE F 247 8.28 -6.11 38.79
CA ILE F 247 6.88 -6.03 38.36
C ILE F 247 6.47 -7.23 37.51
N VAL F 248 7.32 -7.61 36.56
CA VAL F 248 7.04 -8.72 35.64
C VAL F 248 6.95 -10.09 36.34
N VAL F 249 7.68 -10.24 37.45
CA VAL F 249 7.61 -11.45 38.26
C VAL F 249 6.32 -11.44 39.09
N GLU F 250 5.99 -10.28 39.63
CA GLU F 250 4.76 -10.07 40.41
C GLU F 250 3.51 -10.24 39.56
N ALA F 251 3.58 -9.81 38.31
CA ALA F 251 2.48 -9.96 37.36
C ALA F 251 2.30 -11.43 36.96
N ALA F 252 3.41 -12.16 36.87
CA ALA F 252 3.40 -13.58 36.54
C ALA F 252 2.73 -14.41 37.64
N ARG F 253 2.81 -13.94 38.88
CA ARG F 253 2.16 -14.57 40.02
C ARG F 253 0.64 -14.55 39.90
N ARG F 254 0.12 -13.45 39.36
CA ARG F 254 -1.33 -13.26 39.19
C ARG F 254 -1.90 -14.08 38.03
N LEU F 255 -1.06 -14.37 37.03
CA LEU F 255 -1.51 -15.00 35.80
C LEU F 255 -1.44 -16.53 35.81
N LEU F 256 -0.77 -17.09 36.80
CA LEU F 256 -0.62 -18.55 36.92
C LEU F 256 -1.89 -19.18 37.51
P PO4 G . -25.63 15.10 2.36
O1 PO4 G . -25.22 14.04 3.35
O2 PO4 G . -26.75 14.56 1.49
O3 PO4 G . -26.13 16.31 3.10
O4 PO4 G . -24.45 15.48 1.50
K K H . -24.27 6.85 8.94
OAC 181 I . -22.87 17.68 6.57
CAJ 181 I . -22.60 16.28 6.38
CAK 181 I . -21.74 16.10 5.09
OAN 181 I . -22.39 16.83 4.04
CAL 181 I . -21.45 17.18 3.00
NAT 181 I . -20.48 18.18 3.21
CAS 181 I . -19.08 17.89 3.38
OAB 181 I . -18.64 16.73 3.41
NAM 181 I . -18.17 18.97 3.59
CAR 181 I . -18.64 20.30 3.65
OAA 181 I . -17.82 21.20 3.81
CAI 181 I . -20.93 19.53 3.29
CAQ 181 I . -20.03 20.60 3.51
SAO 181 I . -20.68 22.23 3.59
CAP 181 I . -20.84 22.52 5.33
CAH 181 I . -19.99 23.42 6.05
CAF 181 I . -20.17 23.63 7.47
CAD 181 I . -21.23 22.93 8.15
CAE 181 I . -22.10 22.02 7.45
CAG 181 I . -21.90 21.81 6.03
P PO4 J . -25.00 -0.68 16.39
O1 PO4 J . -25.08 0.18 15.15
O2 PO4 J . -24.90 0.21 17.60
O3 PO4 J . -26.26 -1.52 16.48
O4 PO4 J . -23.80 -1.58 16.34
OAC 181 K . -27.13 -3.59 11.71
CAJ 181 K . -26.22 -2.49 11.55
CAK 181 K . -24.80 -2.97 11.94
OAN 181 K . -24.89 -3.51 13.26
CAL 181 K . -23.75 -4.33 13.57
NAT 181 K . -23.66 -5.63 13.04
CAS 181 K . -22.63 -6.03 12.11
OAB 181 K . -21.77 -5.25 11.68
NAM 181 K . -22.62 -7.36 11.62
CAR 181 K . -23.62 -8.29 12.05
OAA 181 K . -23.56 -9.44 11.61
CAI 181 K . -24.65 -6.58 13.44
CAQ 181 K . -24.65 -7.90 12.95
SAO 181 K . -25.92 -9.00 13.49
CAP 181 K . -27.15 -8.90 12.24
CAH 181 K . -27.36 -9.95 11.28
CAF 181 K . -28.40 -9.83 10.27
CAD 181 K . -29.22 -8.65 10.26
CAE 181 K . -29.03 -7.59 11.21
CAG 181 K . -27.98 -7.72 12.21
P PO4 L . -3.47 1.70 -29.92
O1 PO4 L . -2.02 1.67 -29.48
O2 PO4 L . -3.80 3.11 -30.36
O3 PO4 L . -3.67 0.74 -31.07
O4 PO4 L . -4.35 1.30 -28.76
K K M . 6.40 3.38 -26.20
OAC 181 N . -1.16 -3.79 -29.61
CAJ 181 N . -0.79 -2.73 -28.73
CAK 181 N . -1.88 -2.59 -27.64
OAN 181 N . -3.11 -2.23 -28.31
CAL 181 N . -4.25 -2.41 -27.44
NAT 181 N . -4.70 -3.70 -27.13
CAS 181 N . -4.60 -4.28 -25.81
OAB 181 N . -4.05 -3.68 -24.87
NAM 181 N . -5.09 -5.59 -25.58
CAR 181 N . -5.67 -6.32 -26.64
OAA 181 N . -6.07 -7.47 -26.40
CAI 181 N . -5.29 -4.47 -28.18
CAQ 181 N . -5.77 -5.77 -27.95
SAO 181 N . -6.48 -6.65 -29.31
CAP 181 N . -5.14 -7.62 -29.92
CAH 181 N . -5.12 -9.05 -29.85
CAF 181 N . -4.03 -9.82 -30.40
CAD 181 N . -2.94 -9.11 -31.04
CAE 181 N . -2.92 -7.67 -31.11
CAG 181 N . -4.02 -6.92 -30.55
P PO4 O . 16.65 5.44 -24.63
O1 PO4 O . 15.15 5.45 -24.83
O2 PO4 O . 17.23 4.14 -25.15
O3 PO4 O . 17.27 6.59 -25.39
O4 PO4 O . 16.98 5.58 -23.15
OAC 181 P . 14.26 10.79 -23.82
CAJ 181 P . 13.55 9.58 -23.55
CAK 181 P . 14.10 8.95 -22.25
OAN 181 P . 15.53 8.83 -22.37
CAL 181 P . 16.15 8.70 -21.09
NAT 181 P . 16.33 9.85 -20.29
CAS 181 P . 15.61 10.07 -19.07
OAB 181 P . 14.75 9.29 -18.65
NAM 181 P . 15.85 11.27 -18.34
CAR 181 P . 16.80 12.22 -18.81
OAA 181 P . 16.94 13.26 -18.17
CAI 181 P . 17.27 10.82 -20.74
CAQ 181 P . 17.51 12.01 -20.02
SAO 181 P . 18.68 13.15 -20.69
CAP 181 P . 17.65 14.30 -21.56
CAH 181 P . 17.44 15.65 -21.10
CAF 181 P . 16.67 16.58 -21.90
CAD 181 P . 16.11 16.13 -23.15
CAE 181 P . 16.30 14.79 -23.62
CAG 181 P . 17.07 13.87 -22.81
P PO4 Q . 23.00 -16.79 9.86
O1 PO4 Q . 22.19 -16.10 10.93
O2 PO4 Q . 24.35 -16.12 9.72
O3 PO4 Q . 23.21 -18.24 10.24
O4 PO4 Q . 22.27 -16.72 8.54
K K R . 18.12 -10.33 17.02
OAC 181 S . 18.57 -19.99 11.68
CAJ 181 S . 18.48 -18.57 11.70
CAK 181 S . 18.39 -18.05 10.24
OAN 181 S . 19.39 -18.73 9.46
CAL 181 S . 19.05 -18.71 8.06
NAT 181 S . 18.15 -19.66 7.53
CAS 181 S . 16.81 -19.31 7.11
OAB 181 S . 16.36 -18.16 7.21
NAM 181 S . 15.96 -20.32 6.60
CAR 181 S . 16.44 -21.66 6.49
OAA 181 S . 15.67 -22.51 6.04
CAI 181 S . 18.59 -21.00 7.41
CAQ 181 S . 17.75 -22.02 6.90
SAO 181 S . 18.37 -23.66 6.85
CAP 181 S . 17.72 -24.40 8.33
CAH 181 S . 16.70 -25.41 8.31
CAF 181 S . 16.22 -25.99 9.55
CAD 181 S . 16.76 -25.52 10.80
CAE 181 S . 17.78 -24.51 10.84
CAG 181 S . 18.27 -23.94 9.59
P PO4 T . 14.86 -4.69 25.57
O1 PO4 T . 15.43 -5.24 24.29
O2 PO4 T . 14.27 -5.83 26.37
O3 PO4 T . 15.96 -4.05 26.38
O4 PO4 T . 13.79 -3.67 25.28
OAC 181 U . 18.65 -0.81 23.30
CAJ 181 U . 17.97 -1.84 22.58
CAK 181 U . 16.53 -1.34 22.29
OAN 181 U . 15.85 -1.21 23.55
CAL 181 U . 14.68 -0.38 23.44
NAT 181 U . 14.83 1.01 23.28
CAS 181 U . 14.40 1.71 22.09
OAB 181 U . 13.89 1.12 21.12
NAM 181 U . 14.58 3.10 22.01
CAR 181 U . 15.19 3.81 23.07
OAA 181 U . 15.33 5.04 22.96
CAI 181 U . 15.44 1.75 24.34
CAQ 181 U . 15.63 3.14 24.25
SAO 181 U . 16.41 3.96 25.61
CAP 181 U . 18.10 4.00 25.13
CAH 181 U . 18.79 5.23 24.83
CAF 181 U . 20.19 5.22 24.47
CAD 181 U . 20.89 3.96 24.39
CAE 181 U . 20.22 2.71 24.68
CAG 181 U . 18.82 2.75 25.04
#